data_9BJW
# 
_entry.id   9BJW 
# 
_audit_conform.dict_name       mmcif_pdbx.dic 
_audit_conform.dict_version    5.396 
_audit_conform.dict_location   http://mmcif.pdb.org/dictionaries/ascii/mmcif_pdbx.dic 
# 
loop_
_database_2.database_id 
_database_2.database_code 
_database_2.pdbx_database_accession 
_database_2.pdbx_DOI 
PDB   9BJW         pdb_00009bjw 10.2210/pdb9bjw/pdb 
WWPDB D_1000283501 ?            ?                   
# 
_pdbx_audit_revision_history.ordinal             1 
_pdbx_audit_revision_history.data_content_type   'Structure model' 
_pdbx_audit_revision_history.major_revision      1 
_pdbx_audit_revision_history.minor_revision      0 
_pdbx_audit_revision_history.revision_date       2024-09-04 
# 
_pdbx_audit_revision_details.ordinal             1 
_pdbx_audit_revision_details.revision_ordinal    1 
_pdbx_audit_revision_details.data_content_type   'Structure model' 
_pdbx_audit_revision_details.provider            repository 
_pdbx_audit_revision_details.type                'Initial release' 
_pdbx_audit_revision_details.description         ? 
_pdbx_audit_revision_details.details             ? 
# 
_pdbx_database_status.status_code                     REL 
_pdbx_database_status.status_code_sf                  REL 
_pdbx_database_status.status_code_mr                  ? 
_pdbx_database_status.entry_id                        9BJW 
_pdbx_database_status.recvd_initial_deposition_date   2024-04-25 
_pdbx_database_status.SG_entry                        N 
_pdbx_database_status.deposit_site                    RCSB 
_pdbx_database_status.process_site                    RCSB 
_pdbx_database_status.status_code_cs                  ? 
_pdbx_database_status.status_code_nmr_data            ? 
_pdbx_database_status.methods_development_category    ? 
_pdbx_database_status.pdb_format_compatible           Y 
# 
loop_
_pdbx_database_related.db_name 
_pdbx_database_related.details 
_pdbx_database_related.db_id 
_pdbx_database_related.content_type 
PDB 'Crystal structure of hypothetical protein PA5083 from Pseudomonas aeruginosa Sulfur SAD phased' 9BJV unspecified 
PDB 'Crystal structure of RidA family protein PA5083 from Pseudomonas aeruginosa with TMAO bound'    9BJY unspecified 
# 
_pdbx_contact_author.id                 4 
_pdbx_contact_author.email              bcw@uga.edu 
_pdbx_contact_author.name_first         Bi-Cheng 
_pdbx_contact_author.name_last          Wang 
_pdbx_contact_author.name_mi            ? 
_pdbx_contact_author.role               'principal investigator/group leader' 
_pdbx_contact_author.identifier_ORCID   0000-0002-1575-4476 
# 
loop_
_audit_author.name 
_audit_author.pdbx_ordinal 
_audit_author.identifier_ORCID 
'Zhou, D.'   1 0000-0002-1949-1896 
'Chen, L.'   2 0000-0002-5163-4308 
'Rose, J.P.' 3 0000-0002-7341-2108 
'Wang, B.C.' 4 0000-0002-1575-4476 
# 
_citation.abstract                  ? 
_citation.abstract_id_CAS           ? 
_citation.book_id_ISBN              ? 
_citation.book_publisher            ? 
_citation.book_publisher_city       ? 
_citation.book_title                ? 
_citation.coordinate_linkage        ? 
_citation.country                   ? 
_citation.database_id_Medline       ? 
_citation.details                   ? 
_citation.id                        primary 
_citation.journal_abbrev            'To Be Published' 
_citation.journal_id_ASTM           ? 
_citation.journal_id_CSD            0353 
_citation.journal_id_ISSN           ? 
_citation.journal_full              ? 
_citation.journal_issue             ? 
_citation.journal_volume            ? 
_citation.language                  ? 
_citation.page_first                ? 
_citation.page_last                 ? 
_citation.title                     'Structure of the Rid protein PA5083 from Pseudomonas aeruginosa (Apo form)' 
_citation.year                      ? 
_citation.database_id_CSD           ? 
_citation.pdbx_database_id_DOI      ? 
_citation.pdbx_database_id_PubMed   ? 
_citation.pdbx_database_id_patent   ? 
_citation.unpublished_flag          ? 
# 
loop_
_citation_author.citation_id 
_citation_author.name 
_citation_author.ordinal 
_citation_author.identifier_ORCID 
primary 'Zhou, D.'   1 0000-0002-1949-1896 
primary 'Chen, L.'   2 0000-0002-5163-4308 
primary 'Rose, J.P.' 3 0000-0002-7341-2108 
primary 'Wang, B.C.' 4 0000-0002-1575-4476 
# 
loop_
_entity.id 
_entity.type 
_entity.src_method 
_entity.pdbx_description 
_entity.formula_weight 
_entity.pdbx_number_of_molecules 
_entity.pdbx_ec 
_entity.pdbx_mutation 
_entity.pdbx_fragment 
_entity.details 
1 polymer man 'RidA family protein PA5083' 12571.302 1   3.5.4.- ? ? ? 
2 water   nat water                        18.015    112 ?       ? ? ? 
# 
_entity_name_com.entity_id   1 
_entity_name_com.name        'Translation initiation inhibitor' 
# 
_entity_poly.entity_id                      1 
_entity_poly.type                           'polypeptide(L)' 
_entity_poly.nstd_linkage                   no 
_entity_poly.nstd_monomer                   no 
_entity_poly.pdbx_seq_one_letter_code       
;MEPTRIATNDRLSAAVCFDALVFLSGQVPGQAEDIHGQTREVLAKIDALLAEAGSRKERILSATIYLKDIARDFAALNEV
WTQWLPTGQAPSRTTVQAELARPSVLVEITVVAARG
;
_entity_poly.pdbx_seq_one_letter_code_can   
;MEPTRIATNDRLSAAVCFDALVFLSGQVPGQAEDIHGQTREVLAKIDALLAEAGSRKERILSATIYLKDIARDFAALNEV
WTQWLPTGQAPSRTTVQAELARPSVLVEITVVAARG
;
_entity_poly.pdbx_strand_id                 A 
_entity_poly.pdbx_target_identifier         ? 
# 
_pdbx_entity_nonpoly.entity_id   2 
_pdbx_entity_nonpoly.name        water 
_pdbx_entity_nonpoly.comp_id     HOH 
# 
loop_
_entity_poly_seq.entity_id 
_entity_poly_seq.num 
_entity_poly_seq.mon_id 
_entity_poly_seq.hetero 
1 1   MET n 
1 2   GLU n 
1 3   PRO n 
1 4   THR n 
1 5   ARG n 
1 6   ILE n 
1 7   ALA n 
1 8   THR n 
1 9   ASN n 
1 10  ASP n 
1 11  ARG n 
1 12  LEU n 
1 13  SER n 
1 14  ALA n 
1 15  ALA n 
1 16  VAL n 
1 17  CYS n 
1 18  PHE n 
1 19  ASP n 
1 20  ALA n 
1 21  LEU n 
1 22  VAL n 
1 23  PHE n 
1 24  LEU n 
1 25  SER n 
1 26  GLY n 
1 27  GLN n 
1 28  VAL n 
1 29  PRO n 
1 30  GLY n 
1 31  GLN n 
1 32  ALA n 
1 33  GLU n 
1 34  ASP n 
1 35  ILE n 
1 36  HIS n 
1 37  GLY n 
1 38  GLN n 
1 39  THR n 
1 40  ARG n 
1 41  GLU n 
1 42  VAL n 
1 43  LEU n 
1 44  ALA n 
1 45  LYS n 
1 46  ILE n 
1 47  ASP n 
1 48  ALA n 
1 49  LEU n 
1 50  LEU n 
1 51  ALA n 
1 52  GLU n 
1 53  ALA n 
1 54  GLY n 
1 55  SER n 
1 56  ARG n 
1 57  LYS n 
1 58  GLU n 
1 59  ARG n 
1 60  ILE n 
1 61  LEU n 
1 62  SER n 
1 63  ALA n 
1 64  THR n 
1 65  ILE n 
1 66  TYR n 
1 67  LEU n 
1 68  LYS n 
1 69  ASP n 
1 70  ILE n 
1 71  ALA n 
1 72  ARG n 
1 73  ASP n 
1 74  PHE n 
1 75  ALA n 
1 76  ALA n 
1 77  LEU n 
1 78  ASN n 
1 79  GLU n 
1 80  VAL n 
1 81  TRP n 
1 82  THR n 
1 83  GLN n 
1 84  TRP n 
1 85  LEU n 
1 86  PRO n 
1 87  THR n 
1 88  GLY n 
1 89  GLN n 
1 90  ALA n 
1 91  PRO n 
1 92  SER n 
1 93  ARG n 
1 94  THR n 
1 95  THR n 
1 96  VAL n 
1 97  GLN n 
1 98  ALA n 
1 99  GLU n 
1 100 LEU n 
1 101 ALA n 
1 102 ARG n 
1 103 PRO n 
1 104 SER n 
1 105 VAL n 
1 106 LEU n 
1 107 VAL n 
1 108 GLU n 
1 109 ILE n 
1 110 THR n 
1 111 VAL n 
1 112 VAL n 
1 113 ALA n 
1 114 ALA n 
1 115 ARG n 
1 116 GLY n 
# 
_entity_src_gen.entity_id                          1 
_entity_src_gen.pdbx_src_id                        1 
_entity_src_gen.pdbx_alt_source_flag               sample 
_entity_src_gen.pdbx_seq_type                      'Biological sequence' 
_entity_src_gen.pdbx_beg_seq_num                   1 
_entity_src_gen.pdbx_end_seq_num                   116 
_entity_src_gen.gene_src_common_name               ? 
_entity_src_gen.gene_src_genus                     ? 
_entity_src_gen.pdbx_gene_src_gene                 
'yabJ_3, CAZ10_01035, GNQ48_03865, GUL26_07970, IPC1295_08400, IPC737_05390, NCTC13621_05579, PA52Ts2_0667' 
_entity_src_gen.gene_src_species                   ? 
_entity_src_gen.gene_src_strain                    ? 
_entity_src_gen.gene_src_tissue                    ? 
_entity_src_gen.gene_src_tissue_fraction           ? 
_entity_src_gen.gene_src_details                   ? 
_entity_src_gen.pdbx_gene_src_fragment             ? 
_entity_src_gen.pdbx_gene_src_scientific_name      'Pseudomonas aeruginosa' 
_entity_src_gen.pdbx_gene_src_ncbi_taxonomy_id     287 
_entity_src_gen.pdbx_gene_src_variant              ? 
_entity_src_gen.pdbx_gene_src_cell_line            ? 
_entity_src_gen.pdbx_gene_src_atcc                 15692 
_entity_src_gen.pdbx_gene_src_organ                ? 
_entity_src_gen.pdbx_gene_src_organelle            ? 
_entity_src_gen.pdbx_gene_src_cell                 ? 
_entity_src_gen.pdbx_gene_src_cellular_location    ? 
_entity_src_gen.host_org_common_name               ? 
_entity_src_gen.pdbx_host_org_scientific_name      'Escherichia coli BL21' 
_entity_src_gen.pdbx_host_org_ncbi_taxonomy_id     511693 
_entity_src_gen.host_org_genus                     ? 
_entity_src_gen.pdbx_host_org_gene                 ? 
_entity_src_gen.pdbx_host_org_organ                ? 
_entity_src_gen.host_org_species                   ? 
_entity_src_gen.pdbx_host_org_tissue               ? 
_entity_src_gen.pdbx_host_org_tissue_fraction      ? 
_entity_src_gen.pdbx_host_org_strain               ? 
_entity_src_gen.pdbx_host_org_variant              ? 
_entity_src_gen.pdbx_host_org_cell_line            ? 
_entity_src_gen.pdbx_host_org_atcc                 ? 
_entity_src_gen.pdbx_host_org_culture_collection   ? 
_entity_src_gen.pdbx_host_org_cell                 ? 
_entity_src_gen.pdbx_host_org_organelle            ? 
_entity_src_gen.pdbx_host_org_cellular_location    ? 
_entity_src_gen.pdbx_host_org_vector_type          ? 
_entity_src_gen.pdbx_host_org_vector               ? 
_entity_src_gen.host_org_details                   ? 
_entity_src_gen.expression_system_id               ? 
_entity_src_gen.plasmid_name                       pET28 
_entity_src_gen.plasmid_details                    ? 
_entity_src_gen.pdbx_description                   ? 
# 
loop_
_chem_comp.id 
_chem_comp.type 
_chem_comp.mon_nstd_flag 
_chem_comp.name 
_chem_comp.pdbx_synonyms 
_chem_comp.formula 
_chem_comp.formula_weight 
ALA 'L-peptide linking' y ALANINE         ? 'C3 H7 N O2'     89.093  
ARG 'L-peptide linking' y ARGININE        ? 'C6 H15 N4 O2 1' 175.209 
ASN 'L-peptide linking' y ASPARAGINE      ? 'C4 H8 N2 O3'    132.118 
ASP 'L-peptide linking' y 'ASPARTIC ACID' ? 'C4 H7 N O4'     133.103 
CYS 'L-peptide linking' y CYSTEINE        ? 'C3 H7 N O2 S'   121.158 
GLN 'L-peptide linking' y GLUTAMINE       ? 'C5 H10 N2 O3'   146.144 
GLU 'L-peptide linking' y 'GLUTAMIC ACID' ? 'C5 H9 N O4'     147.129 
GLY 'peptide linking'   y GLYCINE         ? 'C2 H5 N O2'     75.067  
HIS 'L-peptide linking' y HISTIDINE       ? 'C6 H10 N3 O2 1' 156.162 
HOH non-polymer         . WATER           ? 'H2 O'           18.015  
ILE 'L-peptide linking' y ISOLEUCINE      ? 'C6 H13 N O2'    131.173 
LEU 'L-peptide linking' y LEUCINE         ? 'C6 H13 N O2'    131.173 
LYS 'L-peptide linking' y LYSINE          ? 'C6 H15 N2 O2 1' 147.195 
MET 'L-peptide linking' y METHIONINE      ? 'C5 H11 N O2 S'  149.211 
PHE 'L-peptide linking' y PHENYLALANINE   ? 'C9 H11 N O2'    165.189 
PRO 'L-peptide linking' y PROLINE         ? 'C5 H9 N O2'     115.130 
SER 'L-peptide linking' y SERINE          ? 'C3 H7 N O3'     105.093 
THR 'L-peptide linking' y THREONINE       ? 'C4 H9 N O3'     119.119 
TRP 'L-peptide linking' y TRYPTOPHAN      ? 'C11 H12 N2 O2'  204.225 
TYR 'L-peptide linking' y TYROSINE        ? 'C9 H11 N O3'    181.189 
VAL 'L-peptide linking' y VALINE          ? 'C5 H11 N O2'    117.146 
# 
loop_
_pdbx_poly_seq_scheme.asym_id 
_pdbx_poly_seq_scheme.entity_id 
_pdbx_poly_seq_scheme.seq_id 
_pdbx_poly_seq_scheme.mon_id 
_pdbx_poly_seq_scheme.ndb_seq_num 
_pdbx_poly_seq_scheme.pdb_seq_num 
_pdbx_poly_seq_scheme.auth_seq_num 
_pdbx_poly_seq_scheme.pdb_mon_id 
_pdbx_poly_seq_scheme.auth_mon_id 
_pdbx_poly_seq_scheme.pdb_strand_id 
_pdbx_poly_seq_scheme.pdb_ins_code 
_pdbx_poly_seq_scheme.hetero 
A 1 1   MET 1   1   1   MET MET A . n 
A 1 2   GLU 2   2   2   GLU GLU A . n 
A 1 3   PRO 3   3   3   PRO PRO A . n 
A 1 4   THR 4   4   4   THR THR A . n 
A 1 5   ARG 5   5   5   ARG ARG A . n 
A 1 6   ILE 6   6   6   ILE ILE A . n 
A 1 7   ALA 7   7   7   ALA ALA A . n 
A 1 8   THR 8   8   8   THR THR A . n 
A 1 9   ASN 9   9   9   ASN ASN A . n 
A 1 10  ASP 10  10  10  ASP ASP A . n 
A 1 11  ARG 11  11  11  ARG ARG A . n 
A 1 12  LEU 12  12  12  LEU LEU A . n 
A 1 13  SER 13  13  13  SER SER A . n 
A 1 14  ALA 14  14  14  ALA ALA A . n 
A 1 15  ALA 15  15  15  ALA ALA A . n 
A 1 16  VAL 16  16  16  VAL VAL A . n 
A 1 17  CYS 17  17  17  CYS CYS A . n 
A 1 18  PHE 18  18  18  PHE PHE A . n 
A 1 19  ASP 19  19  19  ASP ASP A . n 
A 1 20  ALA 20  20  20  ALA ALA A . n 
A 1 21  LEU 21  21  21  LEU LEU A . n 
A 1 22  VAL 22  22  22  VAL VAL A . n 
A 1 23  PHE 23  23  23  PHE PHE A . n 
A 1 24  LEU 24  24  24  LEU LEU A . n 
A 1 25  SER 25  25  25  SER SER A . n 
A 1 26  GLY 26  26  26  GLY GLY A . n 
A 1 27  GLN 27  27  27  GLN GLN A . n 
A 1 28  VAL 28  28  28  VAL VAL A . n 
A 1 29  PRO 29  29  29  PRO PRO A . n 
A 1 30  GLY 30  30  30  GLY GLY A . n 
A 1 31  GLN 31  31  31  GLN GLN A . n 
A 1 32  ALA 32  32  32  ALA ALA A . n 
A 1 33  GLU 33  33  33  GLU GLU A . n 
A 1 34  ASP 34  34  34  ASP ASP A . n 
A 1 35  ILE 35  35  35  ILE ILE A . n 
A 1 36  HIS 36  36  36  HIS HIS A . n 
A 1 37  GLY 37  37  37  GLY GLY A . n 
A 1 38  GLN 38  38  38  GLN GLN A . n 
A 1 39  THR 39  39  39  THR THR A . n 
A 1 40  ARG 40  40  40  ARG ARG A . n 
A 1 41  GLU 41  41  41  GLU GLU A . n 
A 1 42  VAL 42  42  42  VAL VAL A . n 
A 1 43  LEU 43  43  43  LEU LEU A . n 
A 1 44  ALA 44  44  44  ALA ALA A . n 
A 1 45  LYS 45  45  45  LYS LYS A . n 
A 1 46  ILE 46  46  46  ILE ILE A . n 
A 1 47  ASP 47  47  47  ASP ASP A . n 
A 1 48  ALA 48  48  48  ALA ALA A . n 
A 1 49  LEU 49  49  49  LEU LEU A . n 
A 1 50  LEU 50  50  50  LEU LEU A . n 
A 1 51  ALA 51  51  51  ALA ALA A . n 
A 1 52  GLU 52  52  52  GLU GLU A . n 
A 1 53  ALA 53  53  53  ALA ALA A . n 
A 1 54  GLY 54  54  54  GLY GLY A . n 
A 1 55  SER 55  55  55  SER SER A . n 
A 1 56  ARG 56  56  56  ARG ARG A . n 
A 1 57  LYS 57  57  57  LYS LYS A . n 
A 1 58  GLU 58  58  58  GLU GLU A . n 
A 1 59  ARG 59  59  59  ARG ARG A . n 
A 1 60  ILE 60  60  60  ILE ILE A . n 
A 1 61  LEU 61  61  61  LEU LEU A . n 
A 1 62  SER 62  62  62  SER SER A . n 
A 1 63  ALA 63  63  63  ALA ALA A . n 
A 1 64  THR 64  64  64  THR THR A . n 
A 1 65  ILE 65  65  65  ILE ILE A . n 
A 1 66  TYR 66  66  66  TYR TYR A . n 
A 1 67  LEU 67  67  67  LEU LEU A . n 
A 1 68  LYS 68  68  68  LYS LYS A . n 
A 1 69  ASP 69  69  69  ASP ASP A . n 
A 1 70  ILE 70  70  70  ILE ILE A . n 
A 1 71  ALA 71  71  71  ALA ALA A . n 
A 1 72  ARG 72  72  72  ARG ARG A . n 
A 1 73  ASP 73  73  73  ASP ASP A . n 
A 1 74  PHE 74  74  74  PHE PHE A . n 
A 1 75  ALA 75  75  75  ALA ALA A . n 
A 1 76  ALA 76  76  76  ALA ALA A . n 
A 1 77  LEU 77  77  77  LEU LEU A . n 
A 1 78  ASN 78  78  78  ASN ASN A . n 
A 1 79  GLU 79  79  79  GLU GLU A . n 
A 1 80  VAL 80  80  80  VAL VAL A . n 
A 1 81  TRP 81  81  81  TRP TRP A . n 
A 1 82  THR 82  82  82  THR THR A . n 
A 1 83  GLN 83  83  83  GLN GLN A . n 
A 1 84  TRP 84  84  84  TRP TRP A . n 
A 1 85  LEU 85  85  85  LEU LEU A . n 
A 1 86  PRO 86  86  86  PRO PRO A . n 
A 1 87  THR 87  87  87  THR THR A . n 
A 1 88  GLY 88  88  88  GLY GLY A . n 
A 1 89  GLN 89  89  89  GLN GLN A . n 
A 1 90  ALA 90  90  90  ALA ALA A . n 
A 1 91  PRO 91  91  91  PRO PRO A . n 
A 1 92  SER 92  92  92  SER SER A . n 
A 1 93  ARG 93  93  93  ARG ARG A . n 
A 1 94  THR 94  94  94  THR THR A . n 
A 1 95  THR 95  95  95  THR THR A . n 
A 1 96  VAL 96  96  96  VAL VAL A . n 
A 1 97  GLN 97  97  97  GLN GLN A . n 
A 1 98  ALA 98  98  98  ALA ALA A . n 
A 1 99  GLU 99  99  99  GLU GLU A . n 
A 1 100 LEU 100 100 100 LEU LEU A . n 
A 1 101 ALA 101 101 101 ALA ALA A . n 
A 1 102 ARG 102 102 102 ARG ARG A . n 
A 1 103 PRO 103 103 103 PRO PRO A . n 
A 1 104 SER 104 104 104 SER SER A . n 
A 1 105 VAL 105 105 105 VAL VAL A . n 
A 1 106 LEU 106 106 106 LEU LEU A . n 
A 1 107 VAL 107 107 107 VAL VAL A . n 
A 1 108 GLU 108 108 108 GLU GLU A . n 
A 1 109 ILE 109 109 109 ILE ILE A . n 
A 1 110 THR 110 110 110 THR THR A . n 
A 1 111 VAL 111 111 111 VAL VAL A . n 
A 1 112 VAL 112 112 112 VAL VAL A . n 
A 1 113 ALA 113 113 113 ALA ALA A . n 
A 1 114 ALA 114 114 114 ALA ALA A . n 
A 1 115 ARG 115 115 115 ARG ARG A . n 
A 1 116 GLY 116 116 116 GLY GLY A . n 
# 
loop_
_pdbx_nonpoly_scheme.asym_id 
_pdbx_nonpoly_scheme.entity_id 
_pdbx_nonpoly_scheme.mon_id 
_pdbx_nonpoly_scheme.ndb_seq_num 
_pdbx_nonpoly_scheme.pdb_seq_num 
_pdbx_nonpoly_scheme.auth_seq_num 
_pdbx_nonpoly_scheme.pdb_mon_id 
_pdbx_nonpoly_scheme.auth_mon_id 
_pdbx_nonpoly_scheme.pdb_strand_id 
_pdbx_nonpoly_scheme.pdb_ins_code 
B 2 HOH 1   201 118 HOH HOH A . 
B 2 HOH 2   202 73  HOH HOH A . 
B 2 HOH 3   203 83  HOH HOH A . 
B 2 HOH 4   204 345 HOH HOH A . 
B 2 HOH 5   205 201 HOH HOH A . 
B 2 HOH 6   206 206 HOH HOH A . 
B 2 HOH 7   207 13  HOH HOH A . 
B 2 HOH 8   208 23  HOH HOH A . 
B 2 HOH 9   209 61  HOH HOH A . 
B 2 HOH 10  210 15  HOH HOH A . 
B 2 HOH 11  211 21  HOH HOH A . 
B 2 HOH 12  212 12  HOH HOH A . 
B 2 HOH 13  213 7   HOH HOH A . 
B 2 HOH 14  214 191 HOH HOH A . 
B 2 HOH 15  215 34  HOH HOH A . 
B 2 HOH 16  216 25  HOH HOH A . 
B 2 HOH 17  217 29  HOH HOH A . 
B 2 HOH 18  218 277 HOH HOH A . 
B 2 HOH 19  219 1   HOH HOH A . 
B 2 HOH 20  220 5   HOH HOH A . 
B 2 HOH 21  221 36  HOH HOH A . 
B 2 HOH 22  222 10  HOH HOH A . 
B 2 HOH 23  223 117 HOH HOH A . 
B 2 HOH 24  224 35  HOH HOH A . 
B 2 HOH 25  225 42  HOH HOH A . 
B 2 HOH 26  226 39  HOH HOH A . 
B 2 HOH 27  227 4   HOH HOH A . 
B 2 HOH 28  228 26  HOH HOH A . 
B 2 HOH 29  229 40  HOH HOH A . 
B 2 HOH 30  230 46  HOH HOH A . 
B 2 HOH 31  231 84  HOH HOH A . 
B 2 HOH 32  232 52  HOH HOH A . 
B 2 HOH 33  233 199 HOH HOH A . 
B 2 HOH 34  234 273 HOH HOH A . 
B 2 HOH 35  235 54  HOH HOH A . 
B 2 HOH 36  236 18  HOH HOH A . 
B 2 HOH 37  237 6   HOH HOH A . 
B 2 HOH 38  238 44  HOH HOH A . 
B 2 HOH 39  239 68  HOH HOH A . 
B 2 HOH 40  240 24  HOH HOH A . 
B 2 HOH 41  241 14  HOH HOH A . 
B 2 HOH 42  242 48  HOH HOH A . 
B 2 HOH 43  243 318 HOH HOH A . 
B 2 HOH 44  244 30  HOH HOH A . 
B 2 HOH 45  245 33  HOH HOH A . 
B 2 HOH 46  246 3   HOH HOH A . 
B 2 HOH 47  247 41  HOH HOH A . 
B 2 HOH 48  248 11  HOH HOH A . 
B 2 HOH 49  249 16  HOH HOH A . 
B 2 HOH 50  250 2   HOH HOH A . 
B 2 HOH 51  251 20  HOH HOH A . 
B 2 HOH 52  252 50  HOH HOH A . 
B 2 HOH 53  253 146 HOH HOH A . 
B 2 HOH 54  254 58  HOH HOH A . 
B 2 HOH 55  255 65  HOH HOH A . 
B 2 HOH 56  256 31  HOH HOH A . 
B 2 HOH 57  257 8   HOH HOH A . 
B 2 HOH 58  258 292 HOH HOH A . 
B 2 HOH 59  259 53  HOH HOH A . 
B 2 HOH 60  260 66  HOH HOH A . 
B 2 HOH 61  261 56  HOH HOH A . 
B 2 HOH 62  262 22  HOH HOH A . 
B 2 HOH 63  263 37  HOH HOH A . 
B 2 HOH 64  264 81  HOH HOH A . 
B 2 HOH 65  265 43  HOH HOH A . 
B 2 HOH 66  266 64  HOH HOH A . 
B 2 HOH 67  267 96  HOH HOH A . 
B 2 HOH 68  268 145 HOH HOH A . 
B 2 HOH 69  269 110 HOH HOH A . 
B 2 HOH 70  270 17  HOH HOH A . 
B 2 HOH 71  271 184 HOH HOH A . 
B 2 HOH 72  272 120 HOH HOH A . 
B 2 HOH 73  273 177 HOH HOH A . 
B 2 HOH 74  274 112 HOH HOH A . 
B 2 HOH 75  275 79  HOH HOH A . 
B 2 HOH 76  276 121 HOH HOH A . 
B 2 HOH 77  277 82  HOH HOH A . 
B 2 HOH 78  278 125 HOH HOH A . 
B 2 HOH 79  279 70  HOH HOH A . 
B 2 HOH 80  280 317 HOH HOH A . 
B 2 HOH 81  281 90  HOH HOH A . 
B 2 HOH 82  282 103 HOH HOH A . 
B 2 HOH 83  283 47  HOH HOH A . 
B 2 HOH 84  284 49  HOH HOH A . 
B 2 HOH 85  285 59  HOH HOH A . 
B 2 HOH 86  286 189 HOH HOH A . 
B 2 HOH 87  287 57  HOH HOH A . 
B 2 HOH 88  288 161 HOH HOH A . 
B 2 HOH 89  289 226 HOH HOH A . 
B 2 HOH 90  290 144 HOH HOH A . 
B 2 HOH 91  291 223 HOH HOH A . 
B 2 HOH 92  292 252 HOH HOH A . 
B 2 HOH 93  293 332 HOH HOH A . 
B 2 HOH 94  294 9   HOH HOH A . 
B 2 HOH 95  295 269 HOH HOH A . 
B 2 HOH 96  296 148 HOH HOH A . 
B 2 HOH 97  297 124 HOH HOH A . 
B 2 HOH 98  298 62  HOH HOH A . 
B 2 HOH 99  299 158 HOH HOH A . 
B 2 HOH 100 300 32  HOH HOH A . 
B 2 HOH 101 301 349 HOH HOH A . 
B 2 HOH 102 302 27  HOH HOH A . 
B 2 HOH 103 303 19  HOH HOH A . 
B 2 HOH 104 304 123 HOH HOH A . 
B 2 HOH 105 305 71  HOH HOH A . 
B 2 HOH 106 306 45  HOH HOH A . 
B 2 HOH 107 307 67  HOH HOH A . 
B 2 HOH 108 308 86  HOH HOH A . 
B 2 HOH 109 309 228 HOH HOH A . 
B 2 HOH 110 310 182 HOH HOH A . 
B 2 HOH 111 311 74  HOH HOH A . 
B 2 HOH 112 312 28  HOH HOH A . 
# 
loop_
_software.citation_id 
_software.classification 
_software.compiler_name 
_software.compiler_version 
_software.contact_author 
_software.contact_author_email 
_software.date 
_software.description 
_software.dependencies 
_software.hardware 
_software.language 
_software.location 
_software.mods 
_software.name 
_software.os 
_software.os_version 
_software.type 
_software.version 
_software.pdbx_ordinal 
? refinement       ? ? ? ? ? ? ? ? ? ? ? PHENIX   ? ? ? '(1.21_5207: ???)' 1 
? 'data scaling'   ? ? ? ? ? ? ? ? ? ? ? HKL-2000 ? ? ? .                  2 
? 'data reduction' ? ? ? ? ? ? ? ? ? ? ? HKL-2000 ? ? ? .                  3 
? phasing          ? ? ? ? ? ? ? ? ? ? ? PHENIX   ? ? ? .                  4 
# 
_cell.angle_alpha                  90.00 
_cell.angle_alpha_esd              ? 
_cell.angle_beta                   90.00 
_cell.angle_beta_esd               ? 
_cell.angle_gamma                  120.00 
_cell.angle_gamma_esd              ? 
_cell.entry_id                     9BJW 
_cell.details                      ? 
_cell.formula_units_Z              ? 
_cell.length_a                     75.480 
_cell.length_a_esd                 ? 
_cell.length_b                     75.480 
_cell.length_b_esd                 ? 
_cell.length_c                     140.040 
_cell.length_c_esd                 ? 
_cell.volume                       ? 
_cell.volume_esd                   ? 
_cell.Z_PDB                        18 
_cell.reciprocal_angle_alpha       ? 
_cell.reciprocal_angle_beta        ? 
_cell.reciprocal_angle_gamma       ? 
_cell.reciprocal_angle_alpha_esd   ? 
_cell.reciprocal_angle_beta_esd    ? 
_cell.reciprocal_angle_gamma_esd   ? 
_cell.reciprocal_length_a          ? 
_cell.reciprocal_length_b          ? 
_cell.reciprocal_length_c          ? 
_cell.reciprocal_length_a_esd      ? 
_cell.reciprocal_length_b_esd      ? 
_cell.reciprocal_length_c_esd      ? 
_cell.pdbx_unique_axis             ? 
_cell.pdbx_esd_method              ? 
# 
_symmetry.entry_id                         9BJW 
_symmetry.cell_setting                     ? 
_symmetry.Int_Tables_number                155 
_symmetry.space_group_name_Hall            ? 
_symmetry.space_group_name_H-M             'H 3 2' 
_symmetry.pdbx_full_space_group_name_H-M   ? 
# 
_exptl.absorpt_coefficient_mu     ? 
_exptl.absorpt_correction_T_max   ? 
_exptl.absorpt_correction_T_min   ? 
_exptl.absorpt_correction_type    ? 
_exptl.absorpt_process_details    ? 
_exptl.entry_id                   9BJW 
_exptl.crystals_number            1 
_exptl.details                    ? 
_exptl.method                     'X-RAY DIFFRACTION' 
_exptl.method_details             ? 
# 
_exptl_crystal.colour                       ? 
_exptl_crystal.density_diffrn               ? 
_exptl_crystal.density_Matthews             3.05 
_exptl_crystal.density_method               ? 
_exptl_crystal.density_percent_sol          59.72 
_exptl_crystal.description                  ? 
_exptl_crystal.F_000                        ? 
_exptl_crystal.id                           1 
_exptl_crystal.preparation                  ? 
_exptl_crystal.size_max                     ? 
_exptl_crystal.size_mid                     ? 
_exptl_crystal.size_min                     ? 
_exptl_crystal.size_rad                     ? 
_exptl_crystal.colour_lustre                ? 
_exptl_crystal.colour_modifier              ? 
_exptl_crystal.colour_primary               ? 
_exptl_crystal.density_meas                 ? 
_exptl_crystal.density_meas_esd             ? 
_exptl_crystal.density_meas_gt              ? 
_exptl_crystal.density_meas_lt              ? 
_exptl_crystal.density_meas_temp            ? 
_exptl_crystal.density_meas_temp_esd        ? 
_exptl_crystal.density_meas_temp_gt         ? 
_exptl_crystal.density_meas_temp_lt         ? 
_exptl_crystal.pdbx_crystal_image_url       ? 
_exptl_crystal.pdbx_crystal_image_format    ? 
_exptl_crystal.pdbx_mosaicity               ? 
_exptl_crystal.pdbx_mosaicity_esd           ? 
_exptl_crystal.pdbx_mosaic_method           ? 
_exptl_crystal.pdbx_mosaic_block_size       ? 
_exptl_crystal.pdbx_mosaic_block_size_esd   ? 
# 
_exptl_crystal_grow.apparatus       ? 
_exptl_crystal_grow.atmosphere      ? 
_exptl_crystal_grow.crystal_id      1 
_exptl_crystal_grow.details         ? 
_exptl_crystal_grow.method          'VAPOR DIFFUSION, HANGING DROP' 
_exptl_crystal_grow.method_ref      ? 
_exptl_crystal_grow.pH              ? 
_exptl_crystal_grow.pressure        ? 
_exptl_crystal_grow.pressure_esd    ? 
_exptl_crystal_grow.seeding         ? 
_exptl_crystal_grow.seeding_ref     ? 
_exptl_crystal_grow.temp_details    ? 
_exptl_crystal_grow.temp_esd        ? 
_exptl_crystal_grow.time            ? 
_exptl_crystal_grow.pdbx_details    '0.1 M BIS-TRIS pH 5.5, 2.0 M Ammonium sulfate' 
_exptl_crystal_grow.pdbx_pH_range   ? 
_exptl_crystal_grow.temp            298 
# 
_diffrn.ambient_environment              ? 
_diffrn.ambient_temp                     100 
_diffrn.ambient_temp_details             ? 
_diffrn.ambient_temp_esd                 ? 
_diffrn.crystal_id                       1 
_diffrn.crystal_support                  ? 
_diffrn.crystal_treatment                ? 
_diffrn.details                          ? 
_diffrn.id                               1 
_diffrn.ambient_pressure                 ? 
_diffrn.ambient_pressure_esd             ? 
_diffrn.ambient_pressure_gt              ? 
_diffrn.ambient_pressure_lt              ? 
_diffrn.ambient_temp_gt                  ? 
_diffrn.ambient_temp_lt                  ? 
_diffrn.pdbx_serial_crystal_experiment   N 
# 
_diffrn_detector.details                      ? 
_diffrn_detector.detector                     PIXEL 
_diffrn_detector.diffrn_id                    1 
_diffrn_detector.type                         'DECTRIS EIGER X 16M' 
_diffrn_detector.area_resol_mean              ? 
_diffrn_detector.dtime                        ? 
_diffrn_detector.pdbx_frames_total            ? 
_diffrn_detector.pdbx_collection_time_total   ? 
_diffrn_detector.pdbx_collection_date         2021-08-07 
_diffrn_detector.pdbx_frequency               ? 
_diffrn_detector.id                           ? 
_diffrn_detector.number_of_axes               ? 
# 
_diffrn_radiation.collimation                      ? 
_diffrn_radiation.diffrn_id                        1 
_diffrn_radiation.filter_edge                      ? 
_diffrn_radiation.inhomogeneity                    ? 
_diffrn_radiation.monochromator                    ? 
_diffrn_radiation.polarisn_norm                    ? 
_diffrn_radiation.polarisn_ratio                   ? 
_diffrn_radiation.probe                            ? 
_diffrn_radiation.type                             ? 
_diffrn_radiation.xray_symbol                      ? 
_diffrn_radiation.wavelength_id                    1 
_diffrn_radiation.pdbx_monochromatic_or_laue_m_l   M 
_diffrn_radiation.pdbx_wavelength_list             ? 
_diffrn_radiation.pdbx_wavelength                  ? 
_diffrn_radiation.pdbx_diffrn_protocol             'SINGLE WAVELENGTH' 
_diffrn_radiation.pdbx_analyzer                    ? 
_diffrn_radiation.pdbx_scattering_type             x-ray 
# 
_diffrn_radiation_wavelength.id           1 
_diffrn_radiation_wavelength.wavelength   1.0 
_diffrn_radiation_wavelength.wt           1.0 
# 
_diffrn_source.current                     ? 
_diffrn_source.details                     ? 
_diffrn_source.diffrn_id                   1 
_diffrn_source.power                       ? 
_diffrn_source.size                        ? 
_diffrn_source.source                      SYNCHROTRON 
_diffrn_source.target                      ? 
_diffrn_source.type                        'APS BEAMLINE 22-ID' 
_diffrn_source.voltage                     ? 
_diffrn_source.take-off_angle              ? 
_diffrn_source.pdbx_wavelength_list        1.0 
_diffrn_source.pdbx_wavelength             ? 
_diffrn_source.pdbx_synchrotron_beamline   22-ID 
_diffrn_source.pdbx_synchrotron_site       APS 
# 
_reflns.B_iso_Wilson_estimate                          ? 
_reflns.entry_id                                       9BJW 
_reflns.data_reduction_details                         ? 
_reflns.data_reduction_method                          ? 
_reflns.d_resolution_high                              1.54 
_reflns.d_resolution_low                               50 
_reflns.details                                        ? 
_reflns.limit_h_max                                    ? 
_reflns.limit_h_min                                    ? 
_reflns.limit_k_max                                    ? 
_reflns.limit_k_min                                    ? 
_reflns.limit_l_max                                    ? 
_reflns.limit_l_min                                    ? 
_reflns.number_all                                     ? 
_reflns.number_obs                                     22725 
_reflns.observed_criterion                             ? 
_reflns.observed_criterion_F_max                       ? 
_reflns.observed_criterion_F_min                       ? 
_reflns.observed_criterion_I_max                       ? 
_reflns.observed_criterion_I_min                       ? 
_reflns.observed_criterion_sigma_F                     ? 
_reflns.observed_criterion_sigma_I                     ? 
_reflns.percent_possible_obs                           99.9 
_reflns.R_free_details                                 ? 
_reflns.Rmerge_F_all                                   ? 
_reflns.Rmerge_F_obs                                   ? 
_reflns.Friedel_coverage                               ? 
_reflns.number_gt                                      ? 
_reflns.threshold_expression                           ? 
_reflns.pdbx_redundancy                                17.2 
_reflns.pdbx_netI_over_av_sigmaI                       ? 
_reflns.pdbx_netI_over_sigmaI                          68.87 
_reflns.pdbx_res_netI_over_av_sigmaI_2                 ? 
_reflns.pdbx_res_netI_over_sigmaI_2                    ? 
_reflns.pdbx_chi_squared                               ? 
_reflns.pdbx_scaling_rejects                           ? 
_reflns.pdbx_d_res_high_opt                            ? 
_reflns.pdbx_d_res_low_opt                             ? 
_reflns.pdbx_d_res_opt_method                          ? 
_reflns.phase_calculation_details                      ? 
_reflns.pdbx_Rrim_I_all                                0.063 
_reflns.pdbx_Rpim_I_all                                0.015 
_reflns.pdbx_d_opt                                     ? 
_reflns.pdbx_number_measured_all                       ? 
_reflns.pdbx_diffrn_id                                 1 
_reflns.pdbx_ordinal                                   1 
_reflns.pdbx_CC_half                                   0.997 
_reflns.pdbx_CC_star                                   0.999 
_reflns.pdbx_R_split                                   ? 
_reflns.pdbx_Rmerge_I_obs                              0.061 
_reflns.pdbx_Rmerge_I_all                              ? 
_reflns.pdbx_Rsym_value                                ? 
_reflns.pdbx_CC_split_method                           ? 
_reflns.pdbx_aniso_diffraction_limit_axis_1_ortho[1]   ? 
_reflns.pdbx_aniso_diffraction_limit_axis_1_ortho[2]   ? 
_reflns.pdbx_aniso_diffraction_limit_axis_1_ortho[3]   ? 
_reflns.pdbx_aniso_diffraction_limit_axis_2_ortho[1]   ? 
_reflns.pdbx_aniso_diffraction_limit_axis_2_ortho[2]   ? 
_reflns.pdbx_aniso_diffraction_limit_axis_2_ortho[3]   ? 
_reflns.pdbx_aniso_diffraction_limit_axis_3_ortho[1]   ? 
_reflns.pdbx_aniso_diffraction_limit_axis_3_ortho[2]   ? 
_reflns.pdbx_aniso_diffraction_limit_axis_3_ortho[3]   ? 
_reflns.pdbx_aniso_diffraction_limit_1                 ? 
_reflns.pdbx_aniso_diffraction_limit_2                 ? 
_reflns.pdbx_aniso_diffraction_limit_3                 ? 
_reflns.pdbx_aniso_B_tensor_eigenvector_1_ortho[1]     ? 
_reflns.pdbx_aniso_B_tensor_eigenvector_1_ortho[2]     ? 
_reflns.pdbx_aniso_B_tensor_eigenvector_1_ortho[3]     ? 
_reflns.pdbx_aniso_B_tensor_eigenvector_2_ortho[1]     ? 
_reflns.pdbx_aniso_B_tensor_eigenvector_2_ortho[2]     ? 
_reflns.pdbx_aniso_B_tensor_eigenvector_2_ortho[3]     ? 
_reflns.pdbx_aniso_B_tensor_eigenvector_3_ortho[1]     ? 
_reflns.pdbx_aniso_B_tensor_eigenvector_3_ortho[2]     ? 
_reflns.pdbx_aniso_B_tensor_eigenvector_3_ortho[3]     ? 
_reflns.pdbx_aniso_B_tensor_eigenvalue_1               ? 
_reflns.pdbx_aniso_B_tensor_eigenvalue_2               ? 
_reflns.pdbx_aniso_B_tensor_eigenvalue_3               ? 
_reflns.pdbx_orthogonalization_convention              ? 
_reflns.pdbx_percent_possible_ellipsoidal              ? 
_reflns.pdbx_percent_possible_spherical                ? 
_reflns.pdbx_percent_possible_ellipsoidal_anomalous    ? 
_reflns.pdbx_percent_possible_spherical_anomalous      ? 
_reflns.pdbx_redundancy_anomalous                      ? 
_reflns.pdbx_CC_half_anomalous                         ? 
_reflns.pdbx_absDiff_over_sigma_anomalous              ? 
_reflns.pdbx_percent_possible_anomalous                ? 
_reflns.pdbx_observed_signal_threshold                 ? 
_reflns.pdbx_signal_type                               ? 
_reflns.pdbx_signal_details                            ? 
_reflns.pdbx_signal_software_id                        ? 
# 
_reflns_shell.d_res_high                                    1.54 
_reflns_shell.d_res_low                                     1.57 
_reflns_shell.meanI_over_sigI_all                           ? 
_reflns_shell.meanI_over_sigI_obs                           4.31 
_reflns_shell.number_measured_all                           ? 
_reflns_shell.number_measured_obs                           ? 
_reflns_shell.number_possible                               ? 
_reflns_shell.number_unique_all                             ? 
_reflns_shell.number_unique_obs                             1132 
_reflns_shell.percent_possible_obs                          ? 
_reflns_shell.Rmerge_F_all                                  ? 
_reflns_shell.Rmerge_F_obs                                  ? 
_reflns_shell.meanI_over_sigI_gt                            ? 
_reflns_shell.meanI_over_uI_all                             ? 
_reflns_shell.meanI_over_uI_gt                              ? 
_reflns_shell.number_measured_gt                            ? 
_reflns_shell.number_unique_gt                              ? 
_reflns_shell.percent_possible_gt                           ? 
_reflns_shell.Rmerge_F_gt                                   ? 
_reflns_shell.Rmerge_I_gt                                   ? 
_reflns_shell.pdbx_redundancy                               ? 
_reflns_shell.pdbx_chi_squared                              0.492 
_reflns_shell.pdbx_netI_over_sigmaI_all                     ? 
_reflns_shell.pdbx_netI_over_sigmaI_obs                     ? 
_reflns_shell.pdbx_Rrim_I_all                               ? 
_reflns_shell.pdbx_Rpim_I_all                               ? 
_reflns_shell.pdbx_rejects                                  ? 
_reflns_shell.pdbx_ordinal                                  1 
_reflns_shell.pdbx_diffrn_id                                1 
_reflns_shell.pdbx_CC_half                                  0.958 
_reflns_shell.pdbx_CC_star                                  0.989 
_reflns_shell.pdbx_R_split                                  ? 
_reflns_shell.percent_possible_all                          100.0 
_reflns_shell.Rmerge_I_all                                  ? 
_reflns_shell.Rmerge_I_obs                                  0.465 
_reflns_shell.pdbx_Rsym_value                               ? 
_reflns_shell.pdbx_percent_possible_ellipsoidal             ? 
_reflns_shell.pdbx_percent_possible_spherical               ? 
_reflns_shell.pdbx_percent_possible_ellipsoidal_anomalous   ? 
_reflns_shell.pdbx_percent_possible_spherical_anomalous     ? 
_reflns_shell.pdbx_redundancy_anomalous                     ? 
_reflns_shell.pdbx_CC_half_anomalous                        ? 
_reflns_shell.pdbx_absDiff_over_sigma_anomalous             ? 
_reflns_shell.pdbx_percent_possible_anomalous               ? 
# 
_refine.aniso_B[1][1]                            ? 
_refine.aniso_B[1][2]                            ? 
_refine.aniso_B[1][3]                            ? 
_refine.aniso_B[2][2]                            ? 
_refine.aniso_B[2][3]                            ? 
_refine.aniso_B[3][3]                            ? 
_refine.B_iso_max                                ? 
_refine.B_iso_mean                               ? 
_refine.B_iso_min                                ? 
_refine.correlation_coeff_Fo_to_Fc               ? 
_refine.correlation_coeff_Fo_to_Fc_free          ? 
_refine.details                                  ? 
_refine.diff_density_max                         ? 
_refine.diff_density_max_esd                     ? 
_refine.diff_density_min                         ? 
_refine.diff_density_min_esd                     ? 
_refine.diff_density_rms                         ? 
_refine.diff_density_rms_esd                     ? 
_refine.entry_id                                 9BJW 
_refine.pdbx_refine_id                           'X-RAY DIFFRACTION' 
_refine.ls_abs_structure_details                 ? 
_refine.ls_abs_structure_Flack                   ? 
_refine.ls_abs_structure_Flack_esd               ? 
_refine.ls_abs_structure_Rogers                  ? 
_refine.ls_abs_structure_Rogers_esd              ? 
_refine.ls_d_res_high                            1.54 
_refine.ls_d_res_low                             37.74 
_refine.ls_extinction_coef                       ? 
_refine.ls_extinction_coef_esd                   ? 
_refine.ls_extinction_expression                 ? 
_refine.ls_extinction_method                     ? 
_refine.ls_goodness_of_fit_all                   ? 
_refine.ls_goodness_of_fit_all_esd               ? 
_refine.ls_goodness_of_fit_obs                   ? 
_refine.ls_goodness_of_fit_obs_esd               ? 
_refine.ls_hydrogen_treatment                    ? 
_refine.ls_matrix_type                           ? 
_refine.ls_number_constraints                    ? 
_refine.ls_number_parameters                     ? 
_refine.ls_number_reflns_all                     ? 
_refine.ls_number_reflns_obs                     22725 
_refine.ls_number_reflns_R_free                  1988 
_refine.ls_number_reflns_R_work                  ? 
_refine.ls_number_restraints                     ? 
_refine.ls_percent_reflns_obs                    98.99 
_refine.ls_percent_reflns_R_free                 8.75 
_refine.ls_R_factor_all                          ? 
_refine.ls_R_factor_obs                          0.1995 
_refine.ls_R_factor_R_free                       0.2128 
_refine.ls_R_factor_R_free_error                 ? 
_refine.ls_R_factor_R_free_error_details         ? 
_refine.ls_R_factor_R_work                       0.1982 
_refine.ls_R_Fsqd_factor_obs                     ? 
_refine.ls_R_I_factor_obs                        ? 
_refine.ls_redundancy_reflns_all                 ? 
_refine.ls_redundancy_reflns_obs                 ? 
_refine.ls_restrained_S_all                      ? 
_refine.ls_restrained_S_obs                      ? 
_refine.ls_shift_over_esd_max                    ? 
_refine.ls_shift_over_esd_mean                   ? 
_refine.ls_structure_factor_coef                 ? 
_refine.ls_weighting_details                     ? 
_refine.ls_weighting_scheme                      ? 
_refine.ls_wR_factor_all                         ? 
_refine.ls_wR_factor_obs                         ? 
_refine.ls_wR_factor_R_free                      ? 
_refine.ls_wR_factor_R_work                      ? 
_refine.occupancy_max                            ? 
_refine.occupancy_min                            ? 
_refine.solvent_model_details                    'FLAT BULK SOLVENT MODEL' 
_refine.solvent_model_param_bsol                 ? 
_refine.solvent_model_param_ksol                 ? 
_refine.pdbx_R_complete                          ? 
_refine.ls_R_factor_gt                           ? 
_refine.ls_goodness_of_fit_gt                    ? 
_refine.ls_goodness_of_fit_ref                   ? 
_refine.ls_shift_over_su_max                     ? 
_refine.ls_shift_over_su_max_lt                  ? 
_refine.ls_shift_over_su_mean                    ? 
_refine.ls_shift_over_su_mean_lt                 ? 
_refine.pdbx_ls_sigma_I                          ? 
_refine.pdbx_ls_sigma_F                          0.32 
_refine.pdbx_ls_sigma_Fsqd                       ? 
_refine.pdbx_data_cutoff_high_absF               ? 
_refine.pdbx_data_cutoff_high_rms_absF           ? 
_refine.pdbx_data_cutoff_low_absF                ? 
_refine.pdbx_isotropic_thermal_model             ? 
_refine.pdbx_ls_cross_valid_method               'FREE R-VALUE' 
_refine.pdbx_method_to_determine_struct          'MOLECULAR REPLACEMENT' 
_refine.pdbx_starting_model                      ? 
_refine.pdbx_stereochemistry_target_values       ML 
_refine.pdbx_R_Free_selection_details            ? 
_refine.pdbx_stereochem_target_val_spec_case     ? 
_refine.pdbx_overall_ESU_R                       ? 
_refine.pdbx_overall_ESU_R_Free                  ? 
_refine.pdbx_solvent_vdw_probe_radii             1.10 
_refine.pdbx_solvent_ion_probe_radii             ? 
_refine.pdbx_solvent_shrinkage_radii             0.90 
_refine.pdbx_real_space_R                        ? 
_refine.pdbx_density_correlation                 ? 
_refine.pdbx_pd_number_of_powder_patterns        ? 
_refine.pdbx_pd_number_of_points                 ? 
_refine.pdbx_pd_meas_number_of_points            ? 
_refine.pdbx_pd_proc_ls_prof_R_factor            ? 
_refine.pdbx_pd_proc_ls_prof_wR_factor           ? 
_refine.pdbx_pd_Marquardt_correlation_coeff      ? 
_refine.pdbx_pd_Fsqrd_R_factor                   ? 
_refine.pdbx_pd_ls_matrix_band_width             ? 
_refine.pdbx_overall_phase_error                 21.49 
_refine.pdbx_overall_SU_R_free_Cruickshank_DPI   ? 
_refine.pdbx_overall_SU_R_free_Blow_DPI          ? 
_refine.pdbx_overall_SU_R_Blow_DPI               ? 
_refine.pdbx_TLS_residual_ADP_flag               ? 
_refine.pdbx_diffrn_id                           1 
_refine.overall_SU_B                             ? 
_refine.overall_SU_ML                            0.15 
_refine.overall_SU_R_Cruickshank_DPI             ? 
_refine.overall_SU_R_free                        ? 
_refine.overall_FOM_free_R_set                   ? 
_refine.overall_FOM_work_R_set                   ? 
_refine.pdbx_average_fsc_overall                 ? 
_refine.pdbx_average_fsc_work                    ? 
_refine.pdbx_average_fsc_free                    ? 
# 
_refine_hist.pdbx_refine_id                   'X-RAY DIFFRACTION' 
_refine_hist.cycle_id                         LAST 
_refine_hist.pdbx_number_atoms_protein        883 
_refine_hist.pdbx_number_atoms_nucleic_acid   0 
_refine_hist.pdbx_number_atoms_ligand         0 
_refine_hist.number_atoms_solvent             112 
_refine_hist.number_atoms_total               995 
_refine_hist.d_res_high                       1.54 
_refine_hist.d_res_low                        37.74 
# 
loop_
_refine_ls_restr.pdbx_refine_id 
_refine_ls_restr.criterion 
_refine_ls_restr.dev_ideal 
_refine_ls_restr.dev_ideal_target 
_refine_ls_restr.number 
_refine_ls_restr.rejects 
_refine_ls_restr.type 
_refine_ls_restr.weight 
_refine_ls_restr.pdbx_restraint_function 
'X-RAY DIFFRACTION' ? 0.007  ? 896  ? f_bond_d           ? ? 
'X-RAY DIFFRACTION' ? 0.856  ? 1220 ? f_angle_d          ? ? 
'X-RAY DIFFRACTION' ? 18.922 ? 327  ? f_dihedral_angle_d ? ? 
'X-RAY DIFFRACTION' ? 0.053  ? 148  ? f_chiral_restr     ? ? 
'X-RAY DIFFRACTION' ? 0.007  ? 158  ? f_plane_restr      ? ? 
# 
loop_
_refine_ls_shell.pdbx_refine_id 
_refine_ls_shell.d_res_high 
_refine_ls_shell.d_res_low 
_refine_ls_shell.number_reflns_all 
_refine_ls_shell.number_reflns_obs 
_refine_ls_shell.number_reflns_R_free 
_refine_ls_shell.number_reflns_R_work 
_refine_ls_shell.percent_reflns_obs 
_refine_ls_shell.percent_reflns_R_free 
_refine_ls_shell.R_factor_all 
_refine_ls_shell.R_factor_obs 
_refine_ls_shell.R_factor_R_free_error 
_refine_ls_shell.R_factor_R_work 
_refine_ls_shell.redundancy_reflns_all 
_refine_ls_shell.redundancy_reflns_obs 
_refine_ls_shell.wR_factor_all 
_refine_ls_shell.wR_factor_obs 
_refine_ls_shell.wR_factor_R_free 
_refine_ls_shell.wR_factor_R_work 
_refine_ls_shell.pdbx_R_complete 
_refine_ls_shell.pdbx_total_number_of_bins_used 
_refine_ls_shell.pdbx_phase_error 
_refine_ls_shell.pdbx_fsc_work 
_refine_ls_shell.pdbx_fsc_free 
_refine_ls_shell.R_factor_R_free 
'X-RAY DIFFRACTION' 1.54 1.58  . . 132 1370 94.00  . . . . 0.2379 . . . . . . . . . . . 0.2733 
'X-RAY DIFFRACTION' 1.58 1.62  . . 140 1441 98.00  . . . . 0.2167 . . . . . . . . . . . 0.2544 
'X-RAY DIFFRACTION' 1.62 1.67  . . 141 1467 99.00  . . . . 0.2255 . . . . . . . . . . . 0.2143 
'X-RAY DIFFRACTION' 1.67 1.72  . . 138 1471 99.00  . . . . 0.2226 . . . . . . . . . . . 0.2468 
'X-RAY DIFFRACTION' 1.73 1.79  . . 140 1462 99.00  . . . . 0.2295 . . . . . . . . . . . 0.2692 
'X-RAY DIFFRACTION' 1.79 1.86  . . 142 1470 100.00 . . . . 0.2214 . . . . . . . . . . . 0.2585 
'X-RAY DIFFRACTION' 1.86 1.94  . . 144 1497 99.00  . . . . 0.2051 . . . . . . . . . . . 0.2161 
'X-RAY DIFFRACTION' 1.94 2.04  . . 141 1472 100.00 . . . . 0.1954 . . . . . . . . . . . 0.2244 
'X-RAY DIFFRACTION' 2.05 2.17  . . 141 1473 99.00  . . . . 0.1948 . . . . . . . . . . . 0.1988 
'X-RAY DIFFRACTION' 2.17 2.34  . . 145 1505 100.00 . . . . 0.2082 . . . . . . . . . . . 0.1950 
'X-RAY DIFFRACTION' 2.34 2.58  . . 143 1494 100.00 . . . . 0.1972 . . . . . . . . . . . 0.2096 
'X-RAY DIFFRACTION' 2.58 2.95  . . 143 1499 100.00 . . . . 0.2015 . . . . . . . . . . . 0.1958 
'X-RAY DIFFRACTION' 2.95 3.71  . . 146 1529 100.00 . . . . 0.1889 . . . . . . . . . . . 0.2022 
'X-RAY DIFFRACTION' 3.72 37.74 . . 152 1587 100.00 . . . . 0.1829 . . . . . . . . . . . 0.2109 
# 
_struct.entry_id                     9BJW 
_struct.title                        'Crystal structure of RidA family protein PA5083 from Pseudomonas aeruginosa' 
_struct.pdbx_model_details           ? 
_struct.pdbx_formula_weight          ? 
_struct.pdbx_formula_weight_method   ? 
_struct.pdbx_model_type_details      ? 
_struct.pdbx_CASP_flag               N 
# 
_struct_keywords.entry_id        9BJW 
_struct_keywords.text            'RidA protein, deamination, stress, Hydrolase' 
_struct_keywords.pdbx_keywords   HYDROLASE 
# 
loop_
_struct_asym.id 
_struct_asym.pdbx_blank_PDB_chainid_flag 
_struct_asym.pdbx_modified 
_struct_asym.entity_id 
_struct_asym.details 
A N N 1 ? 
B N N 2 ? 
# 
_struct_ref.id                         1 
_struct_ref.db_name                    UNP 
_struct_ref.db_code                    A0A069Q0R8_PSEAI 
_struct_ref.pdbx_db_accession          A0A069Q0R8 
_struct_ref.pdbx_db_isoform            ? 
_struct_ref.entity_id                  1 
_struct_ref.pdbx_seq_one_letter_code   
;MEPTRIATNDRLSAAVCFDALVFLSGQVPGQAEDIHGQTREVLAKIDALLAEAGSRKERILSATIYLKDIARDFAALNEV
WTQWLPTGQAPSRTTVQAELARPSVLVEITVVAARG
;
_struct_ref.pdbx_align_begin           1 
# 
_struct_ref_seq.align_id                      1 
_struct_ref_seq.ref_id                        1 
_struct_ref_seq.pdbx_PDB_id_code              9BJW 
_struct_ref_seq.pdbx_strand_id                A 
_struct_ref_seq.seq_align_beg                 1 
_struct_ref_seq.pdbx_seq_align_beg_ins_code   ? 
_struct_ref_seq.seq_align_end                 116 
_struct_ref_seq.pdbx_seq_align_end_ins_code   ? 
_struct_ref_seq.pdbx_db_accession             A0A069Q0R8 
_struct_ref_seq.db_align_beg                  1 
_struct_ref_seq.pdbx_db_align_beg_ins_code    ? 
_struct_ref_seq.db_align_end                  116 
_struct_ref_seq.pdbx_db_align_end_ins_code    ? 
_struct_ref_seq.pdbx_auth_seq_align_beg       1 
_struct_ref_seq.pdbx_auth_seq_align_end       116 
# 
_pdbx_struct_assembly.id                   1 
_pdbx_struct_assembly.details              author_and_software_defined_assembly 
_pdbx_struct_assembly.method_details       PISA 
_pdbx_struct_assembly.oligomeric_details   trimeric 
_pdbx_struct_assembly.oligomeric_count     3 
# 
loop_
_pdbx_struct_assembly_prop.biol_id 
_pdbx_struct_assembly_prop.type 
_pdbx_struct_assembly_prop.value 
_pdbx_struct_assembly_prop.details 
1 'ABSA (A^2)' 5890  ? 
1 MORE         -32   ? 
1 'SSA (A^2)'  14430 ? 
# 
_pdbx_struct_assembly_gen.assembly_id       1 
_pdbx_struct_assembly_gen.oper_expression   1,2,3 
_pdbx_struct_assembly_gen.asym_id_list      A,B 
# 
loop_
_pdbx_struct_oper_list.id 
_pdbx_struct_oper_list.type 
_pdbx_struct_oper_list.name 
_pdbx_struct_oper_list.symmetry_operation 
_pdbx_struct_oper_list.matrix[1][1] 
_pdbx_struct_oper_list.matrix[1][2] 
_pdbx_struct_oper_list.matrix[1][3] 
_pdbx_struct_oper_list.vector[1] 
_pdbx_struct_oper_list.matrix[2][1] 
_pdbx_struct_oper_list.matrix[2][2] 
_pdbx_struct_oper_list.matrix[2][3] 
_pdbx_struct_oper_list.vector[2] 
_pdbx_struct_oper_list.matrix[3][1] 
_pdbx_struct_oper_list.matrix[3][2] 
_pdbx_struct_oper_list.matrix[3][3] 
_pdbx_struct_oper_list.vector[3] 
1 'identity operation'         1_555 x,y,z       1.0000000000 0.0000000000  0.0000000000  0.0000000000   0.0000000000  1.0000000000  0.0000000000  0.0000000000   0.0000000000  0.0000000000  1.0000000000 0.0000000000   
2 'crystal symmetry operation' 2_545 -y,x-y-1,z  0.2435784625 0.6145950492  -0.7502949141 -3.3603784272  -0.6153816412 -0.4999997920 -0.6093485405 -20.3975613475 -0.7496498972 0.6101418962  0.2564213295 -3.3210325168  
3 'crystal symmetry operation' 3_655 -x+y+1,-x,z 0.2435784625 -0.6153816412 -0.7496498972 -14.2233806522 0.6145950492  -0.4999997920 0.6101418962  -6.1072034093  -0.7502949141 -0.6093485405 0.2564213295 -14.0989155062 
# 
loop_
_struct_conf.conf_type_id 
_struct_conf.id 
_struct_conf.pdbx_PDB_helix_id 
_struct_conf.beg_label_comp_id 
_struct_conf.beg_label_asym_id 
_struct_conf.beg_label_seq_id 
_struct_conf.pdbx_beg_PDB_ins_code 
_struct_conf.end_label_comp_id 
_struct_conf.end_label_asym_id 
_struct_conf.end_label_seq_id 
_struct_conf.pdbx_end_PDB_ins_code 
_struct_conf.beg_auth_comp_id 
_struct_conf.beg_auth_asym_id 
_struct_conf.beg_auth_seq_id 
_struct_conf.end_auth_comp_id 
_struct_conf.end_auth_asym_id 
_struct_conf.end_auth_seq_id 
_struct_conf.pdbx_PDB_helix_class 
_struct_conf.details 
_struct_conf.pdbx_PDB_helix_length 
HELX_P HELX_P1 AA1 ASP A 34 ? ALA A 53 ? ASP A 34 ALA A 53 1 ? 20 
HELX_P HELX_P2 AA2 ARG A 56 ? GLU A 58 ? ARG A 56 GLU A 58 5 ? 3  
HELX_P HELX_P3 AA3 ASP A 69 ? LEU A 85 ? ASP A 69 LEU A 85 1 ? 17 
# 
_struct_conf_type.id          HELX_P 
_struct_conf_type.criteria    ? 
_struct_conf_type.reference   ? 
# 
_struct_sheet.id               AA1 
_struct_sheet.type             ? 
_struct_sheet.number_strands   6 
_struct_sheet.details          ? 
# 
loop_
_struct_sheet_order.sheet_id 
_struct_sheet_order.range_id_1 
_struct_sheet_order.range_id_2 
_struct_sheet_order.offset 
_struct_sheet_order.sense 
AA1 1 2 ? anti-parallel 
AA1 2 3 ? anti-parallel 
AA1 3 4 ? anti-parallel 
AA1 4 5 ? anti-parallel 
AA1 5 6 ? parallel      
# 
loop_
_struct_sheet_range.sheet_id 
_struct_sheet_range.id 
_struct_sheet_range.beg_label_comp_id 
_struct_sheet_range.beg_label_asym_id 
_struct_sheet_range.beg_label_seq_id 
_struct_sheet_range.pdbx_beg_PDB_ins_code 
_struct_sheet_range.end_label_comp_id 
_struct_sheet_range.end_label_asym_id 
_struct_sheet_range.end_label_seq_id 
_struct_sheet_range.pdbx_end_PDB_ins_code 
_struct_sheet_range.beg_auth_comp_id 
_struct_sheet_range.beg_auth_asym_id 
_struct_sheet_range.beg_auth_seq_id 
_struct_sheet_range.end_auth_comp_id 
_struct_sheet_range.end_auth_asym_id 
_struct_sheet_range.end_auth_seq_id 
AA1 1 THR A 4   ? THR A 8   ? THR A 4   THR A 8   
AA1 2 SER A 13  ? PHE A 18  ? SER A 13  PHE A 18  
AA1 3 LEU A 21  ? LEU A 24  ? LEU A 21  LEU A 24  
AA1 4 VAL A 107 ? ALA A 114 ? VAL A 107 ALA A 114 
AA1 5 ILE A 60  ? LEU A 67  ? ILE A 60  LEU A 67  
AA1 6 SER A 92  ? GLN A 97  ? SER A 92  GLN A 97  
# 
loop_
_pdbx_struct_sheet_hbond.sheet_id 
_pdbx_struct_sheet_hbond.range_id_1 
_pdbx_struct_sheet_hbond.range_id_2 
_pdbx_struct_sheet_hbond.range_1_label_atom_id 
_pdbx_struct_sheet_hbond.range_1_label_comp_id 
_pdbx_struct_sheet_hbond.range_1_label_asym_id 
_pdbx_struct_sheet_hbond.range_1_label_seq_id 
_pdbx_struct_sheet_hbond.range_1_PDB_ins_code 
_pdbx_struct_sheet_hbond.range_1_auth_atom_id 
_pdbx_struct_sheet_hbond.range_1_auth_comp_id 
_pdbx_struct_sheet_hbond.range_1_auth_asym_id 
_pdbx_struct_sheet_hbond.range_1_auth_seq_id 
_pdbx_struct_sheet_hbond.range_2_label_atom_id 
_pdbx_struct_sheet_hbond.range_2_label_comp_id 
_pdbx_struct_sheet_hbond.range_2_label_asym_id 
_pdbx_struct_sheet_hbond.range_2_label_seq_id 
_pdbx_struct_sheet_hbond.range_2_PDB_ins_code 
_pdbx_struct_sheet_hbond.range_2_auth_atom_id 
_pdbx_struct_sheet_hbond.range_2_auth_comp_id 
_pdbx_struct_sheet_hbond.range_2_auth_asym_id 
_pdbx_struct_sheet_hbond.range_2_auth_seq_id 
AA1 1 2 N THR A 4   ? N THR A 4   O CYS A 17  ? O CYS A 17  
AA1 2 3 N VAL A 16  ? N VAL A 16  O PHE A 23  ? O PHE A 23  
AA1 3 4 N LEU A 24  ? N LEU A 24  O VAL A 111 ? O VAL A 111 
AA1 4 5 O GLU A 108 ? O GLU A 108 N TYR A 66  ? N TYR A 66  
AA1 5 6 N ILE A 65  ? N ILE A 65  O THR A 94  ? O THR A 94  
# 
loop_
_pdbx_validate_close_contact.id 
_pdbx_validate_close_contact.PDB_model_num 
_pdbx_validate_close_contact.auth_atom_id_1 
_pdbx_validate_close_contact.auth_asym_id_1 
_pdbx_validate_close_contact.auth_comp_id_1 
_pdbx_validate_close_contact.auth_seq_id_1 
_pdbx_validate_close_contact.PDB_ins_code_1 
_pdbx_validate_close_contact.label_alt_id_1 
_pdbx_validate_close_contact.auth_atom_id_2 
_pdbx_validate_close_contact.auth_asym_id_2 
_pdbx_validate_close_contact.auth_comp_id_2 
_pdbx_validate_close_contact.auth_seq_id_2 
_pdbx_validate_close_contact.PDB_ins_code_2 
_pdbx_validate_close_contact.label_alt_id_2 
_pdbx_validate_close_contact.dist 
1  1 O   A HOH 206 ? ? O A HOH 299 ? ? 1.71 
2  1 O   A HOH 201 ? ? O A HOH 276 ? ? 1.82 
3  1 O   A HOH 204 ? ? O A HOH 280 ? ? 1.88 
4  1 O   A HOH 254 ? ? O A HOH 286 ? ? 1.90 
5  1 OE1 A GLU 58  ? ? O A HOH 201 ? ? 2.00 
6  1 O   A HOH 270 ? ? O A HOH 287 ? ? 2.03 
7  1 O   A HOH 218 ? ? O A HOH 258 ? ? 2.05 
8  1 O   A HOH 289 ? ? O A HOH 292 ? ? 2.08 
9  1 O   A HOH 255 ? ? O A HOH 275 ? ? 2.12 
10 1 O   A HOH 285 ? ? O A HOH 303 ? ? 2.13 
11 1 NH2 A ARG 115 ? ? O A HOH 202 ? ? 2.14 
12 1 O   A HOH 286 ? ? O A HOH 288 ? ? 2.15 
13 1 O   A HOH 295 ? ? O A HOH 309 ? ? 2.15 
14 1 O   A HOH 293 ? ? O A HOH 309 ? ? 2.16 
# 
loop_
_pdbx_validate_symm_contact.id 
_pdbx_validate_symm_contact.PDB_model_num 
_pdbx_validate_symm_contact.auth_atom_id_1 
_pdbx_validate_symm_contact.auth_asym_id_1 
_pdbx_validate_symm_contact.auth_comp_id_1 
_pdbx_validate_symm_contact.auth_seq_id_1 
_pdbx_validate_symm_contact.PDB_ins_code_1 
_pdbx_validate_symm_contact.label_alt_id_1 
_pdbx_validate_symm_contact.site_symmetry_1 
_pdbx_validate_symm_contact.auth_atom_id_2 
_pdbx_validate_symm_contact.auth_asym_id_2 
_pdbx_validate_symm_contact.auth_comp_id_2 
_pdbx_validate_symm_contact.auth_seq_id_2 
_pdbx_validate_symm_contact.PDB_ins_code_2 
_pdbx_validate_symm_contact.label_alt_id_2 
_pdbx_validate_symm_contact.site_symmetry_2 
_pdbx_validate_symm_contact.dist 
1 1 O A HOH 269 ? ? 1_555 O A HOH 288 ? ? 12_555 1.90 
2 1 O A HOH 274 ? ? 1_555 O A HOH 296 ? ? 3_655  2.09 
3 1 O A HOH 261 ? ? 1_555 O A HOH 299 ? ? 2_545  2.15 
# 
loop_
_pdbx_validate_torsion.id 
_pdbx_validate_torsion.PDB_model_num 
_pdbx_validate_torsion.auth_comp_id 
_pdbx_validate_torsion.auth_asym_id 
_pdbx_validate_torsion.auth_seq_id 
_pdbx_validate_torsion.PDB_ins_code 
_pdbx_validate_torsion.label_alt_id 
_pdbx_validate_torsion.phi 
_pdbx_validate_torsion.psi 
1 1 ASN A 9  ? ? -127.06 -169.64 
2 1 ASP A 19 ? ? 49.82   -120.00 
3 1 SER A 55 ? ? -119.59 -165.07 
# 
loop_
_pdbx_struct_special_symmetry.id 
_pdbx_struct_special_symmetry.PDB_model_num 
_pdbx_struct_special_symmetry.auth_asym_id 
_pdbx_struct_special_symmetry.auth_comp_id 
_pdbx_struct_special_symmetry.auth_seq_id 
_pdbx_struct_special_symmetry.PDB_ins_code 
_pdbx_struct_special_symmetry.label_asym_id 
_pdbx_struct_special_symmetry.label_comp_id 
_pdbx_struct_special_symmetry.label_seq_id 
1 1 A HOH 219 ? B HOH . 
2 1 A HOH 234 ? B HOH . 
3 1 A HOH 250 ? B HOH . 
4 1 A HOH 297 ? B HOH . 
5 1 A HOH 302 ? B HOH . 
6 1 A HOH 305 ? B HOH . 
7 1 A HOH 310 ? B HOH . 
8 1 A HOH 312 ? B HOH . 
# 
loop_
_chem_comp_atom.comp_id 
_chem_comp_atom.atom_id 
_chem_comp_atom.type_symbol 
_chem_comp_atom.pdbx_aromatic_flag 
_chem_comp_atom.pdbx_stereo_config 
_chem_comp_atom.pdbx_ordinal 
ALA N    N N N 1   
ALA CA   C N S 2   
ALA C    C N N 3   
ALA O    O N N 4   
ALA CB   C N N 5   
ALA OXT  O N N 6   
ALA H    H N N 7   
ALA H2   H N N 8   
ALA HA   H N N 9   
ALA HB1  H N N 10  
ALA HB2  H N N 11  
ALA HB3  H N N 12  
ALA HXT  H N N 13  
ARG N    N N N 14  
ARG CA   C N S 15  
ARG C    C N N 16  
ARG O    O N N 17  
ARG CB   C N N 18  
ARG CG   C N N 19  
ARG CD   C N N 20  
ARG NE   N N N 21  
ARG CZ   C N N 22  
ARG NH1  N N N 23  
ARG NH2  N N N 24  
ARG OXT  O N N 25  
ARG H    H N N 26  
ARG H2   H N N 27  
ARG HA   H N N 28  
ARG HB2  H N N 29  
ARG HB3  H N N 30  
ARG HG2  H N N 31  
ARG HG3  H N N 32  
ARG HD2  H N N 33  
ARG HD3  H N N 34  
ARG HE   H N N 35  
ARG HH11 H N N 36  
ARG HH12 H N N 37  
ARG HH21 H N N 38  
ARG HH22 H N N 39  
ARG HXT  H N N 40  
ASN N    N N N 41  
ASN CA   C N S 42  
ASN C    C N N 43  
ASN O    O N N 44  
ASN CB   C N N 45  
ASN CG   C N N 46  
ASN OD1  O N N 47  
ASN ND2  N N N 48  
ASN OXT  O N N 49  
ASN H    H N N 50  
ASN H2   H N N 51  
ASN HA   H N N 52  
ASN HB2  H N N 53  
ASN HB3  H N N 54  
ASN HD21 H N N 55  
ASN HD22 H N N 56  
ASN HXT  H N N 57  
ASP N    N N N 58  
ASP CA   C N S 59  
ASP C    C N N 60  
ASP O    O N N 61  
ASP CB   C N N 62  
ASP CG   C N N 63  
ASP OD1  O N N 64  
ASP OD2  O N N 65  
ASP OXT  O N N 66  
ASP H    H N N 67  
ASP H2   H N N 68  
ASP HA   H N N 69  
ASP HB2  H N N 70  
ASP HB3  H N N 71  
ASP HD2  H N N 72  
ASP HXT  H N N 73  
CYS N    N N N 74  
CYS CA   C N R 75  
CYS C    C N N 76  
CYS O    O N N 77  
CYS CB   C N N 78  
CYS SG   S N N 79  
CYS OXT  O N N 80  
CYS H    H N N 81  
CYS H2   H N N 82  
CYS HA   H N N 83  
CYS HB2  H N N 84  
CYS HB3  H N N 85  
CYS HG   H N N 86  
CYS HXT  H N N 87  
GLN N    N N N 88  
GLN CA   C N S 89  
GLN C    C N N 90  
GLN O    O N N 91  
GLN CB   C N N 92  
GLN CG   C N N 93  
GLN CD   C N N 94  
GLN OE1  O N N 95  
GLN NE2  N N N 96  
GLN OXT  O N N 97  
GLN H    H N N 98  
GLN H2   H N N 99  
GLN HA   H N N 100 
GLN HB2  H N N 101 
GLN HB3  H N N 102 
GLN HG2  H N N 103 
GLN HG3  H N N 104 
GLN HE21 H N N 105 
GLN HE22 H N N 106 
GLN HXT  H N N 107 
GLU N    N N N 108 
GLU CA   C N S 109 
GLU C    C N N 110 
GLU O    O N N 111 
GLU CB   C N N 112 
GLU CG   C N N 113 
GLU CD   C N N 114 
GLU OE1  O N N 115 
GLU OE2  O N N 116 
GLU OXT  O N N 117 
GLU H    H N N 118 
GLU H2   H N N 119 
GLU HA   H N N 120 
GLU HB2  H N N 121 
GLU HB3  H N N 122 
GLU HG2  H N N 123 
GLU HG3  H N N 124 
GLU HE2  H N N 125 
GLU HXT  H N N 126 
GLY N    N N N 127 
GLY CA   C N N 128 
GLY C    C N N 129 
GLY O    O N N 130 
GLY OXT  O N N 131 
GLY H    H N N 132 
GLY H2   H N N 133 
GLY HA2  H N N 134 
GLY HA3  H N N 135 
GLY HXT  H N N 136 
HIS N    N N N 137 
HIS CA   C N S 138 
HIS C    C N N 139 
HIS O    O N N 140 
HIS CB   C N N 141 
HIS CG   C Y N 142 
HIS ND1  N Y N 143 
HIS CD2  C Y N 144 
HIS CE1  C Y N 145 
HIS NE2  N Y N 146 
HIS OXT  O N N 147 
HIS H    H N N 148 
HIS H2   H N N 149 
HIS HA   H N N 150 
HIS HB2  H N N 151 
HIS HB3  H N N 152 
HIS HD1  H N N 153 
HIS HD2  H N N 154 
HIS HE1  H N N 155 
HIS HE2  H N N 156 
HIS HXT  H N N 157 
HOH O    O N N 158 
HOH H1   H N N 159 
HOH H2   H N N 160 
ILE N    N N N 161 
ILE CA   C N S 162 
ILE C    C N N 163 
ILE O    O N N 164 
ILE CB   C N S 165 
ILE CG1  C N N 166 
ILE CG2  C N N 167 
ILE CD1  C N N 168 
ILE OXT  O N N 169 
ILE H    H N N 170 
ILE H2   H N N 171 
ILE HA   H N N 172 
ILE HB   H N N 173 
ILE HG12 H N N 174 
ILE HG13 H N N 175 
ILE HG21 H N N 176 
ILE HG22 H N N 177 
ILE HG23 H N N 178 
ILE HD11 H N N 179 
ILE HD12 H N N 180 
ILE HD13 H N N 181 
ILE HXT  H N N 182 
LEU N    N N N 183 
LEU CA   C N S 184 
LEU C    C N N 185 
LEU O    O N N 186 
LEU CB   C N N 187 
LEU CG   C N N 188 
LEU CD1  C N N 189 
LEU CD2  C N N 190 
LEU OXT  O N N 191 
LEU H    H N N 192 
LEU H2   H N N 193 
LEU HA   H N N 194 
LEU HB2  H N N 195 
LEU HB3  H N N 196 
LEU HG   H N N 197 
LEU HD11 H N N 198 
LEU HD12 H N N 199 
LEU HD13 H N N 200 
LEU HD21 H N N 201 
LEU HD22 H N N 202 
LEU HD23 H N N 203 
LEU HXT  H N N 204 
LYS N    N N N 205 
LYS CA   C N S 206 
LYS C    C N N 207 
LYS O    O N N 208 
LYS CB   C N N 209 
LYS CG   C N N 210 
LYS CD   C N N 211 
LYS CE   C N N 212 
LYS NZ   N N N 213 
LYS OXT  O N N 214 
LYS H    H N N 215 
LYS H2   H N N 216 
LYS HA   H N N 217 
LYS HB2  H N N 218 
LYS HB3  H N N 219 
LYS HG2  H N N 220 
LYS HG3  H N N 221 
LYS HD2  H N N 222 
LYS HD3  H N N 223 
LYS HE2  H N N 224 
LYS HE3  H N N 225 
LYS HZ1  H N N 226 
LYS HZ2  H N N 227 
LYS HZ3  H N N 228 
LYS HXT  H N N 229 
MET N    N N N 230 
MET CA   C N S 231 
MET C    C N N 232 
MET O    O N N 233 
MET CB   C N N 234 
MET CG   C N N 235 
MET SD   S N N 236 
MET CE   C N N 237 
MET OXT  O N N 238 
MET H    H N N 239 
MET H2   H N N 240 
MET HA   H N N 241 
MET HB2  H N N 242 
MET HB3  H N N 243 
MET HG2  H N N 244 
MET HG3  H N N 245 
MET HE1  H N N 246 
MET HE2  H N N 247 
MET HE3  H N N 248 
MET HXT  H N N 249 
PHE N    N N N 250 
PHE CA   C N S 251 
PHE C    C N N 252 
PHE O    O N N 253 
PHE CB   C N N 254 
PHE CG   C Y N 255 
PHE CD1  C Y N 256 
PHE CD2  C Y N 257 
PHE CE1  C Y N 258 
PHE CE2  C Y N 259 
PHE CZ   C Y N 260 
PHE OXT  O N N 261 
PHE H    H N N 262 
PHE H2   H N N 263 
PHE HA   H N N 264 
PHE HB2  H N N 265 
PHE HB3  H N N 266 
PHE HD1  H N N 267 
PHE HD2  H N N 268 
PHE HE1  H N N 269 
PHE HE2  H N N 270 
PHE HZ   H N N 271 
PHE HXT  H N N 272 
PRO N    N N N 273 
PRO CA   C N S 274 
PRO C    C N N 275 
PRO O    O N N 276 
PRO CB   C N N 277 
PRO CG   C N N 278 
PRO CD   C N N 279 
PRO OXT  O N N 280 
PRO H    H N N 281 
PRO HA   H N N 282 
PRO HB2  H N N 283 
PRO HB3  H N N 284 
PRO HG2  H N N 285 
PRO HG3  H N N 286 
PRO HD2  H N N 287 
PRO HD3  H N N 288 
PRO HXT  H N N 289 
SER N    N N N 290 
SER CA   C N S 291 
SER C    C N N 292 
SER O    O N N 293 
SER CB   C N N 294 
SER OG   O N N 295 
SER OXT  O N N 296 
SER H    H N N 297 
SER H2   H N N 298 
SER HA   H N N 299 
SER HB2  H N N 300 
SER HB3  H N N 301 
SER HG   H N N 302 
SER HXT  H N N 303 
THR N    N N N 304 
THR CA   C N S 305 
THR C    C N N 306 
THR O    O N N 307 
THR CB   C N R 308 
THR OG1  O N N 309 
THR CG2  C N N 310 
THR OXT  O N N 311 
THR H    H N N 312 
THR H2   H N N 313 
THR HA   H N N 314 
THR HB   H N N 315 
THR HG1  H N N 316 
THR HG21 H N N 317 
THR HG22 H N N 318 
THR HG23 H N N 319 
THR HXT  H N N 320 
TRP N    N N N 321 
TRP CA   C N S 322 
TRP C    C N N 323 
TRP O    O N N 324 
TRP CB   C N N 325 
TRP CG   C Y N 326 
TRP CD1  C Y N 327 
TRP CD2  C Y N 328 
TRP NE1  N Y N 329 
TRP CE2  C Y N 330 
TRP CE3  C Y N 331 
TRP CZ2  C Y N 332 
TRP CZ3  C Y N 333 
TRP CH2  C Y N 334 
TRP OXT  O N N 335 
TRP H    H N N 336 
TRP H2   H N N 337 
TRP HA   H N N 338 
TRP HB2  H N N 339 
TRP HB3  H N N 340 
TRP HD1  H N N 341 
TRP HE1  H N N 342 
TRP HE3  H N N 343 
TRP HZ2  H N N 344 
TRP HZ3  H N N 345 
TRP HH2  H N N 346 
TRP HXT  H N N 347 
TYR N    N N N 348 
TYR CA   C N S 349 
TYR C    C N N 350 
TYR O    O N N 351 
TYR CB   C N N 352 
TYR CG   C Y N 353 
TYR CD1  C Y N 354 
TYR CD2  C Y N 355 
TYR CE1  C Y N 356 
TYR CE2  C Y N 357 
TYR CZ   C Y N 358 
TYR OH   O N N 359 
TYR OXT  O N N 360 
TYR H    H N N 361 
TYR H2   H N N 362 
TYR HA   H N N 363 
TYR HB2  H N N 364 
TYR HB3  H N N 365 
TYR HD1  H N N 366 
TYR HD2  H N N 367 
TYR HE1  H N N 368 
TYR HE2  H N N 369 
TYR HH   H N N 370 
TYR HXT  H N N 371 
VAL N    N N N 372 
VAL CA   C N S 373 
VAL C    C N N 374 
VAL O    O N N 375 
VAL CB   C N N 376 
VAL CG1  C N N 377 
VAL CG2  C N N 378 
VAL OXT  O N N 379 
VAL H    H N N 380 
VAL H2   H N N 381 
VAL HA   H N N 382 
VAL HB   H N N 383 
VAL HG11 H N N 384 
VAL HG12 H N N 385 
VAL HG13 H N N 386 
VAL HG21 H N N 387 
VAL HG22 H N N 388 
VAL HG23 H N N 389 
VAL HXT  H N N 390 
# 
loop_
_chem_comp_bond.comp_id 
_chem_comp_bond.atom_id_1 
_chem_comp_bond.atom_id_2 
_chem_comp_bond.value_order 
_chem_comp_bond.pdbx_aromatic_flag 
_chem_comp_bond.pdbx_stereo_config 
_chem_comp_bond.pdbx_ordinal 
ALA N   CA   sing N N 1   
ALA N   H    sing N N 2   
ALA N   H2   sing N N 3   
ALA CA  C    sing N N 4   
ALA CA  CB   sing N N 5   
ALA CA  HA   sing N N 6   
ALA C   O    doub N N 7   
ALA C   OXT  sing N N 8   
ALA CB  HB1  sing N N 9   
ALA CB  HB2  sing N N 10  
ALA CB  HB3  sing N N 11  
ALA OXT HXT  sing N N 12  
ARG N   CA   sing N N 13  
ARG N   H    sing N N 14  
ARG N   H2   sing N N 15  
ARG CA  C    sing N N 16  
ARG CA  CB   sing N N 17  
ARG CA  HA   sing N N 18  
ARG C   O    doub N N 19  
ARG C   OXT  sing N N 20  
ARG CB  CG   sing N N 21  
ARG CB  HB2  sing N N 22  
ARG CB  HB3  sing N N 23  
ARG CG  CD   sing N N 24  
ARG CG  HG2  sing N N 25  
ARG CG  HG3  sing N N 26  
ARG CD  NE   sing N N 27  
ARG CD  HD2  sing N N 28  
ARG CD  HD3  sing N N 29  
ARG NE  CZ   sing N N 30  
ARG NE  HE   sing N N 31  
ARG CZ  NH1  sing N N 32  
ARG CZ  NH2  doub N N 33  
ARG NH1 HH11 sing N N 34  
ARG NH1 HH12 sing N N 35  
ARG NH2 HH21 sing N N 36  
ARG NH2 HH22 sing N N 37  
ARG OXT HXT  sing N N 38  
ASN N   CA   sing N N 39  
ASN N   H    sing N N 40  
ASN N   H2   sing N N 41  
ASN CA  C    sing N N 42  
ASN CA  CB   sing N N 43  
ASN CA  HA   sing N N 44  
ASN C   O    doub N N 45  
ASN C   OXT  sing N N 46  
ASN CB  CG   sing N N 47  
ASN CB  HB2  sing N N 48  
ASN CB  HB3  sing N N 49  
ASN CG  OD1  doub N N 50  
ASN CG  ND2  sing N N 51  
ASN ND2 HD21 sing N N 52  
ASN ND2 HD22 sing N N 53  
ASN OXT HXT  sing N N 54  
ASP N   CA   sing N N 55  
ASP N   H    sing N N 56  
ASP N   H2   sing N N 57  
ASP CA  C    sing N N 58  
ASP CA  CB   sing N N 59  
ASP CA  HA   sing N N 60  
ASP C   O    doub N N 61  
ASP C   OXT  sing N N 62  
ASP CB  CG   sing N N 63  
ASP CB  HB2  sing N N 64  
ASP CB  HB3  sing N N 65  
ASP CG  OD1  doub N N 66  
ASP CG  OD2  sing N N 67  
ASP OD2 HD2  sing N N 68  
ASP OXT HXT  sing N N 69  
CYS N   CA   sing N N 70  
CYS N   H    sing N N 71  
CYS N   H2   sing N N 72  
CYS CA  C    sing N N 73  
CYS CA  CB   sing N N 74  
CYS CA  HA   sing N N 75  
CYS C   O    doub N N 76  
CYS C   OXT  sing N N 77  
CYS CB  SG   sing N N 78  
CYS CB  HB2  sing N N 79  
CYS CB  HB3  sing N N 80  
CYS SG  HG   sing N N 81  
CYS OXT HXT  sing N N 82  
GLN N   CA   sing N N 83  
GLN N   H    sing N N 84  
GLN N   H2   sing N N 85  
GLN CA  C    sing N N 86  
GLN CA  CB   sing N N 87  
GLN CA  HA   sing N N 88  
GLN C   O    doub N N 89  
GLN C   OXT  sing N N 90  
GLN CB  CG   sing N N 91  
GLN CB  HB2  sing N N 92  
GLN CB  HB3  sing N N 93  
GLN CG  CD   sing N N 94  
GLN CG  HG2  sing N N 95  
GLN CG  HG3  sing N N 96  
GLN CD  OE1  doub N N 97  
GLN CD  NE2  sing N N 98  
GLN NE2 HE21 sing N N 99  
GLN NE2 HE22 sing N N 100 
GLN OXT HXT  sing N N 101 
GLU N   CA   sing N N 102 
GLU N   H    sing N N 103 
GLU N   H2   sing N N 104 
GLU CA  C    sing N N 105 
GLU CA  CB   sing N N 106 
GLU CA  HA   sing N N 107 
GLU C   O    doub N N 108 
GLU C   OXT  sing N N 109 
GLU CB  CG   sing N N 110 
GLU CB  HB2  sing N N 111 
GLU CB  HB3  sing N N 112 
GLU CG  CD   sing N N 113 
GLU CG  HG2  sing N N 114 
GLU CG  HG3  sing N N 115 
GLU CD  OE1  doub N N 116 
GLU CD  OE2  sing N N 117 
GLU OE2 HE2  sing N N 118 
GLU OXT HXT  sing N N 119 
GLY N   CA   sing N N 120 
GLY N   H    sing N N 121 
GLY N   H2   sing N N 122 
GLY CA  C    sing N N 123 
GLY CA  HA2  sing N N 124 
GLY CA  HA3  sing N N 125 
GLY C   O    doub N N 126 
GLY C   OXT  sing N N 127 
GLY OXT HXT  sing N N 128 
HIS N   CA   sing N N 129 
HIS N   H    sing N N 130 
HIS N   H2   sing N N 131 
HIS CA  C    sing N N 132 
HIS CA  CB   sing N N 133 
HIS CA  HA   sing N N 134 
HIS C   O    doub N N 135 
HIS C   OXT  sing N N 136 
HIS CB  CG   sing N N 137 
HIS CB  HB2  sing N N 138 
HIS CB  HB3  sing N N 139 
HIS CG  ND1  sing Y N 140 
HIS CG  CD2  doub Y N 141 
HIS ND1 CE1  doub Y N 142 
HIS ND1 HD1  sing N N 143 
HIS CD2 NE2  sing Y N 144 
HIS CD2 HD2  sing N N 145 
HIS CE1 NE2  sing Y N 146 
HIS CE1 HE1  sing N N 147 
HIS NE2 HE2  sing N N 148 
HIS OXT HXT  sing N N 149 
HOH O   H1   sing N N 150 
HOH O   H2   sing N N 151 
ILE N   CA   sing N N 152 
ILE N   H    sing N N 153 
ILE N   H2   sing N N 154 
ILE CA  C    sing N N 155 
ILE CA  CB   sing N N 156 
ILE CA  HA   sing N N 157 
ILE C   O    doub N N 158 
ILE C   OXT  sing N N 159 
ILE CB  CG1  sing N N 160 
ILE CB  CG2  sing N N 161 
ILE CB  HB   sing N N 162 
ILE CG1 CD1  sing N N 163 
ILE CG1 HG12 sing N N 164 
ILE CG1 HG13 sing N N 165 
ILE CG2 HG21 sing N N 166 
ILE CG2 HG22 sing N N 167 
ILE CG2 HG23 sing N N 168 
ILE CD1 HD11 sing N N 169 
ILE CD1 HD12 sing N N 170 
ILE CD1 HD13 sing N N 171 
ILE OXT HXT  sing N N 172 
LEU N   CA   sing N N 173 
LEU N   H    sing N N 174 
LEU N   H2   sing N N 175 
LEU CA  C    sing N N 176 
LEU CA  CB   sing N N 177 
LEU CA  HA   sing N N 178 
LEU C   O    doub N N 179 
LEU C   OXT  sing N N 180 
LEU CB  CG   sing N N 181 
LEU CB  HB2  sing N N 182 
LEU CB  HB3  sing N N 183 
LEU CG  CD1  sing N N 184 
LEU CG  CD2  sing N N 185 
LEU CG  HG   sing N N 186 
LEU CD1 HD11 sing N N 187 
LEU CD1 HD12 sing N N 188 
LEU CD1 HD13 sing N N 189 
LEU CD2 HD21 sing N N 190 
LEU CD2 HD22 sing N N 191 
LEU CD2 HD23 sing N N 192 
LEU OXT HXT  sing N N 193 
LYS N   CA   sing N N 194 
LYS N   H    sing N N 195 
LYS N   H2   sing N N 196 
LYS CA  C    sing N N 197 
LYS CA  CB   sing N N 198 
LYS CA  HA   sing N N 199 
LYS C   O    doub N N 200 
LYS C   OXT  sing N N 201 
LYS CB  CG   sing N N 202 
LYS CB  HB2  sing N N 203 
LYS CB  HB3  sing N N 204 
LYS CG  CD   sing N N 205 
LYS CG  HG2  sing N N 206 
LYS CG  HG3  sing N N 207 
LYS CD  CE   sing N N 208 
LYS CD  HD2  sing N N 209 
LYS CD  HD3  sing N N 210 
LYS CE  NZ   sing N N 211 
LYS CE  HE2  sing N N 212 
LYS CE  HE3  sing N N 213 
LYS NZ  HZ1  sing N N 214 
LYS NZ  HZ2  sing N N 215 
LYS NZ  HZ3  sing N N 216 
LYS OXT HXT  sing N N 217 
MET N   CA   sing N N 218 
MET N   H    sing N N 219 
MET N   H2   sing N N 220 
MET CA  C    sing N N 221 
MET CA  CB   sing N N 222 
MET CA  HA   sing N N 223 
MET C   O    doub N N 224 
MET C   OXT  sing N N 225 
MET CB  CG   sing N N 226 
MET CB  HB2  sing N N 227 
MET CB  HB3  sing N N 228 
MET CG  SD   sing N N 229 
MET CG  HG2  sing N N 230 
MET CG  HG3  sing N N 231 
MET SD  CE   sing N N 232 
MET CE  HE1  sing N N 233 
MET CE  HE2  sing N N 234 
MET CE  HE3  sing N N 235 
MET OXT HXT  sing N N 236 
PHE N   CA   sing N N 237 
PHE N   H    sing N N 238 
PHE N   H2   sing N N 239 
PHE CA  C    sing N N 240 
PHE CA  CB   sing N N 241 
PHE CA  HA   sing N N 242 
PHE C   O    doub N N 243 
PHE C   OXT  sing N N 244 
PHE CB  CG   sing N N 245 
PHE CB  HB2  sing N N 246 
PHE CB  HB3  sing N N 247 
PHE CG  CD1  doub Y N 248 
PHE CG  CD2  sing Y N 249 
PHE CD1 CE1  sing Y N 250 
PHE CD1 HD1  sing N N 251 
PHE CD2 CE2  doub Y N 252 
PHE CD2 HD2  sing N N 253 
PHE CE1 CZ   doub Y N 254 
PHE CE1 HE1  sing N N 255 
PHE CE2 CZ   sing Y N 256 
PHE CE2 HE2  sing N N 257 
PHE CZ  HZ   sing N N 258 
PHE OXT HXT  sing N N 259 
PRO N   CA   sing N N 260 
PRO N   CD   sing N N 261 
PRO N   H    sing N N 262 
PRO CA  C    sing N N 263 
PRO CA  CB   sing N N 264 
PRO CA  HA   sing N N 265 
PRO C   O    doub N N 266 
PRO C   OXT  sing N N 267 
PRO CB  CG   sing N N 268 
PRO CB  HB2  sing N N 269 
PRO CB  HB3  sing N N 270 
PRO CG  CD   sing N N 271 
PRO CG  HG2  sing N N 272 
PRO CG  HG3  sing N N 273 
PRO CD  HD2  sing N N 274 
PRO CD  HD3  sing N N 275 
PRO OXT HXT  sing N N 276 
SER N   CA   sing N N 277 
SER N   H    sing N N 278 
SER N   H2   sing N N 279 
SER CA  C    sing N N 280 
SER CA  CB   sing N N 281 
SER CA  HA   sing N N 282 
SER C   O    doub N N 283 
SER C   OXT  sing N N 284 
SER CB  OG   sing N N 285 
SER CB  HB2  sing N N 286 
SER CB  HB3  sing N N 287 
SER OG  HG   sing N N 288 
SER OXT HXT  sing N N 289 
THR N   CA   sing N N 290 
THR N   H    sing N N 291 
THR N   H2   sing N N 292 
THR CA  C    sing N N 293 
THR CA  CB   sing N N 294 
THR CA  HA   sing N N 295 
THR C   O    doub N N 296 
THR C   OXT  sing N N 297 
THR CB  OG1  sing N N 298 
THR CB  CG2  sing N N 299 
THR CB  HB   sing N N 300 
THR OG1 HG1  sing N N 301 
THR CG2 HG21 sing N N 302 
THR CG2 HG22 sing N N 303 
THR CG2 HG23 sing N N 304 
THR OXT HXT  sing N N 305 
TRP N   CA   sing N N 306 
TRP N   H    sing N N 307 
TRP N   H2   sing N N 308 
TRP CA  C    sing N N 309 
TRP CA  CB   sing N N 310 
TRP CA  HA   sing N N 311 
TRP C   O    doub N N 312 
TRP C   OXT  sing N N 313 
TRP CB  CG   sing N N 314 
TRP CB  HB2  sing N N 315 
TRP CB  HB3  sing N N 316 
TRP CG  CD1  doub Y N 317 
TRP CG  CD2  sing Y N 318 
TRP CD1 NE1  sing Y N 319 
TRP CD1 HD1  sing N N 320 
TRP CD2 CE2  doub Y N 321 
TRP CD2 CE3  sing Y N 322 
TRP NE1 CE2  sing Y N 323 
TRP NE1 HE1  sing N N 324 
TRP CE2 CZ2  sing Y N 325 
TRP CE3 CZ3  doub Y N 326 
TRP CE3 HE3  sing N N 327 
TRP CZ2 CH2  doub Y N 328 
TRP CZ2 HZ2  sing N N 329 
TRP CZ3 CH2  sing Y N 330 
TRP CZ3 HZ3  sing N N 331 
TRP CH2 HH2  sing N N 332 
TRP OXT HXT  sing N N 333 
TYR N   CA   sing N N 334 
TYR N   H    sing N N 335 
TYR N   H2   sing N N 336 
TYR CA  C    sing N N 337 
TYR CA  CB   sing N N 338 
TYR CA  HA   sing N N 339 
TYR C   O    doub N N 340 
TYR C   OXT  sing N N 341 
TYR CB  CG   sing N N 342 
TYR CB  HB2  sing N N 343 
TYR CB  HB3  sing N N 344 
TYR CG  CD1  doub Y N 345 
TYR CG  CD2  sing Y N 346 
TYR CD1 CE1  sing Y N 347 
TYR CD1 HD1  sing N N 348 
TYR CD2 CE2  doub Y N 349 
TYR CD2 HD2  sing N N 350 
TYR CE1 CZ   doub Y N 351 
TYR CE1 HE1  sing N N 352 
TYR CE2 CZ   sing Y N 353 
TYR CE2 HE2  sing N N 354 
TYR CZ  OH   sing N N 355 
TYR OH  HH   sing N N 356 
TYR OXT HXT  sing N N 357 
VAL N   CA   sing N N 358 
VAL N   H    sing N N 359 
VAL N   H2   sing N N 360 
VAL CA  C    sing N N 361 
VAL CA  CB   sing N N 362 
VAL CA  HA   sing N N 363 
VAL C   O    doub N N 364 
VAL C   OXT  sing N N 365 
VAL CB  CG1  sing N N 366 
VAL CB  CG2  sing N N 367 
VAL CB  HB   sing N N 368 
VAL CG1 HG11 sing N N 369 
VAL CG1 HG12 sing N N 370 
VAL CG1 HG13 sing N N 371 
VAL CG2 HG21 sing N N 372 
VAL CG2 HG22 sing N N 373 
VAL CG2 HG23 sing N N 374 
VAL OXT HXT  sing N N 375 
# 
_pdbx_audit_support.funding_organization   'Not funded' 
_pdbx_audit_support.country                ? 
_pdbx_audit_support.grant_number           ? 
_pdbx_audit_support.ordinal                1 
# 
_pdbx_initial_refinement_model.id               1 
_pdbx_initial_refinement_model.entity_id_list   ? 
_pdbx_initial_refinement_model.type             'in silico model' 
_pdbx_initial_refinement_model.source_name      AlphaFold 
_pdbx_initial_refinement_model.accession_code   ? 
_pdbx_initial_refinement_model.details          ? 
# 
_atom_sites.entry_id                    9BJW 
_atom_sites.Cartn_transf_matrix[1][1]   ? 
_atom_sites.Cartn_transf_matrix[1][2]   ? 
_atom_sites.Cartn_transf_matrix[1][3]   ? 
_atom_sites.Cartn_transf_matrix[2][1]   ? 
_atom_sites.Cartn_transf_matrix[2][2]   ? 
_atom_sites.Cartn_transf_matrix[2][3]   ? 
_atom_sites.Cartn_transf_matrix[3][1]   ? 
_atom_sites.Cartn_transf_matrix[3][2]   ? 
_atom_sites.Cartn_transf_matrix[3][3]   ? 
_atom_sites.Cartn_transf_vector[1]      ? 
_atom_sites.Cartn_transf_vector[2]      ? 
_atom_sites.Cartn_transf_vector[3]      ? 
_atom_sites.Cartn_transform_axes        ? 
_atom_sites.fract_transf_matrix[1][1]   -0.00558628 
_atom_sites.fract_transf_matrix[1][2]   0.01311807 
_atom_sites.fract_transf_matrix[1][3]   -0.00554553 
_atom_sites.fract_transf_matrix[2][1]   0.00527612 
_atom_sites.fract_transf_matrix[2][2]   0.01337535 
_atom_sites.fract_transf_matrix[2][3]   0.00522412 
_atom_sites.fract_transf_matrix[3][1]   0.00502779 
_atom_sites.fract_transf_matrix[3][2]   -0.00000266 
_atom_sites.fract_transf_matrix[3][3]   -0.00507102 
_atom_sites.fract_transf_vector[1]      0.384305 
_atom_sites.fract_transf_vector[2]      -0.153902 
_atom_sites.fract_transf_vector[3]      0.024656 
_atom_sites.solution_primary            ? 
_atom_sites.solution_secondary          ? 
_atom_sites.solution_hydrogens          ? 
_atom_sites.special_details             ? 
# 
loop_
_atom_type.symbol 
C 
N 
O 
S 
# 
loop_
_atom_site.group_PDB 
_atom_site.id 
_atom_site.type_symbol 
_atom_site.label_atom_id 
_atom_site.label_alt_id 
_atom_site.label_comp_id 
_atom_site.label_asym_id 
_atom_site.label_entity_id 
_atom_site.label_seq_id 
_atom_site.pdbx_PDB_ins_code 
_atom_site.Cartn_x 
_atom_site.Cartn_y 
_atom_site.Cartn_z 
_atom_site.occupancy 
_atom_site.B_iso_or_equiv 
_atom_site.pdbx_formal_charge 
_atom_site.auth_seq_id 
_atom_site.auth_comp_id 
_atom_site.auth_asym_id 
_atom_site.auth_atom_id 
_atom_site.pdbx_PDB_model_num 
ATOM   1   N N   . MET A 1 1   ? -24.513 -0.067  5.517   1.00 49.75 ? 1   MET A N   1 
ATOM   2   C CA  . MET A 1 1   ? -25.289 -0.449  4.347   1.00 44.72 ? 1   MET A CA  1 
ATOM   3   C C   . MET A 1 1   ? -24.677 0.122   3.074   1.00 41.35 ? 1   MET A C   1 
ATOM   4   O O   . MET A 1 1   ? -24.717 -0.522  2.029   1.00 42.99 ? 1   MET A O   1 
ATOM   5   C CB  . MET A 1 1   ? -26.742 0.013   4.488   1.00 51.89 ? 1   MET A CB  1 
ATOM   6   C CG  . MET A 1 1   ? -27.664 -0.445  3.355   1.00 53.45 ? 1   MET A CG  1 
ATOM   7   S SD  . MET A 1 1   ? -27.871 0.755   2.013   1.00 63.16 ? 1   MET A SD  1 
ATOM   8   C CE  . MET A 1 1   ? -29.232 1.745   2.637   1.00 59.20 ? 1   MET A CE  1 
ATOM   9   N N   . GLU A 1 2   ? -24.108 1.343   3.166   1.00 40.38 ? 2   GLU A N   1 
ATOM   10  C CA  . GLU A 1 2   ? -23.538 2.023   2.010   1.00 40.45 ? 2   GLU A CA  1 
ATOM   11  C C   . GLU A 1 2   ? -22.021 2.084   2.115   1.00 32.48 ? 2   GLU A C   1 
ATOM   12  O O   . GLU A 1 2   ? -21.488 2.320   3.205   1.00 32.08 ? 2   GLU A O   1 
ATOM   13  C CB  . GLU A 1 2   ? -24.075 3.455   1.871   1.00 42.61 ? 2   GLU A CB  1 
ATOM   14  C CG  . GLU A 1 2   ? -25.593 3.563   1.755   1.00 50.00 ? 2   GLU A CG  1 
ATOM   15  C CD  . GLU A 1 2   ? -26.277 3.657   3.102   1.00 54.45 ? 2   GLU A CD  1 
ATOM   16  O OE1 . GLU A 1 2   ? -27.295 4.375   3.211   1.00 60.15 ? 2   GLU A OE1 1 
ATOM   17  O OE2 . GLU A 1 2   ? -25.788 3.029   4.064   1.00 56.10 ? 2   GLU A OE2 1 
ATOM   18  N N   . PRO A 1 3   ? -21.302 1.867   1.015   1.00 28.77 ? 3   PRO A N   1 
ATOM   19  C CA  . PRO A 1 3   ? -19.867 2.173   1.014   1.00 26.91 ? 3   PRO A CA  1 
ATOM   20  C C   . PRO A 1 3   ? -19.651 3.676   1.105   1.00 28.76 ? 3   PRO A C   1 
ATOM   21  O O   . PRO A 1 3   ? -20.428 4.463   0.558   1.00 28.84 ? 3   PRO A O   1 
ATOM   22  C CB  . PRO A 1 3   ? -19.373 1.621   -0.331  1.00 26.34 ? 3   PRO A CB  1 
ATOM   23  C CG  . PRO A 1 3   ? -20.476 0.745   -0.841  1.00 29.07 ? 3   PRO A CG  1 
ATOM   24  C CD  . PRO A 1 3   ? -21.748 1.280   -0.257  1.00 29.39 ? 3   PRO A CD  1 
ATOM   25  N N   . THR A 1 4   ? -18.596 4.071   1.809   1.00 21.55 ? 4   THR A N   1 
ATOM   26  C CA  . THR A 1 4   ? -18.177 5.462   1.858   1.00 26.09 ? 4   THR A CA  1 
ATOM   27  C C   . THR A 1 4   ? -16.785 5.579   1.257   1.00 22.92 ? 4   THR A C   1 
ATOM   28  O O   . THR A 1 4   ? -16.043 4.595   1.162   1.00 23.08 ? 4   THR A O   1 
ATOM   29  C CB  . THR A 1 4   ? -18.191 6.023   3.287   1.00 23.95 ? 4   THR A CB  1 
ATOM   30  O OG1 . THR A 1 4   ? -17.370 5.220   4.140   1.00 27.09 ? 4   THR A OG1 1 
ATOM   31  C CG2 . THR A 1 4   ? -19.620 6.052   3.828   1.00 27.53 ? 4   THR A CG2 1 
ATOM   32  N N   . ARG A 1 5   ? -16.439 6.790   0.834   1.00 21.34 ? 5   ARG A N   1 
ATOM   33  C CA  . ARG A 1 5   ? -15.245 6.994   0.028   1.00 22.35 ? 5   ARG A CA  1 
ATOM   34  C C   . ARG A 1 5   ? -14.387 8.122   0.585   1.00 24.23 ? 5   ARG A C   1 
ATOM   35  O O   . ARG A 1 5   ? -14.891 9.078   1.183   1.00 26.02 ? 5   ARG A O   1 
ATOM   36  C CB  . ARG A 1 5   ? -15.622 7.295   -1.422  1.00 22.10 ? 5   ARG A CB  1 
ATOM   37  C CG  . ARG A 1 5   ? -16.461 6.206   -2.070  1.00 21.96 ? 5   ARG A CG  1 
ATOM   38  C CD  . ARG A 1 5   ? -16.811 6.532   -3.508  1.00 22.93 ? 5   ARG A CD  1 
ATOM   39  N NE  . ARG A 1 5   ? -17.651 5.482   -4.068  1.00 23.23 ? 5   ARG A NE  1 
ATOM   40  C CZ  . ARG A 1 5   ? -18.964 5.417   -3.911  1.00 28.41 ? 5   ARG A CZ  1 
ATOM   41  N NH1 . ARG A 1 5   ? -19.632 6.375   -3.288  1.00 28.86 ? 5   ARG A NH1 1 
ATOM   42  N NH2 . ARG A 1 5   ? -19.622 4.365   -4.388  1.00 26.62 ? 5   ARG A NH2 1 
ATOM   43  N N   . ILE A 1 6   ? -13.079 8.002   0.368   1.00 20.62 ? 6   ILE A N   1 
ATOM   44  C CA  . ILE A 1 6   ? -12.107 9.023   0.737   1.00 24.63 ? 6   ILE A CA  1 
ATOM   45  C C   . ILE A 1 6   ? -11.293 9.374   -0.501  1.00 23.95 ? 6   ILE A C   1 
ATOM   46  O O   . ILE A 1 6   ? -10.785 8.478   -1.185  1.00 22.41 ? 6   ILE A O   1 
ATOM   47  C CB  . ILE A 1 6   ? -11.177 8.542   1.867   1.00 20.85 ? 6   ILE A CB  1 
ATOM   48  C CG1 . ILE A 1 6   ? -11.982 8.257   3.135   1.00 23.29 ? 6   ILE A CG1 1 
ATOM   49  C CG2 . ILE A 1 6   ? -10.068 9.565   2.125   1.00 26.49 ? 6   ILE A CG2 1 
ATOM   50  C CD1 . ILE A 1 6   ? -11.161 7.598   4.217   1.00 27.81 ? 6   ILE A CD1 1 
ATOM   51  N N   . ALA A 1 7   ? -11.175 10.674  -0.790  1.00 23.60 ? 7   ALA A N   1 
ATOM   52  C CA  . ALA A 1 7   ? -10.327 11.204  -1.863  1.00 22.38 ? 7   ALA A CA  1 
ATOM   53  C C   . ALA A 1 7   ? -10.712 10.600  -3.215  1.00 25.19 ? 7   ALA A C   1 
ATOM   54  O O   . ALA A 1 7   ? -9.978  9.817   -3.832  1.00 24.69 ? 7   ALA A O   1 
ATOM   55  C CB  . ALA A 1 7   ? -8.842  10.986  -1.550  1.00 25.91 ? 7   ALA A CB  1 
ATOM   56  N N   . THR A 1 8   ? -11.887 11.014  -3.665  1.00 24.22 ? 8   THR A N   1 
ATOM   57  C CA  . THR A 1 8   ? -12.486 10.520  -4.894  1.00 24.40 ? 8   THR A CA  1 
ATOM   58  C C   . THR A 1 8   ? -12.127 11.441  -6.053  1.00 27.80 ? 8   THR A C   1 
ATOM   59  O O   . THR A 1 8   ? -12.241 12.666  -5.939  1.00 30.71 ? 8   THR A O   1 
ATOM   60  C CB  . THR A 1 8   ? -14.005 10.429  -4.731  1.00 24.44 ? 8   THR A CB  1 
ATOM   61  O OG1 . THR A 1 8   ? -14.320 9.566   -3.631  1.00 24.23 ? 8   THR A OG1 1 
ATOM   62  C CG2 . THR A 1 8   ? -14.661 9.887   -5.991  1.00 27.53 ? 8   THR A CG2 1 
ATOM   63  N N   . ASN A 1 9   ? -11.677 10.849  -7.160  1.00 24.51 ? 9   ASN A N   1 
ATOM   64  C CA  . ASN A 1 9   ? -11.538 11.589  -8.406  1.00 24.66 ? 9   ASN A CA  1 
ATOM   65  C C   . ASN A 1 9   ? -12.279 10.833  -9.504  1.00 25.29 ? 9   ASN A C   1 
ATOM   66  O O   . ASN A 1 9   ? -13.014 9.882   -9.216  1.00 26.03 ? 9   ASN A O   1 
ATOM   67  C CB  . ASN A 1 9   ? -10.057 11.818  -8.750  1.00 26.41 ? 9   ASN A CB  1 
ATOM   68  C CG  . ASN A 1 9   ? -9.267  10.524  -8.907  1.00 27.93 ? 9   ASN A CG  1 
ATOM   69  O OD1 . ASN A 1 9   ? -9.661  9.625   -9.639  1.00 24.17 ? 9   ASN A OD1 1 
ATOM   70  N ND2 . ASN A 1 9   ? -8.134  10.438  -8.215  1.00 29.86 ? 9   ASN A ND2 1 
ATOM   71  N N   . ASP A 1 10  ? -12.095 11.235  -10.760 1.00 25.59 ? 10  ASP A N   1 
ATOM   72  C CA  . ASP A 1 10  ? -12.862 10.635  -11.846 1.00 27.37 ? 10  ASP A CA  1 
ATOM   73  C C   . ASP A 1 10  ? -12.510 9.172   -12.084 1.00 26.32 ? 10  ASP A C   1 
ATOM   74  O O   . ASP A 1 10  ? -13.313 8.449   -12.683 1.00 25.45 ? 10  ASP A O   1 
ATOM   75  C CB  . ASP A 1 10  ? -12.655 11.432  -13.133 1.00 33.80 ? 10  ASP A CB  1 
ATOM   76  C CG  . ASP A 1 10  ? -13.301 12.798  -13.072 1.00 40.17 ? 10  ASP A CG  1 
ATOM   77  O OD1 . ASP A 1 10  ? -14.409 12.896  -12.502 1.00 41.43 ? 10  ASP A OD1 1 
ATOM   78  O OD2 . ASP A 1 10  ? -12.696 13.767  -13.578 1.00 48.14 ? 10  ASP A OD2 1 
ATOM   79  N N   . ARG A 1 11  ? -11.338 8.720   -11.634 1.00 25.10 ? 11  ARG A N   1 
ATOM   80  C CA  . ARG A 1 11  ? -10.900 7.348   -11.875 1.00 23.09 ? 11  ARG A CA  1 
ATOM   81  C C   . ARG A 1 11  ? -11.039 6.440   -10.663 1.00 19.55 ? 11  ARG A C   1 
ATOM   82  O O   . ARG A 1 11  ? -11.280 5.238   -10.830 1.00 19.24 ? 11  ARG A O   1 
ATOM   83  C CB  . ARG A 1 11  ? -9.433  7.317   -12.309 1.00 22.59 ? 11  ARG A CB  1 
ATOM   84  C CG  . ARG A 1 11  ? -9.099  8.159   -13.508 1.00 26.63 ? 11  ARG A CG  1 
ATOM   85  C CD  . ARG A 1 11  ? -7.596  8.174   -13.693 1.00 26.68 ? 11  ARG A CD  1 
ATOM   86  N NE  . ARG A 1 11  ? -7.193  8.917   -14.880 1.00 35.73 ? 11  ARG A NE  1 
ATOM   87  C CZ  . ARG A 1 11  ? -5.933  9.141   -15.227 1.00 30.88 ? 11  ARG A CZ  1 
ATOM   88  N NH1 . ARG A 1 11  ? -4.925  8.682   -14.500 1.00 30.53 ? 11  ARG A NH1 1 
ATOM   89  N NH2 . ARG A 1 11  ? -5.678  9.843   -16.327 1.00 37.60 ? 11  ARG A NH2 1 
ATOM   90  N N   . LEU A 1 12  ? -10.830 6.963   -9.460  1.00 18.03 ? 12  LEU A N   1 
ATOM   91  C CA  . LEU A 1 12  ? -10.729 6.107   -8.285  1.00 20.00 ? 12  LEU A CA  1 
ATOM   92  C C   . LEU A 1 12  ? -10.990 6.913   -7.020  1.00 21.17 ? 12  LEU A C   1 
ATOM   93  O O   . LEU A 1 12  ? -10.934 8.147   -7.012  1.00 21.11 ? 12  LEU A O   1 
ATOM   94  C CB  . LEU A 1 12  ? -9.355  5.435   -8.215  1.00 19.78 ? 12  LEU A CB  1 
ATOM   95  C CG  . LEU A 1 12  ? -8.113  6.333   -8.214  1.00 19.31 ? 12  LEU A CG  1 
ATOM   96  C CD1 . LEU A 1 12  ? -7.783  6.864   -6.821  1.00 20.86 ? 12  LEU A CD1 1 
ATOM   97  C CD2 . LEU A 1 12  ? -6.925  5.561   -8.773  1.00 20.24 ? 12  LEU A CD2 1 
ATOM   98  N N   . SER A 1 13  ? -11.240 6.186   -5.935  1.00 18.39 ? 13  SER A N   1 
ATOM   99  C CA  . SER A 1 13  ? -11.198 6.736   -4.589  1.00 17.99 ? 13  SER A CA  1 
ATOM   100 C C   . SER A 1 13  ? -9.995  6.130   -3.878  1.00 20.06 ? 13  SER A C   1 
ATOM   101 O O   . SER A 1 13  ? -9.760  4.916   -3.971  1.00 19.72 ? 13  SER A O   1 
ATOM   102 C CB  . SER A 1 13  ? -12.484 6.443   -3.799  1.00 20.68 ? 13  SER A CB  1 
ATOM   103 O OG  . SER A 1 13  ? -13.621 7.049   -4.392  1.00 20.71 ? 13  SER A OG  1 
ATOM   104 N N   . ALA A 1 14  ? -9.225  6.977   -3.192  1.00 18.49 ? 14  ALA A N   1 
ATOM   105 C CA  . ALA A 1 14  ? -8.054  6.489   -2.470  1.00 20.90 ? 14  ALA A CA  1 
ATOM   106 C C   . ALA A 1 14  ? -8.429  5.391   -1.485  1.00 20.05 ? 14  ALA A C   1 
ATOM   107 O O   . ALA A 1 14  ? -7.677  4.427   -1.304  1.00 17.32 ? 14  ALA A O   1 
ATOM   108 C CB  . ALA A 1 14  ? -7.357  7.646   -1.753  1.00 23.11 ? 14  ALA A CB  1 
ATOM   109 N N   . ALA A 1 15  ? -9.582  5.519   -0.828  1.00 20.10 ? 15  ALA A N   1 
ATOM   110 C CA  . ALA A 1 15  ? -10.063 4.470   0.055   1.00 19.34 ? 15  ALA A CA  1 
ATOM   111 C C   . ALA A 1 15  ? -11.567 4.323   -0.108  1.00 22.13 ? 15  ALA A C   1 
ATOM   112 O O   . ALA A 1 15  ? -12.276 5.308   -0.326  1.00 19.38 ? 15  ALA A O   1 
ATOM   113 C CB  . ALA A 1 15  ? -9.728  4.760   1.522   1.00 21.16 ? 15  ALA A CB  1 
ATOM   114 N N   . VAL A 1 16  ? -12.042 3.087   -0.033  1.00 18.40 ? 16  VAL A N   1 
ATOM   115 C CA  . VAL A 1 16  ? -13.469 2.797   0.045   1.00 17.15 ? 16  VAL A CA  1 
ATOM   116 C C   . VAL A 1 16  ? -13.704 1.940   1.276   1.00 19.19 ? 16  VAL A C   1 
ATOM   117 O O   . VAL A 1 16  ? -13.038 0.917   1.467   1.00 18.27 ? 16  VAL A O   1 
ATOM   118 C CB  . VAL A 1 16  ? -13.997 2.099   -1.220  1.00 16.80 ? 16  VAL A CB  1 
ATOM   119 C CG1 . VAL A 1 16  ? -15.456 1.695   -1.026  1.00 20.17 ? 16  VAL A CG1 1 
ATOM   120 C CG2 . VAL A 1 16  ? -13.858 3.008   -2.423  1.00 19.36 ? 16  VAL A CG2 1 
ATOM   121 N N   . CYS A 1 17  ? -14.636 2.366   2.119   1.00 20.18 ? 17  CYS A N   1 
ATOM   122 C CA  . CYS A 1 17  ? -14.961 1.662   3.348   1.00 20.86 ? 17  CYS A CA  1 
ATOM   123 C C   . CYS A 1 17  ? -16.335 1.021   3.224   1.00 19.99 ? 17  CYS A C   1 
ATOM   124 O O   . CYS A 1 17  ? -17.270 1.633   2.699   1.00 21.78 ? 17  CYS A O   1 
ATOM   125 C CB  . CYS A 1 17  ? -14.943 2.612   4.549   1.00 22.89 ? 17  CYS A CB  1 
ATOM   126 S SG  . CYS A 1 17  ? -13.357 3.465   4.754   1.00 24.70 ? 17  CYS A SG  1 
ATOM   127 N N   . PHE A 1 18  ? -16.444 -0.215  3.692   1.00 17.37 ? 18  PHE A N   1 
ATOM   128 C CA  . PHE A 1 18  ? -17.726 -0.910  3.706   1.00 18.58 ? 18  PHE A CA  1 
ATOM   129 C C   . PHE A 1 18  ? -17.764 -1.805  4.928   1.00 20.82 ? 18  PHE A C   1 
ATOM   130 O O   . PHE A 1 18  ? -16.926 -2.702  5.069   1.00 20.71 ? 18  PHE A O   1 
ATOM   131 C CB  . PHE A 1 18  ? -17.954 -1.725  2.432   1.00 19.25 ? 18  PHE A CB  1 
ATOM   132 C CG  . PHE A 1 18  ? -19.290 -2.409  2.402   1.00 20.98 ? 18  PHE A CG  1 
ATOM   133 C CD1 . PHE A 1 18  ? -20.458 -1.662  2.366   1.00 24.83 ? 18  PHE A CD1 1 
ATOM   134 C CD2 . PHE A 1 18  ? -19.382 -3.786  2.443   1.00 23.39 ? 18  PHE A CD2 1 
ATOM   135 C CE1 . PHE A 1 18  ? -21.697 -2.284  2.359   1.00 25.36 ? 18  PHE A CE1 1 
ATOM   136 C CE2 . PHE A 1 18  ? -20.618 -4.413  2.433   1.00 26.60 ? 18  PHE A CE2 1 
ATOM   137 C CZ  . PHE A 1 18  ? -21.774 -3.657  2.388   1.00 23.20 ? 18  PHE A CZ  1 
ATOM   138 N N   . ASP A 1 19  ? -18.744 -1.552  5.797   1.00 27.09 ? 19  ASP A N   1 
ATOM   139 C CA  . ASP A 1 19  ? -18.814 -2.177  7.108   1.00 25.88 ? 19  ASP A CA  1 
ATOM   140 C C   . ASP A 1 19  ? -17.475 -2.044  7.820   1.00 21.52 ? 19  ASP A C   1 
ATOM   141 O O   . ASP A 1 19  ? -17.000 -0.929  8.049   1.00 25.93 ? 19  ASP A O   1 
ATOM   142 C CB  . ASP A 1 19  ? -19.231 -3.640  6.986   1.00 29.93 ? 19  ASP A CB  1 
ATOM   143 C CG  . ASP A 1 19  ? -19.976 -4.137  8.216   1.00 34.04 ? 19  ASP A CG  1 
ATOM   144 O OD1 . ASP A 1 19  ? -20.000 -3.419  9.243   1.00 37.78 ? 19  ASP A OD1 1 
ATOM   145 O OD2 . ASP A 1 19  ? -20.547 -5.244  8.149   1.00 39.37 ? 19  ASP A OD2 1 
ATOM   146 N N   . ALA A 1 20  ? -16.855 -3.171  8.163   1.00 19.72 ? 20  ALA A N   1 
ATOM   147 C CA  . ALA A 1 20  ? -15.602 -3.164  8.904   1.00 20.21 ? 20  ALA A CA  1 
ATOM   148 C C   . ALA A 1 20  ? -14.385 -3.307  8.002   1.00 17.64 ? 20  ALA A C   1 
ATOM   149 O O   . ALA A 1 20  ? -13.290 -3.567  8.508   1.00 18.65 ? 20  ALA A O   1 
ATOM   150 C CB  . ALA A 1 20  ? -15.599 -4.274  9.953   1.00 23.87 ? 20  ALA A CB  1 
ATOM   151 N N   . LEU A 1 21  ? -14.549 -3.144  6.695   1.00 17.06 ? 21  LEU A N   1 
ATOM   152 C CA  . LEU A 1 21  ? -13.453 -3.324  5.751   1.00 15.77 ? 21  LEU A CA  1 
ATOM   153 C C   . LEU A 1 21  ? -13.064 -2.000  5.106   1.00 16.59 ? 21  LEU A C   1 
ATOM   154 O O   . LEU A 1 21  ? -13.905 -1.129  4.854   1.00 18.64 ? 21  LEU A O   1 
ATOM   155 C CB  . LEU A 1 21  ? -13.823 -4.329  4.654   1.00 17.47 ? 21  LEU A CB  1 
ATOM   156 C CG  . LEU A 1 21  ? -14.047 -5.763  5.148   1.00 17.45 ? 21  LEU A CG  1 
ATOM   157 C CD1 . LEU A 1 21  ? -14.510 -6.642  3.984   1.00 23.82 ? 21  LEU A CD1 1 
ATOM   158 C CD2 . LEU A 1 21  ? -12.776 -6.313  5.771   1.00 20.78 ? 21  LEU A CD2 1 
ATOM   159 N N   . VAL A 1 22  ? -11.771 -1.874  4.823   1.00 15.23 ? 22  VAL A N   1 
ATOM   160 C CA  . VAL A 1 22  ? -11.195 -0.712  4.170   1.00 16.88 ? 22  VAL A CA  1 
ATOM   161 C C   . VAL A 1 22  ? -10.436 -1.220  2.951   1.00 14.03 ? 22  VAL A C   1 
ATOM   162 O O   . VAL A 1 22  ? -9.525  -2.045  3.093   1.00 16.07 ? 22  VAL A O   1 
ATOM   163 C CB  . VAL A 1 22  ? -10.255 0.063   5.107   1.00 17.71 ? 22  VAL A CB  1 
ATOM   164 C CG1 . VAL A 1 22  ? -9.625  1.228   4.371   1.00 21.02 ? 22  VAL A CG1 1 
ATOM   165 C CG2 . VAL A 1 22  ? -11.003 0.508   6.388   1.00 22.96 ? 22  VAL A CG2 1 
ATOM   166 N N   . PHE A 1 23  ? -10.808 -0.740  1.766   1.00 13.87 ? 23  PHE A N   1 
ATOM   167 C CA  . PHE A 1 23  ? -10.127 -1.092  0.518   1.00 13.56 ? 23  PHE A CA  1 
ATOM   168 C C   . PHE A 1 23  ? -9.352  0.122   0.017   1.00 15.10 ? 23  PHE A C   1 
ATOM   169 O O   . PHE A 1 23  ? -9.949  1.145   -0.327  1.00 16.24 ? 23  PHE A O   1 
ATOM   170 C CB  . PHE A 1 23  ? -11.130 -1.545  -0.550  1.00 13.02 ? 23  PHE A CB  1 
ATOM   171 C CG  . PHE A 1 23  ? -11.923 -2.772  -0.176  1.00 15.92 ? 23  PHE A CG  1 
ATOM   172 C CD1 . PHE A 1 23  ? -13.007 -2.671  0.687   1.00 16.97 ? 23  PHE A CD1 1 
ATOM   173 C CD2 . PHE A 1 23  ? -11.602 -4.014  -0.710  1.00 15.59 ? 23  PHE A CD2 1 
ATOM   174 C CE1 . PHE A 1 23  ? -13.746 -3.799  1.039   1.00 18.19 ? 23  PHE A CE1 1 
ATOM   175 C CE2 . PHE A 1 23  ? -12.347 -5.147  -0.366  1.00 19.54 ? 23  PHE A CE2 1 
ATOM   176 C CZ  . PHE A 1 23  ? -13.421 -5.029  0.507   1.00 19.40 ? 23  PHE A CZ  1 
ATOM   177 N N   . LEU A 1 24  ? -8.030  0.003   -0.072  1.00 14.38 ? 24  LEU A N   1 
ATOM   178 C CA  . LEU A 1 24  ? -7.221  1.117   -0.553  1.00 15.53 ? 24  LEU A CA  1 
ATOM   179 C C   . LEU A 1 24  ? -6.869  0.932   -2.021  1.00 15.08 ? 24  LEU A C   1 
ATOM   180 O O   . LEU A 1 24  ? -6.589  -0.184  -2.465  1.00 15.75 ? 24  LEU A O   1 
ATOM   181 C CB  . LEU A 1 24  ? -5.937  1.256   0.262   1.00 15.83 ? 24  LEU A CB  1 
ATOM   182 C CG  . LEU A 1 24  ? -6.088  1.478   1.767   1.00 17.32 ? 24  LEU A CG  1 
ATOM   183 C CD1 . LEU A 1 24  ? -4.726  1.816   2.350   1.00 16.76 ? 24  LEU A CD1 1 
ATOM   184 C CD2 . LEU A 1 24  ? -7.103  2.567   2.087   1.00 18.42 ? 24  LEU A CD2 1 
ATOM   185 N N   . SER A 1 25  ? -6.890  2.031   -2.771  1.00 13.33 ? 25  SER A N   1 
ATOM   186 C CA  . SER A 1 25  ? -6.289  2.028   -4.095  1.00 15.20 ? 25  SER A CA  1 
ATOM   187 C C   . SER A 1 25  ? -4.798  1.710   -3.994  1.00 15.23 ? 25  SER A C   1 
ATOM   188 O O   . SER A 1 25  ? -4.142  1.997   -2.987  1.00 16.18 ? 25  SER A O   1 
ATOM   189 C CB  . SER A 1 25  ? -6.487  3.382   -4.779  1.00 16.94 ? 25  SER A CB  1 
ATOM   190 O OG  . SER A 1 25  ? -7.830  3.564   -5.205  1.00 16.95 ? 25  SER A OG  1 
ATOM   191 N N   . GLY A 1 26  ? -4.269  1.084   -5.040  1.00 14.64 ? 26  GLY A N   1 
ATOM   192 C CA  . GLY A 1 26  ? -2.830  0.916   -5.133  1.00 15.39 ? 26  GLY A CA  1 
ATOM   193 C C   . GLY A 1 26  ? -2.129  2.244   -4.921  1.00 14.28 ? 26  GLY A C   1 
ATOM   194 O O   . GLY A 1 26  ? -2.479  3.236   -5.568  1.00 15.16 ? 26  GLY A O   1 
ATOM   195 N N   . GLN A 1 27  ? -1.165  2.281   -4.010  1.00 13.90 ? 27  GLN A N   1 
ATOM   196 C CA  . GLN A 1 27  ? -0.431  3.502   -3.699  1.00 14.28 ? 27  GLN A CA  1 
ATOM   197 C C   . GLN A 1 27  ? 0.910   3.484   -4.413  1.00 16.42 ? 27  GLN A C   1 
ATOM   198 O O   . GLN A 1 27  ? 1.600   2.458   -4.441  1.00 16.41 ? 27  GLN A O   1 
ATOM   199 C CB  . GLN A 1 27  ? -0.245  3.665   -2.184  1.00 15.50 ? 27  GLN A CB  1 
ATOM   200 C CG  . GLN A 1 27  ? -1.561  3.959   -1.436  1.00 16.55 ? 27  GLN A CG  1 
ATOM   201 C CD  . GLN A 1 27  ? -2.289  5.136   -2.048  1.00 18.93 ? 27  GLN A CD  1 
ATOM   202 O OE1 . GLN A 1 27  ? -1.778  6.259   -2.063  1.00 19.96 ? 27  GLN A OE1 1 
ATOM   203 N NE2 . GLN A 1 27  ? -3.476  4.884   -2.582  1.00 16.06 ? 27  GLN A NE2 1 
ATOM   204 N N   . VAL A 1 28  ? 1.266   4.623   -4.992  1.00 15.94 ? 28  VAL A N   1 
ATOM   205 C CA  . VAL A 1 28  ? 2.485   4.765   -5.777  1.00 18.08 ? 28  VAL A CA  1 
ATOM   206 C C   . VAL A 1 28  ? 3.400   5.735   -5.041  1.00 23.59 ? 28  VAL A C   1 
ATOM   207 O O   . VAL A 1 28  ? 2.955   6.441   -4.120  1.00 24.26 ? 28  VAL A O   1 
ATOM   208 C CB  . VAL A 1 28  ? 2.185   5.228   -7.221  1.00 23.43 ? 28  VAL A CB  1 
ATOM   209 C CG1 . VAL A 1 28  ? 1.418   4.139   -7.978  1.00 21.92 ? 28  VAL A CG1 1 
ATOM   210 C CG2 . VAL A 1 28  ? 1.415   6.529   -7.218  1.00 23.90 ? 28  VAL A CG2 1 
ATOM   211 N N   . PRO A 1 29  ? 4.684   5.786   -5.386  1.00 22.27 ? 29  PRO A N   1 
ATOM   212 C CA  . PRO A 1 29  ? 5.620   6.590   -4.590  1.00 26.32 ? 29  PRO A CA  1 
ATOM   213 C C   . PRO A 1 29  ? 5.371   8.082   -4.759  1.00 26.43 ? 29  PRO A C   1 
ATOM   214 O O   . PRO A 1 29  ? 4.543   8.531   -5.556  1.00 27.91 ? 29  PRO A O   1 
ATOM   215 C CB  . PRO A 1 29  ? 6.998   6.196   -5.136  1.00 22.79 ? 29  PRO A CB  1 
ATOM   216 C CG  . PRO A 1 29  ? 6.737   5.517   -6.444  1.00 24.31 ? 29  PRO A CG  1 
ATOM   217 C CD  . PRO A 1 29  ? 5.386   4.896   -6.335  1.00 18.53 ? 29  PRO A CD  1 
ATOM   218 N N   . GLY A 1 30  ? 6.123   8.857   -3.983  1.00 30.98 ? 30  GLY A N   1 
ATOM   219 C CA  . GLY A 1 30  ? 6.128   10.294  -4.148  1.00 27.83 ? 30  GLY A CA  1 
ATOM   220 C C   . GLY A 1 30  ? 7.146   10.745  -5.180  1.00 31.58 ? 30  GLY A C   1 
ATOM   221 O O   . GLY A 1 30  ? 6.984   10.513  -6.383  1.00 33.42 ? 30  GLY A O   1 
ATOM   222 N N   . GLN A 1 31  ? 8.216   11.388  -4.724  1.00 34.55 ? 31  GLN A N   1 
ATOM   223 C CA  . GLN A 1 31  ? 9.211   11.940  -5.632  1.00 29.39 ? 31  GLN A CA  1 
ATOM   224 C C   . GLN A 1 31  ? 10.499  11.132  -5.670  1.00 31.23 ? 31  GLN A C   1 
ATOM   225 O O   . GLN A 1 31  ? 11.382  11.444  -6.477  1.00 28.70 ? 31  GLN A O   1 
ATOM   226 C CB  . GLN A 1 31  ? 9.514   13.394  -5.246  1.00 34.48 ? 31  GLN A CB  1 
ATOM   227 C CG  . GLN A 1 31  ? 8.257   14.202  -5.014  1.00 34.13 ? 31  GLN A CG  1 
ATOM   228 C CD  . GLN A 1 31  ? 8.484   15.693  -5.118  1.00 36.85 ? 31  GLN A CD  1 
ATOM   229 O OE1 . GLN A 1 31  ? 7.582   16.492  -4.837  1.00 39.40 ? 31  GLN A OE1 1 
ATOM   230 N NE2 . GLN A 1 31  ? 9.688   16.082  -5.523  1.00 38.47 ? 31  GLN A NE2 1 
ATOM   231 N N   . ALA A 1 32  ? 10.629  10.108  -4.833  1.00 23.92 ? 32  ALA A N   1 
ATOM   232 C CA  . ALA A 1 32  ? 11.850  9.317   -4.803  1.00 25.19 ? 32  ALA A CA  1 
ATOM   233 C C   . ALA A 1 32  ? 12.049  8.572   -6.119  1.00 25.31 ? 32  ALA A C   1 
ATOM   234 O O   . ALA A 1 32  ? 11.093  8.158   -6.784  1.00 25.27 ? 32  ALA A O   1 
ATOM   235 C CB  . ALA A 1 32  ? 11.819  8.327   -3.641  1.00 25.46 ? 32  ALA A CB  1 
ATOM   236 N N   . GLU A 1 33  ? 13.313  8.416   -6.500  1.00 26.37 ? 33  GLU A N   1 
ATOM   237 C CA  . GLU A 1 33  ? 13.651  7.700   -7.721  1.00 24.14 ? 33  GLU A CA  1 
ATOM   238 C C   . GLU A 1 33  ? 14.207  6.314   -7.458  1.00 27.04 ? 33  GLU A C   1 
ATOM   239 O O   . GLU A 1 33  ? 14.220  5.485   -8.374  1.00 27.56 ? 33  GLU A O   1 
ATOM   240 C CB  . GLU A 1 33  ? 14.677  8.498   -8.533  1.00 29.63 ? 33  GLU A CB  1 
ATOM   241 C CG  . GLU A 1 33  ? 14.291  9.942   -8.763  1.00 31.69 ? 33  GLU A CG  1 
ATOM   242 C CD  . GLU A 1 33  ? 15.132  10.594  -9.844  1.00 43.02 ? 33  GLU A CD  1 
ATOM   243 O OE1 . GLU A 1 33  ? 15.492  9.897   -10.816 1.00 47.17 ? 33  GLU A OE1 1 
ATOM   244 O OE2 . GLU A 1 33  ? 15.436  11.797  -9.717  1.00 48.85 ? 33  GLU A OE2 1 
ATOM   245 N N   . ASP A 1 34  ? 14.669  6.067   -6.241  1.00 24.28 ? 34  ASP A N   1 
ATOM   246 C CA  . ASP A 1 34  ? 15.290  4.833   -5.795  1.00 26.47 ? 34  ASP A CA  1 
ATOM   247 C C   . ASP A 1 34  ? 14.253  3.925   -5.154  1.00 23.30 ? 34  ASP A C   1 
ATOM   248 O O   . ASP A 1 34  ? 13.216  4.381   -4.673  1.00 22.33 ? 34  ASP A O   1 
ATOM   249 C CB  . ASP A 1 34  ? 16.396  5.141   -4.785  1.00 30.23 ? 34  ASP A CB  1 
ATOM   250 C CG  . ASP A 1 34  ? 15.870  5.887   -3.556  1.00 28.91 ? 34  ASP A CG  1 
ATOM   251 O OD1 . ASP A 1 34  ? 15.222  6.949   -3.725  1.00 31.35 ? 34  ASP A OD1 1 
ATOM   252 O OD2 . ASP A 1 34  ? 16.095  5.406   -2.426  1.00 29.69 ? 34  ASP A OD2 1 
ATOM   253 N N   . ILE A 1 35  ? 14.568  2.631   -5.106  1.00 21.40 ? 35  ILE A N   1 
ATOM   254 C CA  . ILE A 1 35  ? 13.606  1.654   -4.602  1.00 19.26 ? 35  ILE A CA  1 
ATOM   255 C C   . ILE A 1 35  ? 13.359  1.847   -3.110  1.00 23.95 ? 35  ILE A C   1 
ATOM   256 O O   . ILE A 1 35  ? 12.211  1.787   -2.652  1.00 21.03 ? 35  ILE A O   1 
ATOM   257 C CB  . ILE A 1 35  ? 14.066  0.221   -4.929  1.00 23.24 ? 35  ILE A CB  1 
ATOM   258 C CG1 . ILE A 1 35  ? 13.106  -0.802  -4.337  1.00 19.60 ? 35  ILE A CG1 1 
ATOM   259 C CG2 . ILE A 1 35  ? 15.477  -0.033  -4.427  1.00 22.11 ? 35  ILE A CG2 1 
ATOM   260 C CD1 . ILE A 1 35  ? 11.702  -0.737  -4.939  1.00 19.02 ? 35  ILE A CD1 1 
ATOM   261 N N   . HIS A 1 36  ? 14.413  2.093   -2.325  1.00 20.81 ? 36  HIS A N   1 
ATOM   262 C CA  . HIS A 1 36  ? 14.221  2.310   -0.892  1.00 23.33 ? 36  HIS A CA  1 
ATOM   263 C C   . HIS A 1 36  ? 13.328  3.514   -0.644  1.00 20.02 ? 36  HIS A C   1 
ATOM   264 O O   . HIS A 1 36  ? 12.324  3.418   0.074   1.00 20.07 ? 36  HIS A O   1 
ATOM   265 C CB  . HIS A 1 36  ? 15.569  2.493   -0.187  1.00 22.85 ? 36  HIS A CB  1 
ATOM   266 C CG  . HIS A 1 36  ? 16.335  1.223   -0.010  1.00 25.99 ? 36  HIS A CG  1 
ATOM   267 N ND1 . HIS A 1 36  ? 17.265  0.784   -0.930  1.00 29.60 ? 36  HIS A ND1 1 
ATOM   268 C CD2 . HIS A 1 36  ? 16.323  0.302   0.980   1.00 26.82 ? 36  HIS A CD2 1 
ATOM   269 C CE1 . HIS A 1 36  ? 17.787  -0.355  -0.514  1.00 31.16 ? 36  HIS A CE1 1 
ATOM   270 N NE2 . HIS A 1 36  ? 17.231  -0.672  0.641   1.00 30.96 ? 36  HIS A NE2 1 
ATOM   271 N N   . GLY A 1 37  ? 13.660  4.649   -1.259  1.00 23.55 ? 37  GLY A N   1 
ATOM   272 C CA  . GLY A 1 37  ? 12.864  5.849   -1.062  1.00 21.38 ? 37  GLY A CA  1 
ATOM   273 C C   . GLY A 1 37  ? 11.433  5.684   -1.533  1.00 24.55 ? 37  GLY A C   1 
ATOM   274 O O   . GLY A 1 37  ? 10.493  6.112   -0.859  1.00 23.46 ? 37  GLY A O   1 
ATOM   275 N N   . GLN A 1 38  ? 11.247  5.053   -2.694  1.00 21.02 ? 38  GLN A N   1 
ATOM   276 C CA  . GLN A 1 38  ? 9.900   4.871   -3.226  1.00 20.21 ? 38  GLN A CA  1 
ATOM   277 C C   . GLN A 1 38  ? 9.058   3.981   -2.327  1.00 19.60 ? 38  GLN A C   1 
ATOM   278 O O   . GLN A 1 38  ? 7.859   4.235   -2.148  1.00 18.46 ? 38  GLN A O   1 
ATOM   279 C CB  . GLN A 1 38  ? 9.963   4.284   -4.638  1.00 19.62 ? 38  GLN A CB  1 
ATOM   280 C CG  . GLN A 1 38  ? 10.429  5.276   -5.684  1.00 19.92 ? 38  GLN A CG  1 
ATOM   281 C CD  . GLN A 1 38  ? 10.100  4.818   -7.084  1.00 20.95 ? 38  GLN A CD  1 
ATOM   282 O OE1 . GLN A 1 38  ? 9.584   3.712   -7.276  1.00 18.24 ? 38  GLN A OE1 1 
ATOM   283 N NE2 . GLN A 1 38  ? 10.380  5.656   -8.068  1.00 18.57 ? 38  GLN A NE2 1 
ATOM   284 N N   . THR A 1 39  ? 9.652   2.927   -1.768  1.00 19.53 ? 39  THR A N   1 
ATOM   285 C CA  . THR A 1 39  ? 8.892   2.052   -0.884  1.00 17.19 ? 39  THR A CA  1 
ATOM   286 C C   . THR A 1 39  ? 8.486   2.792   0.381   1.00 18.31 ? 39  THR A C   1 
ATOM   287 O O   . THR A 1 39  ? 7.354   2.653   0.844   1.00 18.78 ? 39  THR A O   1 
ATOM   288 C CB  . THR A 1 39  ? 9.692   0.794   -0.550  1.00 19.24 ? 39  THR A CB  1 
ATOM   289 O OG1 . THR A 1 39  ? 10.085  0.152   -1.779  1.00 19.12 ? 39  THR A OG1 1 
ATOM   290 C CG2 . THR A 1 39  ? 8.853   -0.172  0.259   1.00 18.40 ? 39  THR A CG2 1 
ATOM   291 N N   . ARG A 1 40  ? 9.391   3.613   0.920   1.00 20.85 ? 40  ARG A N   1 
ATOM   292 C CA  . ARG A 1 40  ? 9.053   4.454   2.068   1.00 19.09 ? 40  ARG A CA  1 
ATOM   293 C C   . ARG A 1 40  ? 7.864   5.346   1.768   1.00 19.73 ? 40  ARG A C   1 
ATOM   294 O O   . ARG A 1 40  ? 6.970   5.513   2.612   1.00 20.98 ? 40  ARG A O   1 
ATOM   295 C CB  . ARG A 1 40  ? 10.261  5.315   2.455   1.00 22.24 ? 40  ARG A CB  1 
ATOM   296 C CG  . ARG A 1 40  ? 11.414  4.562   3.092   1.00 28.02 ? 40  ARG A CG  1 
ATOM   297 C CD  . ARG A 1 40  ? 12.469  5.521   3.692   1.00 34.42 ? 40  ARG A CD  1 
ATOM   298 N NE  . ARG A 1 40  ? 13.034  6.461   2.724   1.00 34.53 ? 40  ARG A NE  1 
ATOM   299 C CZ  . ARG A 1 40  ? 12.579  7.691   2.519   1.00 28.71 ? 40  ARG A CZ  1 
ATOM   300 N NH1 . ARG A 1 40  ? 11.542  8.165   3.189   1.00 30.75 ? 40  ARG A NH1 1 
ATOM   301 N NH2 . ARG A 1 40  ? 13.177  8.464   1.617   1.00 30.90 ? 40  ARG A NH2 1 
ATOM   302 N N   . GLU A 1 41  ? 7.853   5.962   0.590   1.00 19.33 ? 41  GLU A N   1 
ATOM   303 C CA  . GLU A 1 41  ? 6.796   6.899   0.245   1.00 19.27 ? 41  GLU A CA  1 
ATOM   304 C C   . GLU A 1 41  ? 5.467   6.179   0.047   1.00 21.06 ? 41  GLU A C   1 
ATOM   305 O O   . GLU A 1 41  ? 4.429   6.639   0.537   1.00 19.05 ? 41  GLU A O   1 
ATOM   306 C CB  . GLU A 1 41  ? 7.212   7.703   -0.984  1.00 19.92 ? 41  GLU A CB  1 
ATOM   307 C CG  . GLU A 1 41  ? 8.452   8.536   -0.665  1.00 25.91 ? 41  GLU A CG  1 
ATOM   308 C CD  . GLU A 1 41  ? 8.982   9.326   -1.829  1.00 30.54 ? 41  GLU A CD  1 
ATOM   309 O OE1 . GLU A 1 41  ? 8.631   8.992   -2.979  1.00 26.00 ? 41  GLU A OE1 1 
ATOM   310 O OE2 . GLU A 1 41  ? 9.759   10.283  -1.581  1.00 36.92 ? 41  GLU A OE2 1 
ATOM   311 N N   . VAL A 1 42  ? 5.488   5.028   -0.625  1.00 18.07 ? 42  VAL A N   1 
ATOM   312 C CA  . VAL A 1 42  ? 4.273   4.233   -0.783  1.00 16.83 ? 42  VAL A CA  1 
ATOM   313 C C   . VAL A 1 42  ? 3.697   3.876   0.578   1.00 17.70 ? 42  VAL A C   1 
ATOM   314 O O   . VAL A 1 42  ? 2.498   4.050   0.831   1.00 16.29 ? 42  VAL A O   1 
ATOM   315 C CB  . VAL A 1 42  ? 4.570   2.971   -1.618  1.00 15.57 ? 42  VAL A CB  1 
ATOM   316 C CG1 . VAL A 1 42  ? 3.397   1.976   -1.527  1.00 15.52 ? 42  VAL A CG1 1 
ATOM   317 C CG2 . VAL A 1 42  ? 4.841   3.349   -3.053  1.00 17.82 ? 42  VAL A CG2 1 
ATOM   318 N N   . LEU A 1 43  ? 4.542   3.371   1.478   1.00 17.75 ? 43  LEU A N   1 
ATOM   319 C CA  . LEU A 1 43  ? 4.067   2.917   2.778   1.00 15.10 ? 43  LEU A CA  1 
ATOM   320 C C   . LEU A 1 43  ? 3.593   4.082   3.642   1.00 17.50 ? 43  LEU A C   1 
ATOM   321 O O   . LEU A 1 43  ? 2.639   3.930   4.411   1.00 19.10 ? 43  LEU A O   1 
ATOM   322 C CB  . LEU A 1 43  ? 5.161   2.117   3.478   1.00 17.78 ? 43  LEU A CB  1 
ATOM   323 C CG  . LEU A 1 43  ? 5.549   0.812   2.764   1.00 17.52 ? 43  LEU A CG  1 
ATOM   324 C CD1 . LEU A 1 43  ? 6.682   0.117   3.502   1.00 19.67 ? 43  LEU A CD1 1 
ATOM   325 C CD2 . LEU A 1 43  ? 4.312   -0.089  2.688   1.00 19.30 ? 43  LEU A CD2 1 
ATOM   326 N N   . ALA A 1 44  ? 4.227   5.249   3.505   1.00 18.17 ? 44  ALA A N   1 
ATOM   327 C CA  . ALA A 1 44  ? 3.747   6.434   4.217   1.00 19.40 ? 44  ALA A CA  1 
ATOM   328 C C   . ALA A 1 44  ? 2.353   6.826   3.748   1.00 19.64 ? 44  ALA A C   1 
ATOM   329 O O   . ALA A 1 44  ? 1.497   7.210   4.562   1.00 19.00 ? 44  ALA A O   1 
ATOM   330 C CB  . ALA A 1 44  ? 4.723   7.596   4.020   1.00 19.36 ? 44  ALA A CB  1 
ATOM   331 N N   . LYS A 1 45  ? 2.106   6.736   2.438   1.00 17.78 ? 45  LYS A N   1 
ATOM   332 C CA  . LYS A 1 45  ? 0.790   7.050   1.895   1.00 17.44 ? 45  LYS A CA  1 
ATOM   333 C C   . LYS A 1 45  ? -0.252  6.067   2.400   1.00 18.31 ? 45  LYS A C   1 
ATOM   334 O O   . LYS A 1 45  ? -1.372  6.461   2.743   1.00 17.81 ? 45  LYS A O   1 
ATOM   335 C CB  . LYS A 1 45  ? 0.830   7.038   0.368   1.00 18.84 ? 45  LYS A CB  1 
ATOM   336 C CG  . LYS A 1 45  ? 1.578   8.180   -0.251  1.00 21.34 ? 45  LYS A CG  1 
ATOM   337 C CD  . LYS A 1 45  ? 1.313   8.149   -1.742  1.00 23.98 ? 45  LYS A CD  1 
ATOM   338 C CE  . LYS A 1 45  ? 2.260   9.027   -2.505  1.00 29.80 ? 45  LYS A CE  1 
ATOM   339 N NZ  . LYS A 1 45  ? 1.816   9.063   -3.919  1.00 25.99 ? 45  LYS A NZ  1 
ATOM   340 N N   . ILE A 1 46  ? 0.108   4.786   2.480   1.00 17.14 ? 46  ILE A N   1 
ATOM   341 C CA  . ILE A 1 46  ? -0.828  3.785   2.983   1.00 15.78 ? 46  ILE A CA  1 
ATOM   342 C C   . ILE A 1 46  ? -1.171  4.069   4.441   1.00 18.13 ? 46  ILE A C   1 
ATOM   343 O O   . ILE A 1 46  ? -2.337  4.001   4.844   1.00 17.75 ? 46  ILE A O   1 
ATOM   344 C CB  . ILE A 1 46  ? -0.236  2.376   2.777   1.00 15.34 ? 46  ILE A CB  1 
ATOM   345 C CG1 . ILE A 1 46  ? -0.271  2.012   1.294   1.00 16.78 ? 46  ILE A CG1 1 
ATOM   346 C CG2 . ILE A 1 46  ? -0.973  1.324   3.617   1.00 20.01 ? 46  ILE A CG2 1 
ATOM   347 C CD1 . ILE A 1 46  ? 0.406   0.695   0.986   1.00 17.50 ? 46  ILE A CD1 1 
ATOM   348 N N   . ASP A 1 47  ? -0.173  4.429   5.245   1.00 17.03 ? 47  ASP A N   1 
ATOM   349 C CA  . ASP A 1 47  ? -0.448  4.658   6.662   1.00 18.33 ? 47  ASP A CA  1 
ATOM   350 C C   . ASP A 1 47  ? -1.391  5.831   6.870   1.00 20.96 ? 47  ASP A C   1 
ATOM   351 O O   . ASP A 1 47  ? -2.275  5.767   7.733   1.00 18.87 ? 47  ASP A O   1 
ATOM   352 C CB  . ASP A 1 47  ? 0.853   4.857   7.423   1.00 33.18 ? 47  ASP A CB  1 
ATOM   353 C CG  . ASP A 1 47  ? 1.359   3.574   7.969   1.00 37.02 ? 47  ASP A CG  1 
ATOM   354 O OD1 . ASP A 1 47  ? 0.524   2.638   8.006   1.00 42.43 ? 47  ASP A OD1 1 
ATOM   355 O OD2 . ASP A 1 47  ? 2.560   3.479   8.332   1.00 43.48 ? 47  ASP A OD2 1 
ATOM   356 N N   . ALA A 1 48  ? -1.240  6.897   6.085   1.00 19.16 ? 48  ALA A N   1 
ATOM   357 C CA  . ALA A 1 48  ? -2.160  8.024   6.219   1.00 18.60 ? 48  ALA A CA  1 
ATOM   358 C C   . ALA A 1 48  ? -3.573  7.636   5.812   1.00 20.61 ? 48  ALA A C   1 
ATOM   359 O O   . ALA A 1 48  ? -4.547  8.049   6.452   1.00 22.09 ? 48  ALA A O   1 
ATOM   360 C CB  . ALA A 1 48  ? -1.676  9.203   5.380   1.00 19.65 ? 48  ALA A CB  1 
ATOM   361 N N   . LEU A 1 49  ? -3.711  6.852   4.742   1.00 18.73 ? 49  LEU A N   1 
ATOM   362 C CA  . LEU A 1 49  ? -5.041  6.434   4.312   1.00 18.70 ? 49  LEU A CA  1 
ATOM   363 C C   . LEU A 1 49  ? -5.694  5.520   5.341   1.00 20.77 ? 49  LEU A C   1 
ATOM   364 O O   . LEU A 1 49  ? -6.895  5.641   5.605   1.00 19.56 ? 49  LEU A O   1 
ATOM   365 C CB  . LEU A 1 49  ? -4.959  5.747   2.946   1.00 16.21 ? 49  LEU A CB  1 
ATOM   366 C CG  . LEU A 1 49  ? -4.763  6.693   1.764   1.00 20.36 ? 49  LEU A CG  1 
ATOM   367 C CD1 . LEU A 1 49  ? -4.477  5.895   0.511   1.00 18.34 ? 49  LEU A CD1 1 
ATOM   368 C CD2 . LEU A 1 49  ? -5.980  7.595   1.561   1.00 20.80 ? 49  LEU A CD2 1 
ATOM   369 N N   . LEU A 1 50  ? -4.930  4.596   5.931   1.00 17.92 ? 50  LEU A N   1 
ATOM   370 C CA  . LEU A 1 50  ? -5.470  3.777   7.013   1.00 17.14 ? 50  LEU A CA  1 
ATOM   371 C C   . LEU A 1 50  ? -5.988  4.655   8.141   1.00 19.59 ? 50  LEU A C   1 
ATOM   372 O O   . LEU A 1 50  ? -7.097  4.447   8.647   1.00 21.09 ? 50  LEU A O   1 
ATOM   373 C CB  . LEU A 1 50  ? -4.408  2.813   7.537   1.00 17.28 ? 50  LEU A CB  1 
ATOM   374 C CG  . LEU A 1 50  ? -3.976  1.714   6.559   1.00 18.79 ? 50  LEU A CG  1 
ATOM   375 C CD1 . LEU A 1 50  ? -2.844  0.906   7.166   1.00 20.24 ? 50  LEU A CD1 1 
ATOM   376 C CD2 . LEU A 1 50  ? -5.178  0.831   6.246   1.00 19.68 ? 50  LEU A CD2 1 
ATOM   377 N N   . ALA A 1 51  ? -5.203  5.666   8.525   1.00 20.97 ? 51  ALA A N   1 
ATOM   378 C CA  . ALA A 1 51  ? -5.621  6.567   9.596   1.00 24.40 ? 51  ALA A CA  1 
ATOM   379 C C   . ALA A 1 51  ? -6.923  7.267   9.236   1.00 24.24 ? 51  ALA A C   1 
ATOM   380 O O   . ALA A 1 51  ? -7.865  7.309   10.041  1.00 25.21 ? 51  ALA A O   1 
ATOM   381 C CB  . ALA A 1 51  ? -4.512  7.581   9.882   1.00 22.71 ? 51  ALA A CB  1 
ATOM   382 N N   . GLU A 1 52  ? -6.999  7.801   8.017   1.00 22.05 ? 52  GLU A N   1 
ATOM   383 C CA  . GLU A 1 52  ? -8.196  8.497   7.552   1.00 22.15 ? 52  GLU A CA  1 
ATOM   384 C C   . GLU A 1 52  ? -9.424  7.596   7.568   1.00 24.53 ? 52  GLU A C   1 
ATOM   385 O O   . GLU A 1 52  ? -10.544 8.064   7.813   1.00 23.74 ? 52  GLU A O   1 
ATOM   386 C CB  . GLU A 1 52  ? -7.959  9.029   6.141   1.00 26.64 ? 52  GLU A CB  1 
ATOM   387 C CG  . GLU A 1 52  ? -7.168  10.306  6.096   1.00 31.07 ? 52  GLU A CG  1 
ATOM   388 C CD  . GLU A 1 52  ? -8.075  11.512  6.304   1.00 41.86 ? 52  GLU A CD  1 
ATOM   389 O OE1 . GLU A 1 52  ? -8.575  12.053  5.299   1.00 50.50 ? 52  GLU A OE1 1 
ATOM   390 O OE2 . GLU A 1 52  ? -8.344  11.892  7.472   1.00 44.40 ? 52  GLU A OE2 1 
ATOM   391 N N   . ALA A 1 53  ? -9.238  6.306   7.289   1.00 20.70 ? 53  ALA A N   1 
ATOM   392 C CA  . ALA A 1 53  ? -10.339 5.360   7.160   1.00 22.19 ? 53  ALA A CA  1 
ATOM   393 C C   . ALA A 1 53  ? -10.700 4.663   8.470   1.00 21.65 ? 53  ALA A C   1 
ATOM   394 O O   . ALA A 1 53  ? -11.518 3.737   8.460   1.00 24.39 ? 53  ALA A O   1 
ATOM   395 C CB  . ALA A 1 53  ? -9.994  4.311   6.096   1.00 21.56 ? 53  ALA A CB  1 
ATOM   396 N N   . GLY A 1 54  ? -10.121 5.073   9.591   1.00 21.17 ? 54  GLY A N   1 
ATOM   397 C CA  . GLY A 1 54  ? -10.414 4.411   10.844  1.00 23.46 ? 54  GLY A CA  1 
ATOM   398 C C   . GLY A 1 54  ? -9.714  3.090   11.054  1.00 22.98 ? 54  GLY A C   1 
ATOM   399 O O   . GLY A 1 54  ? -10.201 2.262   11.834  1.00 23.09 ? 54  GLY A O   1 
ATOM   400 N N   . SER A 1 55  ? -8.589  2.858   10.382  1.00 19.97 ? 55  SER A N   1 
ATOM   401 C CA  . SER A 1 55  ? -7.791  1.651   10.564  1.00 20.16 ? 55  SER A CA  1 
ATOM   402 C C   . SER A 1 55  ? -6.388  2.038   11.044  1.00 19.93 ? 55  SER A C   1 
ATOM   403 O O   . SER A 1 55  ? -6.145  3.176   11.460  1.00 21.97 ? 55  SER A O   1 
ATOM   404 C CB  . SER A 1 55  ? -7.752  0.841   9.261   1.00 19.84 ? 55  SER A CB  1 
ATOM   405 O OG  . SER A 1 55  ? -7.227  -0.458  9.481   1.00 21.14 ? 55  SER A OG  1 
ATOM   406 N N   . ARG A 1 56  ? -5.456  1.089   10.961  1.00 20.37 ? 56  ARG A N   1 
ATOM   407 C CA  . ARG A 1 56  ? -4.079  1.280   11.409  1.00 20.95 ? 56  ARG A CA  1 
ATOM   408 C C   . ARG A 1 56  ? -3.245  0.126   10.859  1.00 20.47 ? 56  ARG A C   1 
ATOM   409 O O   . ARG A 1 56  ? -3.793  -0.869  10.375  1.00 19.10 ? 56  ARG A O   1 
ATOM   410 C CB  . ARG A 1 56  ? -3.994  1.354   12.940  1.00 20.16 ? 56  ARG A CB  1 
ATOM   411 C CG  . ARG A 1 56  ? -4.592  0.150   13.654  1.00 18.53 ? 56  ARG A CG  1 
ATOM   412 C CD  . ARG A 1 56  ? -4.684  0.378   15.166  1.00 20.78 ? 56  ARG A CD  1 
ATOM   413 N NE  . ARG A 1 56  ? -3.374  0.611   15.759  1.00 25.75 ? 56  ARG A NE  1 
ATOM   414 C CZ  . ARG A 1 56  ? -3.169  0.839   17.051  1.00 24.31 ? 56  ARG A CZ  1 
ATOM   415 N NH1 . ARG A 1 56  ? -4.171  0.859   17.915  1.00 26.01 ? 56  ARG A NH1 1 
ATOM   416 N NH2 . ARG A 1 56  ? -1.928  1.050   17.484  1.00 26.67 ? 56  ARG A NH2 1 
ATOM   417 N N   . LYS A 1 57  ? -1.912  0.266   10.948  1.00 20.84 ? 57  LYS A N   1 
ATOM   418 C CA  . LYS A 1 57  ? -1.021  -0.766  10.407  1.00 21.39 ? 57  LYS A CA  1 
ATOM   419 C C   . LYS A 1 57  ? -1.321  -2.131  11.000  1.00 23.45 ? 57  LYS A C   1 
ATOM   420 O O   . LYS A 1 57  ? -1.283  -3.144  10.292  1.00 20.78 ? 57  LYS A O   1 
ATOM   421 C CB  . LYS A 1 57  ? 0.451   -0.439  10.672  1.00 23.28 ? 57  LYS A CB  1 
ATOM   422 C CG  . LYS A 1 57  ? 0.938   0.843   10.124  1.00 26.51 ? 57  LYS A CG  1 
ATOM   423 C CD  . LYS A 1 57  ? 2.456   0.855   10.017  1.00 29.55 ? 57  LYS A CD  1 
ATOM   424 C CE  . LYS A 1 57  ? 3.077   1.776   11.043  1.00 35.50 ? 57  LYS A CE  1 
ATOM   425 N NZ  . LYS A 1 57  ? 4.537   1.936   10.751  1.00 29.48 ? 57  LYS A NZ  1 
ATOM   426 N N   . GLU A 1 58  ? -1.616  -2.182  12.305  1.00 20.95 ? 58  GLU A N   1 
ATOM   427 C CA  . GLU A 1 58  ? -1.853  -3.447  12.980  1.00 22.24 ? 58  GLU A CA  1 
ATOM   428 C C   . GLU A 1 58  ? -3.108  -4.152  12.491  1.00 20.13 ? 58  GLU A C   1 
ATOM   429 O O   . GLU A 1 58  ? -3.351  -5.299  12.890  1.00 23.94 ? 58  GLU A O   1 
ATOM   430 C CB  . GLU A 1 58  ? -1.975  -3.222  14.493  1.00 23.15 ? 58  GLU A CB  1 
ATOM   431 C CG  . GLU A 1 58  ? -0.717  -2.736  15.176  1.00 26.49 ? 58  GLU A CG  1 
ATOM   432 C CD  . GLU A 1 58  ? -0.459  -1.242  15.017  1.00 32.46 ? 58  GLU A CD  1 
ATOM   433 O OE1 . GLU A 1 58  ? -1.193  -0.536  14.278  1.00 30.42 ? 58  GLU A OE1 1 
ATOM   434 O OE2 . GLU A 1 58  ? 0.515   -0.754  15.630  1.00 39.41 ? 58  GLU A OE2 1 
ATOM   435 N N   . ARG A 1 59  ? -3.931  -3.489  11.679  1.00 19.38 ? 59  ARG A N   1 
ATOM   436 C CA  . ARG A 1 59  ? -5.183  -4.063  11.216  1.00 19.59 ? 59  ARG A CA  1 
ATOM   437 C C   . ARG A 1 59  ? -5.192  -4.317  9.715   1.00 16.68 ? 59  ARG A C   1 
ATOM   438 O O   . ARG A 1 59  ? -6.257  -4.565  9.146   1.00 16.65 ? 59  ARG A O   1 
ATOM   439 C CB  . ARG A 1 59  ? -6.348  -3.165  11.623  1.00 20.26 ? 59  ARG A CB  1 
ATOM   440 C CG  . ARG A 1 59  ? -6.507  -3.107  13.147  1.00 25.04 ? 59  ARG A CG  1 
ATOM   441 C CD  . ARG A 1 59  ? -7.701  -2.273  13.596  1.00 25.90 ? 59  ARG A CD  1 
ATOM   442 N NE  . ARG A 1 59  ? -8.979  -2.909  13.304  1.00 28.97 ? 59  ARG A NE  1 
ATOM   443 C CZ  . ARG A 1 59  ? -9.588  -3.782  14.095  1.00 31.16 ? 59  ARG A CZ  1 
ATOM   444 N NH1 . ARG A 1 59  ? -9.030  -4.208  15.217  1.00 30.89 ? 59  ARG A NH1 1 
ATOM   445 N NH2 . ARG A 1 59  ? -10.788 -4.240  13.751  1.00 27.32 ? 59  ARG A NH2 1 
ATOM   446 N N   . ILE A 1 60  ? -4.030  -4.270  9.061   1.00 17.60 ? 60  ILE A N   1 
ATOM   447 C CA  . ILE A 1 60  ? -3.947  -4.678  7.663   1.00 16.46 ? 60  ILE A CA  1 
ATOM   448 C C   . ILE A 1 60  ? -4.260  -6.163  7.553   1.00 15.72 ? 60  ILE A C   1 
ATOM   449 O O   . ILE A 1 60  ? -3.755  -6.983  8.332   1.00 17.27 ? 60  ILE A O   1 
ATOM   450 C CB  . ILE A 1 60  ? -2.559  -4.365  7.092   1.00 17.84 ? 60  ILE A CB  1 
ATOM   451 C CG1 . ILE A 1 60  ? -2.265  -2.868  7.186   1.00 18.73 ? 60  ILE A CG1 1 
ATOM   452 C CG2 . ILE A 1 60  ? -2.459  -4.832  5.638   1.00 15.79 ? 60  ILE A CG2 1 
ATOM   453 C CD1 . ILE A 1 60  ? -0.800  -2.510  6.910   1.00 19.08 ? 60  ILE A CD1 1 
ATOM   454 N N   . LEU A 1 61  ? -5.094  -6.517  6.577   1.00 14.90 ? 61  LEU A N   1 
ATOM   455 C CA  . LEU A 1 61  ? -5.471  -7.897  6.318   1.00 14.59 ? 61  LEU A CA  1 
ATOM   456 C C   . LEU A 1 61  ? -4.676  -8.509  5.176   1.00 15.51 ? 61  LEU A C   1 
ATOM   457 O O   . LEU A 1 61  ? -4.221  -9.656  5.285   1.00 15.40 ? 61  LEU A O   1 
ATOM   458 C CB  . LEU A 1 61  ? -6.971  -7.975  6.008   1.00 16.74 ? 61  LEU A CB  1 
ATOM   459 C CG  . LEU A 1 61  ? -7.867  -7.433  7.127   1.00 18.22 ? 61  LEU A CG  1 
ATOM   460 C CD1 . LEU A 1 61  ? -9.324  -7.449  6.701   1.00 17.15 ? 61  LEU A CD1 1 
ATOM   461 C CD2 . LEU A 1 61  ? -7.672  -8.222  8.417   1.00 18.09 ? 61  LEU A CD2 1 
ATOM   462 N N   . SER A 1 62  ? -4.475  -7.749  4.103   1.00 15.05 ? 62  SER A N   1 
ATOM   463 C CA  . SER A 1 62  ? -3.750  -8.242  2.941   1.00 13.42 ? 62  SER A CA  1 
ATOM   464 C C   . SER A 1 62  ? -3.030  -7.092  2.257   1.00 16.28 ? 62  SER A C   1 
ATOM   465 O O   . SER A 1 62  ? -3.504  -5.950  2.242   1.00 15.04 ? 62  SER A O   1 
ATOM   466 C CB  . SER A 1 62  ? -4.701  -8.916  1.946   1.00 16.53 ? 62  SER A CB  1 
ATOM   467 O OG  . SER A 1 62  ? -5.611  -7.966  1.412   1.00 19.53 ? 62  SER A OG  1 
ATOM   468 N N   . ALA A 1 63  ? -1.898  -7.420  1.647   1.00 14.02 ? 63  ALA A N   1 
ATOM   469 C CA  . ALA A 1 63  ? -1.151  -6.492  0.818   1.00 13.24 ? 63  ALA A CA  1 
ATOM   470 C C   . ALA A 1 63  ? -0.688  -7.246  -0.413  1.00 13.75 ? 63  ALA A C   1 
ATOM   471 O O   . ALA A 1 63  ? -0.070  -8.304  -0.285  1.00 15.70 ? 63  ALA A O   1 
ATOM   472 C CB  . ALA A 1 63  ? 0.067   -5.920  1.563   1.00 16.15 ? 63  ALA A CB  1 
ATOM   473 N N   . THR A 1 64  ? -1.003  -6.725  -1.594  1.00 12.73 ? 64  THR A N   1 
ATOM   474 C CA  . THR A 1 64  ? -0.360  -7.169  -2.825  1.00 12.44 ? 64  THR A CA  1 
ATOM   475 C C   . THR A 1 64  ? 0.673   -6.115  -3.198  1.00 13.47 ? 64  THR A C   1 
ATOM   476 O O   . THR A 1 64  ? 0.345   -4.927  -3.331  1.00 13.50 ? 64  THR A O   1 
ATOM   477 C CB  . THR A 1 64  ? -1.358  -7.401  -3.962  1.00 14.32 ? 64  THR A CB  1 
ATOM   478 O OG1 . THR A 1 64  ? -2.265  -8.449  -3.580  1.00 19.67 ? 64  THR A OG1 1 
ATOM   479 C CG2 . THR A 1 64  ? -0.621  -7.848  -5.220  1.00 14.13 ? 64  THR A CG2 1 
ATOM   480 N N   . ILE A 1 65  ? 1.919   -6.551  -3.343  1.00 12.27 ? 65  ILE A N   1 
ATOM   481 C CA  . ILE A 1 65  ? 3.048   -5.681  -3.641  1.00 11.64 ? 65  ILE A CA  1 
ATOM   482 C C   . ILE A 1 65  ? 3.474   -5.960  -5.074  1.00 13.05 ? 65  ILE A C   1 
ATOM   483 O O   . ILE A 1 65  ? 3.784   -7.108  -5.418  1.00 13.76 ? 65  ILE A O   1 
ATOM   484 C CB  . ILE A 1 65  ? 4.215   -5.920  -2.666  1.00 12.38 ? 65  ILE A CB  1 
ATOM   485 C CG1 . ILE A 1 65  ? 3.744   -5.689  -1.218  1.00 14.15 ? 65  ILE A CG1 1 
ATOM   486 C CG2 . ILE A 1 65  ? 5.425   -5.060  -3.034  1.00 15.21 ? 65  ILE A CG2 1 
ATOM   487 C CD1 . ILE A 1 65  ? 4.786   -6.014  -0.149  1.00 16.46 ? 65  ILE A CD1 1 
ATOM   488 N N   . TYR A 1 66  ? 3.481   -4.919  -5.904  1.00 11.52 ? 66  TYR A N   1 
ATOM   489 C CA  . TYR A 1 66  ? 3.881   -5.010  -7.307  1.00 12.25 ? 66  TYR A CA  1 
ATOM   490 C C   . TYR A 1 66  ? 5.237   -4.349  -7.459  1.00 14.02 ? 66  TYR A C   1 
ATOM   491 O O   . TYR A 1 66  ? 5.401   -3.184  -7.085  1.00 14.41 ? 66  TYR A O   1 
ATOM   492 C CB  . TYR A 1 66  ? 2.865   -4.317  -8.224  1.00 13.27 ? 66  TYR A CB  1 
ATOM   493 C CG  . TYR A 1 66  ? 1.460   -4.864  -8.126  1.00 13.92 ? 66  TYR A CG  1 
ATOM   494 C CD1 . TYR A 1 66  ? 1.078   -5.976  -8.876  1.00 12.78 ? 66  TYR A CD1 1 
ATOM   495 C CD2 . TYR A 1 66  ? 0.512   -4.263  -7.297  1.00 13.26 ? 66  TYR A CD2 1 
ATOM   496 C CE1 . TYR A 1 66  ? -0.212  -6.491  -8.797  1.00 12.04 ? 66  TYR A CE1 1 
ATOM   497 C CE2 . TYR A 1 66  ? -0.778  -4.766  -7.210  1.00 13.34 ? 66  TYR A CE2 1 
ATOM   498 C CZ  . TYR A 1 66  ? -1.124  -5.878  -7.968  1.00 13.06 ? 66  TYR A CZ  1 
ATOM   499 O OH  . TYR A 1 66  ? -2.407  -6.378  -7.884  1.00 15.40 ? 66  TYR A OH  1 
ATOM   500 N N   . LEU A 1 67  ? 6.202   -5.089  -7.999  1.00 14.01 ? 67  LEU A N   1 
ATOM   501 C CA  . LEU A 1 67  ? 7.528   -4.551  -8.279  1.00 14.42 ? 67  LEU A CA  1 
ATOM   502 C C   . LEU A 1 67  ? 7.778   -4.540  -9.781  1.00 14.73 ? 67  LEU A C   1 
ATOM   503 O O   . LEU A 1 67  ? 7.526   -5.540  -10.462 1.00 14.35 ? 67  LEU A O   1 
ATOM   504 C CB  . LEU A 1 67  ? 8.604   -5.378  -7.560  1.00 14.75 ? 67  LEU A CB  1 
ATOM   505 C CG  . LEU A 1 67  ? 8.618   -5.259  -6.036  1.00 15.32 ? 67  LEU A CG  1 
ATOM   506 C CD1 . LEU A 1 67  ? 9.508   -6.323  -5.424  1.00 17.82 ? 67  LEU A CD1 1 
ATOM   507 C CD2 . LEU A 1 67  ? 9.085   -3.865  -5.631  1.00 16.84 ? 67  LEU A CD2 1 
ATOM   508 N N   . LYS A 1 68  ? 8.271   -3.413  -10.297 1.00 13.92 ? 68  LYS A N   1 
ATOM   509 C CA  . LYS A 1 68  ? 8.622   -3.360  -11.718 1.00 14.70 ? 68  LYS A CA  1 
ATOM   510 C C   . LYS A 1 68  ? 9.671   -4.409  -12.062 1.00 15.79 ? 68  LYS A C   1 
ATOM   511 O O   . LYS A 1 68  ? 9.626   -5.024  -13.138 1.00 16.18 ? 68  LYS A O   1 
ATOM   512 C CB  . LYS A 1 68  ? 9.131   -1.964  -12.093 1.00 15.52 ? 68  LYS A CB  1 
ATOM   513 C CG  . LYS A 1 68  ? 9.418   -1.799  -13.590 1.00 18.07 ? 68  LYS A CG  1 
ATOM   514 C CD  . LYS A 1 68  ? 10.060  -0.458  -13.909 1.00 20.11 ? 68  LYS A CD  1 
ATOM   515 C CE  . LYS A 1 68  ? 10.103  -0.184  -15.415 1.00 22.52 ? 68  LYS A CE  1 
ATOM   516 N NZ  . LYS A 1 68  ? 10.854  -1.243  -16.157 1.00 28.92 ? 68  LYS A NZ  1 
ATOM   517 N N   . ASP A 1 69  ? 10.626  -4.619  -11.158 1.00 16.03 ? 69  ASP A N   1 
ATOM   518 C CA  . ASP A 1 69  ? 11.757  -5.525  -11.353 1.00 18.36 ? 69  ASP A CA  1 
ATOM   519 C C   . ASP A 1 69  ? 11.938  -6.326  -10.065 1.00 17.71 ? 69  ASP A C   1 
ATOM   520 O O   . ASP A 1 69  ? 12.647  -5.900  -9.145  1.00 18.64 ? 69  ASP A O   1 
ATOM   521 C CB  . ASP A 1 69  ? 13.009  -4.747  -11.716 1.00 19.47 ? 69  ASP A CB  1 
ATOM   522 C CG  . ASP A 1 69  ? 14.114  -5.641  -12.226 1.00 24.53 ? 69  ASP A CG  1 
ATOM   523 O OD1 . ASP A 1 69  ? 14.145  -6.829  -11.839 1.00 23.34 ? 69  ASP A OD1 1 
ATOM   524 O OD2 . ASP A 1 69  ? 14.934  -5.153  -13.034 1.00 30.42 ? 69  ASP A OD2 1 
ATOM   525 N N   . ILE A 1 70  ? 11.296  -7.492  -10.000 1.00 14.73 ? 70  ILE A N   1 
ATOM   526 C CA  . ILE A 1 70  ? 11.265  -8.215  -8.736  1.00 16.20 ? 70  ILE A CA  1 
ATOM   527 C C   . ILE A 1 70  ? 12.637  -8.785  -8.393  1.00 20.28 ? 70  ILE A C   1 
ATOM   528 O O   . ILE A 1 70  ? 13.028  -8.797  -7.222  1.00 19.17 ? 70  ILE A O   1 
ATOM   529 C CB  . ILE A 1 70  ? 10.157  -9.288  -8.736  1.00 15.87 ? 70  ILE A CB  1 
ATOM   530 C CG1 . ILE A 1 70  ? 9.984   -9.862  -7.332  1.00 17.01 ? 70  ILE A CG1 1 
ATOM   531 C CG2 . ILE A 1 70  ? 10.430  -10.415 -9.732  1.00 17.10 ? 70  ILE A CG2 1 
ATOM   532 C CD1 . ILE A 1 70  ? 8.614   -10.451 -7.084  1.00 16.93 ? 70  ILE A CD1 1 
ATOM   533 N N   . ALA A 1 71  ? 13.405  -9.232  -9.393  1.00 18.24 ? 71  ALA A N   1 
ATOM   534 C CA  . ALA A 1 71  ? 14.731  -9.765  -9.091  1.00 21.98 ? 71  ALA A CA  1 
ATOM   535 C C   . ALA A 1 71  ? 15.628  -8.687  -8.505  1.00 20.33 ? 71  ALA A C   1 
ATOM   536 O O   . ALA A 1 71  ? 16.392  -8.934  -7.560  1.00 23.69 ? 71  ALA A O   1 
ATOM   537 C CB  . ALA A 1 71  ? 15.358  -10.351 -10.357 1.00 21.06 ? 71  ALA A CB  1 
ATOM   538 N N   . ARG A 1 72  ? 15.516  -7.479  -9.020  1.00 18.27 ? 72  ARG A N   1 
ATOM   539 C CA  . ARG A 1 72  ? 16.421  -6.411  -8.633  1.00 19.59 ? 72  ARG A CA  1 
ATOM   540 C C   . ARG A 1 72  ? 16.054  -5.811  -7.285  1.00 20.87 ? 72  ARG A C   1 
ATOM   541 O O   . ARG A 1 72  ? 16.940  -5.446  -6.502  1.00 20.82 ? 72  ARG A O   1 
ATOM   542 C CB  . ARG A 1 72  ? 16.395  -5.327  -9.685  1.00 24.82 ? 72  ARG A CB  1 
ATOM   543 C CG  . ARG A 1 72  ? 17.417  -4.268  -9.470  1.00 24.19 ? 72  ARG A CG  1 
ATOM   544 C CD  . ARG A 1 72  ? 17.548  -3.579  -10.756 1.00 25.12 ? 72  ARG A CD  1 
ATOM   545 N NE  . ARG A 1 72  ? 18.520  -2.506  -10.747 1.00 28.25 ? 72  ARG A NE  1 
ATOM   546 C CZ  . ARG A 1 72  ? 18.842  -1.852  -11.848 1.00 26.11 ? 72  ARG A CZ  1 
ATOM   547 N NH1 . ARG A 1 72  ? 18.291  -2.163  -13.008 1.00 24.12 ? 72  ARG A NH1 1 
ATOM   548 N NH2 . ARG A 1 72  ? 19.734  -0.869  -11.783 1.00 21.60 ? 72  ARG A NH2 1 
ATOM   549 N N   . ASP A 1 73  ? 14.758  -5.700  -7.005  1.00 18.03 ? 73  ASP A N   1 
ATOM   550 C CA  . ASP A 1 73  ? 14.290  -4.850  -5.917  1.00 18.51 ? 73  ASP A CA  1 
ATOM   551 C C   . ASP A 1 73  ? 13.618  -5.586  -4.768  1.00 18.03 ? 73  ASP A C   1 
ATOM   552 O O   . ASP A 1 73  ? 13.210  -4.927  -3.800  1.00 18.24 ? 73  ASP A O   1 
ATOM   553 C CB  . ASP A 1 73  ? 13.330  -3.788  -6.467  1.00 17.96 ? 73  ASP A CB  1 
ATOM   554 C CG  . ASP A 1 73  ? 14.043  -2.748  -7.293  1.00 17.74 ? 73  ASP A CG  1 
ATOM   555 O OD1 . ASP A 1 73  ? 15.250  -2.536  -7.042  1.00 20.44 ? 73  ASP A OD1 1 
ATOM   556 O OD2 . ASP A 1 73  ? 13.413  -2.150  -8.187  1.00 19.01 ? 73  ASP A OD2 1 
ATOM   557 N N   . PHE A 1 74  ? 13.512  -6.920  -4.823  1.00 17.10 ? 74  PHE A N   1 
ATOM   558 C CA  . PHE A 1 74  ? 12.817  -7.668  -3.777  1.00 17.79 ? 74  PHE A CA  1 
ATOM   559 C C   . PHE A 1 74  ? 13.492  -7.489  -2.422  1.00 19.82 ? 74  PHE A C   1 
ATOM   560 O O   . PHE A 1 74  ? 12.816  -7.282  -1.408  1.00 19.43 ? 74  PHE A O   1 
ATOM   561 C CB  . PHE A 1 74  ? 12.746  -9.149  -4.169  1.00 18.62 ? 74  PHE A CB  1 
ATOM   562 C CG  . PHE A 1 74  ? 11.867  -9.998  -3.282  1.00 19.17 ? 74  PHE A CG  1 
ATOM   563 C CD1 . PHE A 1 74  ? 10.535  -9.674  -3.063  1.00 20.52 ? 74  PHE A CD1 1 
ATOM   564 C CD2 . PHE A 1 74  ? 12.367  -11.159 -2.713  1.00 21.47 ? 74  PHE A CD2 1 
ATOM   565 C CE1 . PHE A 1 74  ? 9.734   -10.471 -2.263  1.00 20.72 ? 74  PHE A CE1 1 
ATOM   566 C CE2 . PHE A 1 74  ? 11.578  -11.962 -1.930  1.00 21.58 ? 74  PHE A CE2 1 
ATOM   567 C CZ  . PHE A 1 74  ? 10.250  -11.618 -1.696  1.00 20.95 ? 74  PHE A CZ  1 
ATOM   568 N N   . ALA A 1 75  ? 14.829  -7.529  -2.387  1.00 19.20 ? 75  ALA A N   1 
ATOM   569 C CA  . ALA A 1 75  ? 15.533  -7.411  -1.108  1.00 19.95 ? 75  ALA A CA  1 
ATOM   570 C C   . ALA A 1 75  ? 15.359  -6.028  -0.497  1.00 20.31 ? 75  ALA A C   1 
ATOM   571 O O   . ALA A 1 75  ? 15.130  -5.907  0.713   1.00 21.48 ? 75  ALA A O   1 
ATOM   572 C CB  . ALA A 1 75  ? 17.018  -7.734  -1.293  1.00 21.35 ? 75  ALA A CB  1 
ATOM   573 N N   . ALA A 1 76  ? 15.447  -4.974  -1.311  1.00 20.11 ? 76  ALA A N   1 
ATOM   574 C CA  . ALA A 1 76  ? 15.240  -3.619  -0.804  1.00 20.44 ? 76  ALA A CA  1 
ATOM   575 C C   . ALA A 1 76  ? 13.806  -3.422  -0.335  1.00 21.03 ? 76  ALA A C   1 
ATOM   576 O O   . ALA A 1 76  ? 13.561  -2.791  0.701   1.00 20.87 ? 76  ALA A O   1 
ATOM   577 C CB  . ALA A 1 76  ? 15.586  -2.596  -1.881  1.00 21.35 ? 76  ALA A CB  1 
ATOM   578 N N   . LEU A 1 77  ? 12.845  -3.933  -1.105  1.00 17.11 ? 77  LEU A N   1 
ATOM   579 C CA  . LEU A 1 77  ? 11.446  -3.887  -0.692  1.00 18.04 ? 77  LEU A CA  1 
ATOM   580 C C   . LEU A 1 77  ? 11.270  -4.531  0.675   1.00 21.27 ? 77  LEU A C   1 
ATOM   581 O O   . LEU A 1 77  ? 10.619  -3.969  1.570   1.00 18.92 ? 77  LEU A O   1 
ATOM   582 C CB  . LEU A 1 77  ? 10.586  -4.587  -1.755  1.00 16.27 ? 77  LEU A CB  1 
ATOM   583 C CG  . LEU A 1 77  ? 9.070   -4.787  -1.554  1.00 16.97 ? 77  LEU A CG  1 
ATOM   584 C CD1 . LEU A 1 77  ? 8.727   -5.971  -0.647  1.00 17.91 ? 77  LEU A CD1 1 
ATOM   585 C CD2 . LEU A 1 77  ? 8.400   -3.499  -1.064  1.00 17.21 ? 77  LEU A CD2 1 
ATOM   586 N N   . ASN A 1 78  ? 11.837  -5.722  0.856   1.00 17.80 ? 78  ASN A N   1 
ATOM   587 C CA  . ASN A 1 78  ? 11.662  -6.433  2.118   1.00 17.57 ? 78  ASN A CA  1 
ATOM   588 C C   . ASN A 1 78  ? 12.300  -5.672  3.277   1.00 22.77 ? 78  ASN A C   1 
ATOM   589 O O   . ASN A 1 78  ? 11.752  -5.646  4.382   1.00 22.21 ? 78  ASN A O   1 
ATOM   590 C CB  . ASN A 1 78  ? 12.236  -7.845  2.016   1.00 21.27 ? 78  ASN A CB  1 
ATOM   591 C CG  . ASN A 1 78  ? 11.330  -8.796  1.257   1.00 25.54 ? 78  ASN A CG  1 
ATOM   592 O OD1 . ASN A 1 78  ? 10.107  -8.693  1.316   1.00 22.76 ? 78  ASN A OD1 1 
ATOM   593 N ND2 . ASN A 1 78  ? 11.935  -9.733  0.533   1.00 23.49 ? 78  ASN A ND2 1 
ATOM   594 N N   . GLU A 1 79  ? 13.450  -5.039  3.043   1.00 21.14 ? 79  GLU A N   1 
ATOM   595 C CA  . GLU A 1 79  ? 14.113  -4.291  4.109   1.00 23.87 ? 79  GLU A CA  1 
ATOM   596 C C   . GLU A 1 79  ? 13.216  -3.177  4.643   1.00 21.37 ? 79  GLU A C   1 
ATOM   597 O O   . GLU A 1 79  ? 13.005  -3.059  5.858   1.00 23.61 ? 79  GLU A O   1 
ATOM   598 C CB  . GLU A 1 79  ? 15.444  -3.736  3.590   1.00 25.16 ? 79  GLU A CB  1 
ATOM   599 C CG  . GLU A 1 79  ? 16.257  -2.932  4.591   1.00 30.00 ? 79  GLU A CG  1 
ATOM   600 C CD  . GLU A 1 79  ? 17.521  -2.349  3.968   1.00 36.36 ? 79  GLU A CD  1 
ATOM   601 O OE1 . GLU A 1 79  ? 17.959  -2.851  2.907   1.00 41.65 ? 79  GLU A OE1 1 
ATOM   602 O OE2 . GLU A 1 79  ? 18.073  -1.382  4.532   1.00 43.32 ? 79  GLU A OE2 1 
ATOM   603 N N   . VAL A 1 80  ? 12.666  -2.356  3.746   1.00 21.52 ? 80  VAL A N   1 
ATOM   604 C CA  . VAL A 1 80  ? 11.829  -1.231  4.156   1.00 20.87 ? 80  VAL A CA  1 
ATOM   605 C C   . VAL A 1 80  ? 10.507  -1.731  4.726   1.00 24.02 ? 80  VAL A C   1 
ATOM   606 O O   . VAL A 1 80  ? 10.033  -1.249  5.764   1.00 21.78 ? 80  VAL A O   1 
ATOM   607 C CB  . VAL A 1 80  ? 11.611  -0.281  2.963   1.00 22.55 ? 80  VAL A CB  1 
ATOM   608 C CG1 . VAL A 1 80  ? 10.754  0.915   3.371   1.00 22.38 ? 80  VAL A CG1 1 
ATOM   609 C CG2 . VAL A 1 80  ? 12.957  0.167   2.367   1.00 22.66 ? 80  VAL A CG2 1 
ATOM   610 N N   . TRP A 1 81  ? 9.908   -2.721  4.067   1.00 19.62 ? 81  TRP A N   1 
ATOM   611 C CA  . TRP A 1 81  ? 8.641   -3.296  4.501   1.00 20.46 ? 81  TRP A CA  1 
ATOM   612 C C   . TRP A 1 81  ? 8.729   -3.849  5.921   1.00 22.41 ? 81  TRP A C   1 
ATOM   613 O O   . TRP A 1 81  ? 7.879   -3.551  6.768   1.00 19.03 ? 81  TRP A O   1 
ATOM   614 C CB  . TRP A 1 81  ? 8.246   -4.384  3.497   1.00 18.65 ? 81  TRP A CB  1 
ATOM   615 C CG  . TRP A 1 81  ? 7.098   -5.235  3.882   1.00 19.52 ? 81  TRP A CG  1 
ATOM   616 C CD1 . TRP A 1 81  ? 7.159   -6.486  4.412   1.00 15.76 ? 81  TRP A CD1 1 
ATOM   617 C CD2 . TRP A 1 81  ? 5.707   -4.925  3.743   1.00 16.80 ? 81  TRP A CD2 1 
ATOM   618 N NE1 . TRP A 1 81  ? 5.899   -6.980  4.610   1.00 17.90 ? 81  TRP A NE1 1 
ATOM   619 C CE2 . TRP A 1 81  ? 4.988   -6.037  4.212   1.00 16.36 ? 81  TRP A CE2 1 
ATOM   620 C CE3 . TRP A 1 81  ? 5.006   -3.817  3.265   1.00 16.21 ? 81  TRP A CE3 1 
ATOM   621 C CZ2 . TRP A 1 81  ? 3.595   -6.075  4.225   1.00 16.29 ? 81  TRP A CZ2 1 
ATOM   622 C CZ3 . TRP A 1 81  ? 3.614   -3.851  3.285   1.00 16.80 ? 81  TRP A CZ3 1 
ATOM   623 C CH2 . TRP A 1 81  ? 2.929   -4.975  3.753   1.00 17.17 ? 81  TRP A CH2 1 
ATOM   624 N N   . THR A 1 82  ? 9.756   -4.654  6.212   1.00 21.63 ? 82  THR A N   1 
ATOM   625 C CA  . THR A 1 82  ? 9.823   -5.278  7.532   1.00 22.91 ? 82  THR A CA  1 
ATOM   626 C C   . THR A 1 82  ? 10.046  -4.249  8.635   1.00 26.32 ? 82  THR A C   1 
ATOM   627 O O   . THR A 1 82  ? 9.553   -4.427  9.755   1.00 25.10 ? 82  THR A O   1 
ATOM   628 C CB  . THR A 1 82  ? 10.926  -6.337  7.576   1.00 25.77 ? 82  THR A CB  1 
ATOM   629 O OG1 . THR A 1 82  ? 12.158  -5.761  7.134   1.00 29.93 ? 82  THR A OG1 1 
ATOM   630 C CG2 . THR A 1 82  ? 10.572  -7.513  6.684   1.00 24.30 ? 82  THR A CG2 1 
ATOM   631 N N   . GLN A 1 83  ? 10.776  -3.172  8.339   1.00 22.90 ? 83  GLN A N   1 
ATOM   632 C CA  . GLN A 1 83  ? 10.996  -2.122  9.332   1.00 27.32 ? 83  GLN A CA  1 
ATOM   633 C C   . GLN A 1 83  ? 9.736   -1.293  9.569   1.00 29.63 ? 83  GLN A C   1 
ATOM   634 O O   . GLN A 1 83  ? 9.514   -0.800  10.684  1.00 25.51 ? 83  GLN A O   1 
ATOM   635 C CB  . GLN A 1 83  ? 12.160  -1.233  8.879   1.00 31.40 ? 83  GLN A CB  1 
ATOM   636 C CG  . GLN A 1 83  ? 12.531  -0.112  9.844   1.00 39.12 ? 83  GLN A CG  1 
ATOM   637 C CD  . GLN A 1 83  ? 13.631  0.784   9.295   1.00 50.41 ? 83  GLN A CD  1 
ATOM   638 O OE1 . GLN A 1 83  ? 14.025  0.665   8.131   1.00 54.58 ? 83  GLN A OE1 1 
ATOM   639 N NE2 . GLN A 1 83  ? 14.134  1.686   10.133  1.00 54.28 ? 83  GLN A NE2 1 
ATOM   640 N N   . TRP A 1 84  ? 8.904   -1.135  8.537   1.00 23.22 ? 84  TRP A N   1 
ATOM   641 C CA  . TRP A 1 84  ? 7.684   -0.345  8.632   1.00 23.17 ? 84  TRP A CA  1 
ATOM   642 C C   . TRP A 1 84  ? 6.591   -1.068  9.400   1.00 23.21 ? 84  TRP A C   1 
ATOM   643 O O   . TRP A 1 84  ? 5.770   -0.417  10.059  1.00 23.68 ? 84  TRP A O   1 
ATOM   644 C CB  . TRP A 1 84  ? 7.202   -0.005  7.226   1.00 23.85 ? 84  TRP A CB  1 
ATOM   645 C CG  . TRP A 1 84  ? 5.909   0.752   7.092   1.00 22.17 ? 84  TRP A CG  1 
ATOM   646 C CD1 . TRP A 1 84  ? 5.734   2.110   7.168   1.00 25.04 ? 84  TRP A CD1 1 
ATOM   647 C CD2 . TRP A 1 84  ? 4.624   0.204   6.767   1.00 23.13 ? 84  TRP A CD2 1 
ATOM   648 N NE1 . TRP A 1 84  ? 4.418   2.431   6.933   1.00 22.63 ? 84  TRP A NE1 1 
ATOM   649 C CE2 . TRP A 1 84  ? 3.718   1.277   6.686   1.00 23.49 ? 84  TRP A CE2 1 
ATOM   650 C CE3 . TRP A 1 84  ? 4.152   -1.094  6.547   1.00 21.19 ? 84  TRP A CE3 1 
ATOM   651 C CZ2 . TRP A 1 84  ? 2.372   1.091   6.382   1.00 21.46 ? 84  TRP A CZ2 1 
ATOM   652 C CZ3 . TRP A 1 84  ? 2.814   -1.275  6.256   1.00 21.77 ? 84  TRP A CZ3 1 
ATOM   653 C CH2 . TRP A 1 84  ? 1.938   -0.191  6.186   1.00 21.77 ? 84  TRP A CH2 1 
ATOM   654 N N   . LEU A 1 85  ? 6.571   -2.396  9.341   1.00 21.35 ? 85  LEU A N   1 
ATOM   655 C CA  . LEU A 1 85  ? 5.482   -3.158  9.929   1.00 24.16 ? 85  LEU A CA  1 
ATOM   656 C C   . LEU A 1 85  ? 5.534   -3.114  11.456  1.00 24.53 ? 85  LEU A C   1 
ATOM   657 O O   . LEU A 1 85  ? 6.617   -3.091  12.050  1.00 27.09 ? 85  LEU A O   1 
ATOM   658 C CB  . LEU A 1 85  ? 5.537   -4.613  9.481   1.00 22.66 ? 85  LEU A CB  1 
ATOM   659 C CG  . LEU A 1 85  ? 5.053   -4.978  8.073   1.00 21.80 ? 85  LEU A CG  1 
ATOM   660 C CD1 . LEU A 1 85  ? 5.212   -6.466  7.875   1.00 22.23 ? 85  LEU A CD1 1 
ATOM   661 C CD2 . LEU A 1 85  ? 3.607   -4.544  7.851   1.00 21.21 ? 85  LEU A CD2 1 
ATOM   662 N N   . PRO A 1 86  ? 4.377   -3.141  12.113  1.00 25.52 ? 86  PRO A N   1 
ATOM   663 C CA  . PRO A 1 86  ? 4.366   -3.353  13.568  1.00 26.65 ? 86  PRO A CA  1 
ATOM   664 C C   . PRO A 1 86  ? 4.889   -4.742  13.913  1.00 28.60 ? 86  PRO A C   1 
ATOM   665 O O   . PRO A 1 86  ? 4.544   -5.733  13.264  1.00 24.89 ? 86  PRO A O   1 
ATOM   666 C CB  . PRO A 1 86  ? 2.888   -3.189  13.945  1.00 24.36 ? 86  PRO A CB  1 
ATOM   667 C CG  . PRO A 1 86  ? 2.128   -3.397  12.658  1.00 27.87 ? 86  PRO A CG  1 
ATOM   668 C CD  . PRO A 1 86  ? 3.029   -2.944  11.551  1.00 24.95 ? 86  PRO A CD  1 
ATOM   669 N N   . THR A 1 87  ? 5.740   -4.801  14.939  1.00 34.17 ? 87  THR A N   1 
ATOM   670 C CA  . THR A 1 87  ? 6.428   -6.046  15.266  1.00 31.85 ? 87  THR A CA  1 
ATOM   671 C C   . THR A 1 87  ? 5.433   -7.176  15.516  1.00 29.49 ? 87  THR A C   1 
ATOM   672 O O   . THR A 1 87  ? 4.451   -7.009  16.252  1.00 30.10 ? 87  THR A O   1 
ATOM   673 C CB  . THR A 1 87  ? 7.307   -5.866  16.505  1.00 36.83 ? 87  THR A CB  1 
ATOM   674 O OG1 . THR A 1 87  ? 8.315   -4.893  16.238  1.00 44.54 ? 87  THR A OG1 1 
ATOM   675 C CG2 . THR A 1 87  ? 7.984   -7.178  16.869  1.00 37.05 ? 87  THR A CG2 1 
ATOM   676 N N   . GLY A 1 88  ? 5.706   -8.340  14.922  1.00 29.90 ? 88  GLY A N   1 
ATOM   677 C CA  . GLY A 1 88  ? 4.903   -9.533  15.120  1.00 30.35 ? 88  GLY A CA  1 
ATOM   678 C C   . GLY A 1 88  ? 3.508   -9.485  14.543  1.00 28.02 ? 88  GLY A C   1 
ATOM   679 O O   . GLY A 1 88  ? 2.733   -10.416 14.773  1.00 29.11 ? 88  GLY A O   1 
ATOM   680 N N   . GLN A 1 89  ? 3.157   -8.444  13.787  1.00 26.98 ? 89  GLN A N   1 
ATOM   681 C CA  . GLN A 1 89  ? 1.779   -8.260  13.334  1.00 26.94 ? 89  GLN A CA  1 
ATOM   682 C C   . GLN A 1 89  ? 1.704   -8.116  11.817  1.00 24.80 ? 89  GLN A C   1 
ATOM   683 O O   . GLN A 1 89  ? 0.920   -7.322  11.287  1.00 23.85 ? 89  GLN A O   1 
ATOM   684 C CB  . GLN A 1 89  ? 1.145   -7.062  14.036  1.00 24.82 ? 89  GLN A CB  1 
ATOM   685 C CG  . GLN A 1 89  ? 1.133   -7.223  15.560  1.00 29.86 ? 89  GLN A CG  1 
ATOM   686 C CD  . GLN A 1 89  ? 0.754   -5.949  16.283  1.00 32.46 ? 89  GLN A CD  1 
ATOM   687 O OE1 . GLN A 1 89  ? -0.415  -5.712  16.560  1.00 36.44 ? 89  GLN A OE1 1 
ATOM   688 N NE2 . GLN A 1 89  ? 1.745   -5.121  16.589  1.00 35.64 ? 89  GLN A NE2 1 
ATOM   689 N N   . ALA A 1 90  ? 2.504   -8.895  11.089  1.00 22.87 ? 90  ALA A N   1 
ATOM   690 C CA  . ALA A 1 90  ? 2.531   -8.765  9.641   1.00 20.34 ? 90  ALA A CA  1 
ATOM   691 C C   . ALA A 1 90  ? 1.242   -9.297  9.015   1.00 16.45 ? 90  ALA A C   1 
ATOM   692 O O   . ALA A 1 90  ? 0.650   -10.264 9.505   1.00 17.39 ? 90  ALA A O   1 
ATOM   693 C CB  . ALA A 1 90  ? 3.732   -9.498  9.052   1.00 19.57 ? 90  ALA A CB  1 
ATOM   694 N N   . PRO A 1 91  ? 0.802   -8.682  7.906   1.00 15.95 ? 91  PRO A N   1 
ATOM   695 C CA  . PRO A 1 91  ? -0.434  -9.113  7.237   1.00 18.76 ? 91  PRO A CA  1 
ATOM   696 C C   . PRO A 1 91  ? -0.191  -10.250 6.251   1.00 15.78 ? 91  PRO A C   1 
ATOM   697 O O   . PRO A 1 91  ? 0.961   -10.642 6.035   1.00 16.20 ? 91  PRO A O   1 
ATOM   698 C CB  . PRO A 1 91  ? -0.863  -7.839  6.500   1.00 15.99 ? 91  PRO A CB  1 
ATOM   699 C CG  . PRO A 1 91  ? 0.480   -7.256  6.058   1.00 17.67 ? 91  PRO A CG  1 
ATOM   700 C CD  . PRO A 1 91  ? 1.414   -7.522  7.232   1.00 18.45 ? 91  PRO A CD  1 
ATOM   701 N N   . SER A 1 92  ? -1.251  -10.784 5.640   1.00 14.71 ? 92  SER A N   1 
ATOM   702 C CA  . SER A 1 92  ? -1.040  -11.650 4.486   1.00 16.20 ? 92  SER A CA  1 
ATOM   703 C C   . SER A 1 92  ? -0.469  -10.824 3.346   1.00 16.67 ? 92  SER A C   1 
ATOM   704 O O   . SER A 1 92  ? -0.745  -9.629  3.218   1.00 15.50 ? 92  SER A O   1 
ATOM   705 C CB  . SER A 1 92  ? -2.344  -12.340 4.060   1.00 15.63 ? 92  SER A CB  1 
ATOM   706 O OG  . SER A 1 92  ? -3.268  -11.456 3.433   1.00 15.50 ? 92  SER A OG  1 
ATOM   707 N N   . ARG A 1 93  ? 0.383   -11.447 2.533   1.00 15.02 ? 93  ARG A N   1 
ATOM   708 C CA  . ARG A 1 93  ? 0.948   -10.658 1.454   1.00 15.10 ? 93  ARG A CA  1 
ATOM   709 C C   . ARG A 1 93  ? 1.343   -11.518 0.263   1.00 16.07 ? 93  ARG A C   1 
ATOM   710 O O   . ARG A 1 93  ? 1.600   -12.724 0.370   1.00 16.08 ? 93  ARG A O   1 
ATOM   711 C CB  . ARG A 1 93  ? 2.116   -9.794  1.948   1.00 25.23 ? 93  ARG A CB  1 
ATOM   712 C CG  . ARG A 1 93  ? 3.435   -10.405 1.965   1.00 28.02 ? 93  ARG A CG  1 
ATOM   713 C CD  . ARG A 1 93  ? 4.543   -9.336  1.953   1.00 20.71 ? 93  ARG A CD  1 
ATOM   714 N NE  . ARG A 1 93  ? 5.711   -10.000 1.411   1.00 19.48 ? 93  ARG A NE  1 
ATOM   715 C CZ  . ARG A 1 93  ? 6.949   -9.528  1.384   1.00 21.87 ? 93  ARG A CZ  1 
ATOM   716 N NH1 . ARG A 1 93  ? 7.260   -8.351  1.903   1.00 21.62 ? 93  ARG A NH1 1 
ATOM   717 N NH2 . ARG A 1 93  ? 7.899   -10.257 0.807   1.00 20.63 ? 93  ARG A NH2 1 
ATOM   718 N N   . THR A 1 94  ? 1.355   -10.858 -0.888  1.00 13.23 ? 94  THR A N   1 
ATOM   719 C CA  . THR A 1 94  ? 1.722   -11.438 -2.170  1.00 14.30 ? 94  THR A CA  1 
ATOM   720 C C   . THR A 1 94  ? 2.597   -10.418 -2.877  1.00 14.21 ? 94  THR A C   1 
ATOM   721 O O   . THR A 1 94  ? 2.229   -9.246  -2.956  1.00 14.05 ? 94  THR A O   1 
ATOM   722 C CB  . THR A 1 94  ? 0.472   -11.736 -3.011  1.00 14.21 ? 94  THR A CB  1 
ATOM   723 O OG1 . THR A 1 94  ? -0.388  -12.640 -2.301  1.00 14.29 ? 94  THR A OG1 1 
ATOM   724 C CG2 . THR A 1 94  ? 0.852   -12.313 -4.361  1.00 14.88 ? 94  THR A CG2 1 
ATOM   725 N N   . THR A 1 95  ? 3.754   -10.847 -3.380  1.00 13.05 ? 95  THR A N   1 
ATOM   726 C CA  . THR A 1 95  ? 4.681   -9.959  -4.065  1.00 13.91 ? 95  THR A CA  1 
ATOM   727 C C   . THR A 1 95  ? 4.950   -10.528 -5.454  1.00 11.85 ? 95  THR A C   1 
ATOM   728 O O   . THR A 1 95  ? 5.419   -11.665 -5.583  1.00 14.64 ? 95  THR A O   1 
ATOM   729 C CB  . THR A 1 95  ? 5.988   -9.790  -3.281  1.00 14.06 ? 95  THR A CB  1 
ATOM   730 O OG1 . THR A 1 95  ? 5.677   -9.391  -1.936  1.00 17.93 ? 95  THR A OG1 1 
ATOM   731 C CG2 . THR A 1 95  ? 6.836   -8.735  -3.918  1.00 16.11 ? 95  THR A CG2 1 
ATOM   732 N N   . VAL A 1 96  ? 4.658   -9.739  -6.489  1.00 11.68 ? 96  VAL A N   1 
ATOM   733 C CA  . VAL A 1 96  ? 4.829   -10.181 -7.870  1.00 11.42 ? 96  VAL A CA  1 
ATOM   734 C C   . VAL A 1 96  ? 5.400   -9.045  -8.705  1.00 13.43 ? 96  VAL A C   1 
ATOM   735 O O   . VAL A 1 96  ? 5.378   -7.873  -8.313  1.00 12.84 ? 96  VAL A O   1 
ATOM   736 C CB  . VAL A 1 96  ? 3.502   -10.667 -8.501  1.00 11.93 ? 96  VAL A CB  1 
ATOM   737 C CG1 . VAL A 1 96  ? 2.856   -11.739 -7.663  1.00 13.26 ? 96  VAL A CG1 1 
ATOM   738 C CG2 . VAL A 1 96  ? 2.554   -9.467  -8.752  1.00 16.34 ? 96  VAL A CG2 1 
ATOM   739 N N   . GLN A 1 97  ? 5.891   -9.401  -9.896  1.00 12.16 ? 97  GLN A N   1 
ATOM   740 C CA  . GLN A 1 97  ? 6.393   -8.422  -10.843 1.00 12.22 ? 97  GLN A CA  1 
ATOM   741 C C   . GLN A 1 97  ? 5.271   -7.898  -11.739 1.00 14.98 ? 97  GLN A C   1 
ATOM   742 O O   . GLN A 1 97  ? 4.486   -8.679  -12.286 1.00 15.13 ? 97  GLN A O   1 
ATOM   743 C CB  . GLN A 1 97  ? 7.488   -9.036  -11.710 1.00 12.42 ? 97  GLN A CB  1 
ATOM   744 C CG  . GLN A 1 97  ? 8.048   -8.058  -12.725 1.00 13.66 ? 97  GLN A CG  1 
ATOM   745 C CD  . GLN A 1 97  ? 9.366   -8.519  -13.276 1.00 16.74 ? 97  GLN A CD  1 
ATOM   746 O OE1 . GLN A 1 97  ? 10.375  -8.526  -12.577 1.00 17.32 ? 97  GLN A OE1 1 
ATOM   747 N NE2 . GLN A 1 97  ? 9.362   -8.946  -14.531 1.00 22.15 ? 97  GLN A NE2 1 
ATOM   748 N N   . ALA A 1 98  ? 5.219   -6.578  -11.910 1.00 13.84 ? 98  ALA A N   1 
ATOM   749 C CA  . ALA A 1 98  ? 4.341   -5.977  -12.900 1.00 13.03 ? 98  ALA A CA  1 
ATOM   750 C C   . ALA A 1 98  ? 4.828   -4.569  -13.188 1.00 15.13 ? 98  ALA A C   1 
ATOM   751 O O   . ALA A 1 98  ? 5.194   -3.839  -12.262 1.00 18.40 ? 98  ALA A O   1 
ATOM   752 C CB  . ALA A 1 98  ? 2.892   -5.926  -12.407 1.00 13.57 ? 98  ALA A CB  1 
ATOM   753 N N   . GLU A 1 99  ? 4.801   -4.179  -14.456 1.00 15.07 ? 99  GLU A N   1 
ATOM   754 C CA  . GLU A 1 99  ? 5.062   -2.783  -14.771 1.00 17.57 ? 99  GLU A CA  1 
ATOM   755 C C   . GLU A 1 99  ? 3.899   -1.921  -14.295 1.00 16.55 ? 99  GLU A C   1 
ATOM   756 O O   . GLU A 1 99  ? 2.729   -2.313  -14.394 1.00 14.70 ? 99  GLU A O   1 
ATOM   757 C CB  . GLU A 1 99  ? 5.283   -2.598  -16.271 1.00 16.48 ? 99  GLU A CB  1 
ATOM   758 C CG  . GLU A 1 99  ? 5.675   -1.170  -16.620 1.00 20.02 ? 99  GLU A CG  1 
ATOM   759 C CD  . GLU A 1 99  ? 6.792   -1.104  -17.636 1.00 32.89 ? 99  GLU A CD  1 
ATOM   760 O OE1 . GLU A 1 99  ? 7.195   0.020   -18.006 1.00 38.39 ? 99  GLU A OE1 1 
ATOM   761 O OE2 . GLU A 1 99  ? 7.274   -2.174  -18.063 1.00 39.49 ? 99  GLU A OE2 1 
ATOM   762 N N   . LEU A 1 100 ? 4.220   -0.753  -13.751 1.00 16.85 ? 100 LEU A N   1 
ATOM   763 C CA  . LEU A 1 100 ? 3.214   0.185   -13.282 1.00 17.06 ? 100 LEU A CA  1 
ATOM   764 C C   . LEU A 1 100 ? 2.981   1.253   -14.357 1.00 15.82 ? 100 LEU A C   1 
ATOM   765 O O   . LEU A 1 100 ? 3.566   1.218   -15.441 1.00 18.71 ? 100 LEU A O   1 
ATOM   766 C CB  . LEU A 1 100 ? 3.620   0.784   -11.931 1.00 16.40 ? 100 LEU A CB  1 
ATOM   767 C CG  . LEU A 1 100 ? 3.798   -0.182  -10.740 1.00 18.53 ? 100 LEU A CG  1 
ATOM   768 C CD1 . LEU A 1 100 ? 2.720   -1.288  -10.723 1.00 18.23 ? 100 LEU A CD1 1 
ATOM   769 C CD2 . LEU A 1 100 ? 5.218   -0.782  -10.653 1.00 18.01 ? 100 LEU A CD2 1 
ATOM   770 N N   . ALA A 1 101 ? 2.098   2.212   -14.057 1.00 17.50 ? 101 ALA A N   1 
ATOM   771 C CA  . ALA A 1 101 ? 1.593   3.091   -15.112 1.00 18.85 ? 101 ALA A CA  1 
ATOM   772 C C   . ALA A 1 101 ? 2.668   4.019   -15.663 1.00 22.15 ? 101 ALA A C   1 
ATOM   773 O O   . ALA A 1 101 ? 2.552   4.479   -16.806 1.00 26.69 ? 101 ALA A O   1 
ATOM   774 C CB  . ALA A 1 101 ? 0.409   3.911   -14.604 1.00 20.11 ? 101 ALA A CB  1 
ATOM   775 N N   . ARG A 1 102 ? 3.704   4.311   -14.878 1.00 20.24 ? 102 ARG A N   1 
ATOM   776 C CA  . ARG A 1 102 ? 4.833   5.092   -15.350 1.00 24.49 ? 102 ARG A CA  1 
ATOM   777 C C   . ARG A 1 102 ? 6.100   4.255   -15.232 1.00 20.12 ? 102 ARG A C   1 
ATOM   778 O O   . ARG A 1 102 ? 6.249   3.525   -14.251 1.00 19.66 ? 102 ARG A O   1 
ATOM   779 C CB  . ARG A 1 102 ? 5.000   6.391   -14.537 1.00 30.51 ? 102 ARG A CB  1 
ATOM   780 C CG  . ARG A 1 102 ? 3.905   7.444   -14.750 1.00 36.99 ? 102 ARG A CG  1 
ATOM   781 C CD  . ARG A 1 102 ? 4.032   8.127   -16.113 1.00 43.20 ? 102 ARG A CD  1 
ATOM   782 N NE  . ARG A 1 102 ? 2.957   9.084   -16.364 1.00 50.66 ? 102 ARG A NE  1 
ATOM   783 C CZ  . ARG A 1 102 ? 3.131   10.383  -16.579 1.00 53.86 ? 102 ARG A CZ  1 
ATOM   784 N NH1 . ARG A 1 102 ? 4.338   10.925  -16.608 1.00 52.55 ? 102 ARG A NH1 1 
ATOM   785 N NH2 . ARG A 1 102 ? 2.066   11.156  -16.774 1.00 53.82 ? 102 ARG A NH2 1 
ATOM   786 N N   . PRO A 1 103 ? 7.034   4.344   -16.188 1.00 21.04 ? 103 PRO A N   1 
ATOM   787 C CA  . PRO A 1 103 ? 8.234   3.492   -16.110 1.00 21.62 ? 103 PRO A CA  1 
ATOM   788 C C   . PRO A 1 103 ? 9.145   3.831   -14.945 1.00 21.65 ? 103 PRO A C   1 
ATOM   789 O O   . PRO A 1 103 ? 9.936   2.971   -14.532 1.00 19.28 ? 103 PRO A O   1 
ATOM   790 C CB  . PRO A 1 103 ? 8.938   3.740   -17.452 1.00 26.01 ? 103 PRO A CB  1 
ATOM   791 C CG  . PRO A 1 103 ? 7.902   4.333   -18.331 1.00 29.89 ? 103 PRO A CG  1 
ATOM   792 C CD  . PRO A 1 103 ? 6.984   5.102   -17.449 1.00 25.58 ? 103 PRO A CD  1 
ATOM   793 N N   . SER A 1 104 ? 9.057   5.045   -14.400 1.00 19.23 ? 104 SER A N   1 
ATOM   794 C CA  . SER A 1 104 ? 9.869   5.430   -13.254 1.00 19.72 ? 104 SER A CA  1 
ATOM   795 C C   . SER A 1 104 ? 9.326   4.907   -11.933 1.00 18.28 ? 104 SER A C   1 
ATOM   796 O O   . SER A 1 104 ? 10.019  5.008   -10.915 1.00 20.28 ? 104 SER A O   1 
ATOM   797 C CB  . SER A 1 104 ? 10.002  6.955   -13.187 1.00 26.16 ? 104 SER A CB  1 
ATOM   798 O OG  . SER A 1 104 ? 8.732   7.570   -13.105 1.00 29.56 ? 104 SER A OG  1 
ATOM   799 N N   . VAL A 1 105 ? 8.137   4.319   -11.923 1.00 17.25 ? 105 VAL A N   1 
ATOM   800 C CA  . VAL A 1 105 ? 7.577   3.762   -10.698 1.00 17.22 ? 105 VAL A CA  1 
ATOM   801 C C   . VAL A 1 105 ? 8.089   2.337   -10.539 1.00 17.03 ? 105 VAL A C   1 
ATOM   802 O O   . VAL A 1 105 ? 7.884   1.492   -11.418 1.00 16.75 ? 105 VAL A O   1 
ATOM   803 C CB  . VAL A 1 105 ? 6.044   3.799   -10.719 1.00 18.97 ? 105 VAL A CB  1 
ATOM   804 C CG1 . VAL A 1 105 ? 5.485   3.042   -9.523  1.00 20.34 ? 105 VAL A CG1 1 
ATOM   805 C CG2 . VAL A 1 105 ? 5.570   5.245   -10.710 1.00 21.90 ? 105 VAL A CG2 1 
ATOM   806 N N   . LEU A 1 106 ? 8.762   2.075   -9.423  1.00 14.89 ? 106 LEU A N   1 
ATOM   807 C CA  . LEU A 1 106 ? 9.363   0.777   -9.171  1.00 16.20 ? 106 LEU A CA  1 
ATOM   808 C C   . LEU A 1 106 ? 8.506   -0.117  -8.296  1.00 15.62 ? 106 LEU A C   1 
ATOM   809 O O   . LEU A 1 106 ? 8.721   -1.333  -8.290  1.00 15.86 ? 106 LEU A O   1 
ATOM   810 C CB  . LEU A 1 106 ? 10.734  0.937   -8.502  1.00 17.55 ? 106 LEU A CB  1 
ATOM   811 C CG  . LEU A 1 106 ? 11.703  1.847   -9.242  1.00 18.23 ? 106 LEU A CG  1 
ATOM   812 C CD1 . LEU A 1 106 ? 13.006  1.945   -8.455  1.00 20.18 ? 106 LEU A CD1 1 
ATOM   813 C CD2 . LEU A 1 106 ? 11.950  1.328   -10.666 1.00 19.27 ? 106 LEU A CD2 1 
ATOM   814 N N   . VAL A 1 107 ? 7.566   0.451   -7.543  1.00 15.02 ? 107 VAL A N   1 
ATOM   815 C CA  . VAL A 1 107 ? 6.825   -0.305  -6.542  1.00 14.97 ? 107 VAL A CA  1 
ATOM   816 C C   . VAL A 1 107 ? 5.456   0.336   -6.372  1.00 15.27 ? 107 VAL A C   1 
ATOM   817 O O   . VAL A 1 107 ? 5.310   1.561   -6.456  1.00 17.90 ? 107 VAL A O   1 
ATOM   818 C CB  . VAL A 1 107 ? 7.604   -0.358  -5.204  1.00 14.58 ? 107 VAL A CB  1 
ATOM   819 C CG1 . VAL A 1 107 ? 7.982   1.074   -4.730  1.00 18.65 ? 107 VAL A CG1 1 
ATOM   820 C CG2 . VAL A 1 107 ? 6.817   -1.121  -4.134  1.00 14.67 ? 107 VAL A CG2 1 
ATOM   821 N N   . GLU A 1 108 ? 4.448   -0.513  -6.176  1.00 14.42 ? 108 GLU A N   1 
ATOM   822 C CA  . GLU A 1 108 ? 3.077   -0.101  -5.910  1.00 13.70 ? 108 GLU A CA  1 
ATOM   823 C C   . GLU A 1 108 ? 2.464   -1.147  -4.990  1.00 14.21 ? 108 GLU A C   1 
ATOM   824 O O   . GLU A 1 108 ? 2.715   -2.341  -5.165  1.00 13.94 ? 108 GLU A O   1 
ATOM   825 C CB  . GLU A 1 108 ? 2.272   0.038   -7.204  1.00 13.71 ? 108 GLU A CB  1 
ATOM   826 C CG  . GLU A 1 108 ? 0.787   0.327   -6.954  1.00 14.77 ? 108 GLU A CG  1 
ATOM   827 C CD  . GLU A 1 108 ? 0.038   0.771   -8.187  1.00 17.42 ? 108 GLU A CD  1 
ATOM   828 O OE1 . GLU A 1 108 ? 0.664   1.011   -9.242  1.00 18.15 ? 108 GLU A OE1 1 
ATOM   829 O OE2 . GLU A 1 108 ? -1.215  0.886   -8.092  1.00 17.21 ? 108 GLU A OE2 1 
ATOM   830 N N   . ILE A 1 109 ? 1.693   -0.716  -3.988  1.00 13.02 ? 109 ILE A N   1 
ATOM   831 C CA  . ILE A 1 109 ? 1.178   -1.658  -2.997  1.00 12.70 ? 109 ILE A CA  1 
ATOM   832 C C   . ILE A 1 109 ? -0.308  -1.407  -2.766  1.00 15.07 ? 109 ILE A C   1 
ATOM   833 O O   . ILE A 1 109 ? -0.723  -0.263  -2.532  1.00 14.68 ? 109 ILE A O   1 
ATOM   834 C CB  . ILE A 1 109 ? 1.954   -1.577  -1.665  1.00 13.15 ? 109 ILE A CB  1 
ATOM   835 C CG1 . ILE A 1 109 ? 3.452   -1.845  -1.901  1.00 14.34 ? 109 ILE A CG1 1 
ATOM   836 C CG2 . ILE A 1 109 ? 1.363   -2.527  -0.622  1.00 14.52 ? 109 ILE A CG2 1 
ATOM   837 C CD1 . ILE A 1 109 ? 4.290   -1.753  -0.623  1.00 17.91 ? 109 ILE A CD1 1 
ATOM   838 N N   . THR A 1 110 ? -1.103  -2.477  -2.834  1.00 12.69 ? 110 THR A N   1 
ATOM   839 C CA  . THR A 1 110 ? -2.553  -2.426  -2.644  1.00 12.46 ? 110 THR A CA  1 
ATOM   840 C C   . THR A 1 110 ? -2.936  -3.133  -1.347  1.00 13.59 ? 110 THR A C   1 
ATOM   841 O O   . THR A 1 110 ? -2.647  -4.320  -1.176  1.00 13.22 ? 110 THR A O   1 
ATOM   842 C CB  . THR A 1 110 ? -3.256  -3.081  -3.831  1.00 12.70 ? 110 THR A CB  1 
ATOM   843 O OG1 . THR A 1 110 ? -2.867  -2.408  -5.034  1.00 13.66 ? 110 THR A OG1 1 
ATOM   844 C CG2 . THR A 1 110 ? -4.774  -3.030  -3.662  1.00 13.48 ? 110 THR A CG2 1 
ATOM   845 N N   . VAL A 1 111 ? -3.629  -2.424  -0.455  1.00 12.77 ? 111 VAL A N   1 
ATOM   846 C CA  . VAL A 1 111 ? -3.928  -2.915  0.887   1.00 14.13 ? 111 VAL A CA  1 
ATOM   847 C C   . VAL A 1 111 ? -5.440  -3.016  1.121   1.00 13.63 ? 111 VAL A C   1 
ATOM   848 O O   . VAL A 1 111 ? -6.213  -2.152  0.695   1.00 15.42 ? 111 VAL A O   1 
ATOM   849 C CB  . VAL A 1 111 ? -3.273  -2.004  1.955   1.00 15.20 ? 111 VAL A CB  1 
ATOM   850 C CG1 . VAL A 1 111 ? -3.996  -2.078  3.299   1.00 15.35 ? 111 VAL A CG1 1 
ATOM   851 C CG2 . VAL A 1 111 ? -1.788  -2.372  2.126   1.00 18.29 ? 111 VAL A CG2 1 
ATOM   852 N N   . VAL A 1 112 ? -5.846  -4.099  1.780   1.00 12.55 ? 112 VAL A N   1 
ATOM   853 C CA  . VAL A 1 112 ? -7.161  -4.228  2.410   1.00 14.08 ? 112 VAL A CA  1 
ATOM   854 C C   . VAL A 1 112 ? -6.929  -4.361  3.909   1.00 13.91 ? 112 VAL A C   1 
ATOM   855 O O   . VAL A 1 112 ? -6.028  -5.094  4.338   1.00 15.79 ? 112 VAL A O   1 
ATOM   856 C CB  . VAL A 1 112 ? -7.951  -5.438  1.864   1.00 14.15 ? 112 VAL A CB  1 
ATOM   857 C CG1 . VAL A 1 112 ? -9.353  -5.546  2.546   1.00 14.78 ? 112 VAL A CG1 1 
ATOM   858 C CG2 . VAL A 1 112 ? -8.102  -5.351  0.357   1.00 17.78 ? 112 VAL A CG2 1 
ATOM   859 N N   . ALA A 1 113 ? -7.747  -3.666  4.715   1.00 14.57 ? 113 ALA A N   1 
ATOM   860 C CA  . ALA A 1 113 ? -7.553  -3.622  6.160   1.00 14.29 ? 113 ALA A CA  1 
ATOM   861 C C   . ALA A 1 113 ? -8.897  -3.630  6.877   1.00 14.94 ? 113 ALA A C   1 
ATOM   862 O O   . ALA A 1 113 ? -9.955  -3.452  6.274   1.00 15.05 ? 113 ALA A O   1 
ATOM   863 C CB  . ALA A 1 113 ? -6.756  -2.383  6.576   1.00 17.44 ? 113 ALA A CB  1 
ATOM   864 N N   . ALA A 1 114 ? -8.829  -3.808  8.196   1.00 15.50 ? 114 ALA A N   1 
ATOM   865 C CA  . ALA A 1 114 ? -10.005 -3.868  9.056   1.00 17.18 ? 114 ALA A CA  1 
ATOM   866 C C   . ALA A 1 114 ? -10.186 -2.541  9.779   1.00 23.14 ? 114 ALA A C   1 
ATOM   867 O O   . ALA A 1 114 ? -9.230  -2.006  10.350  1.00 24.11 ? 114 ALA A O   1 
ATOM   868 C CB  . ALA A 1 114 ? -9.871  -5.000  10.073  1.00 20.91 ? 114 ALA A CB  1 
ATOM   869 N N   . ARG A 1 115 ? -11.410 -2.017  9.740   1.00 20.20 ? 115 ARG A N   1 
ATOM   870 C CA  . ARG A 1 115 ? -11.767 -0.872  10.566  1.00 24.67 ? 115 ARG A CA  1 
ATOM   871 C C   . ARG A 1 115 ? -11.569 -1.214  12.034  1.00 32.80 ? 115 ARG A C   1 
ATOM   872 O O   . ARG A 1 115 ? -11.842 -2.338  12.467  1.00 32.21 ? 115 ARG A O   1 
ATOM   873 C CB  . ARG A 1 115 ? -13.225 -0.486  10.330  1.00 32.84 ? 115 ARG A CB  1 
ATOM   874 C CG  . ARG A 1 115 ? -13.543 0.015   8.947   1.00 31.32 ? 115 ARG A CG  1 
ATOM   875 C CD  . ARG A 1 115 ? -13.502 1.522   8.911   1.00 39.27 ? 115 ARG A CD  1 
ATOM   876 N NE  . ARG A 1 115 ? -14.464 2.089   7.976   1.00 38.00 ? 115 ARG A NE  1 
ATOM   877 C CZ  . ARG A 1 115 ? -15.652 2.556   8.335   1.00 38.52 ? 115 ARG A CZ  1 
ATOM   878 N NH1 . ARG A 1 115 ? -16.028 2.582   9.604   1.00 45.29 ? 115 ARG A NH1 1 
ATOM   879 N NH2 . ARG A 1 115 ? -16.476 3.025   7.402   1.00 37.06 ? 115 ARG A NH2 1 
ATOM   880 N N   . GLY A 1 116 ? -11.104 -0.236  12.806  1.00 35.75 ? 116 GLY A N   1 
ATOM   881 C CA  . GLY A 1 116 ? -10.940 -0.408  14.239  1.00 39.09 ? 116 GLY A CA  1 
ATOM   882 C C   . GLY A 1 116 ? -12.221 -0.120  14.995  1.00 37.87 ? 116 GLY A C   1 
ATOM   883 O O   . GLY A 1 116 ? -13.282 0.062   14.392  1.00 42.78 ? 116 GLY A O   1 
HETATM 884 O O   . HOH B 2 .   ? 0.068   0.993   14.034  1.00 28.11 ? 201 HOH A O   1 
HETATM 885 O O   . HOH B 2 .   ? -17.871 1.465   6.955   1.00 35.07 ? 202 HOH A O   1 
HETATM 886 O O   . HOH B 2 .   ? 8.737   -3.285  -16.741 1.00 46.40 ? 203 HOH A O   1 
HETATM 887 O O   . HOH B 2 .   ? 18.570  -5.009  2.483   1.00 49.74 ? 204 HOH A O   1 
HETATM 888 O O   . HOH B 2 .   ? 5.091   10.935  -7.647  1.00 47.24 ? 205 HOH A O   1 
HETATM 889 O O   . HOH B 2 .   ? -20.051 -6.535  6.047   1.00 52.17 ? 206 HOH A O   1 
HETATM 890 O O   . HOH B 2 .   ? -2.721  1.814   -9.905  1.00 18.19 ? 207 HOH A O   1 
HETATM 891 O O   . HOH B 2 .   ? 8.345   -5.113  -15.329 1.00 25.07 ? 208 HOH A O   1 
HETATM 892 O O   . HOH B 2 .   ? 9.634   0.292   -18.682 1.00 30.14 ? 209 HOH A O   1 
HETATM 893 O O   . HOH B 2 .   ? -3.453  -8.973  -1.325  1.00 19.80 ? 210 HOH A O   1 
HETATM 894 O O   . HOH B 2 .   ? -4.469  -5.397  -6.623  1.00 21.33 ? 211 HOH A O   1 
HETATM 895 O O   . HOH B 2 .   ? -0.093  -5.578  9.605   1.00 22.05 ? 212 HOH A O   1 
HETATM 896 O O   . HOH B 2 .   ? 6.647   -13.998 -5.465  1.00 20.62 ? 213 HOH A O   1 
HETATM 897 O O   . HOH B 2 .   ? 3.946   3.877   -18.965 1.00 37.61 ? 214 HOH A O   1 
HETATM 898 O O   . HOH B 2 .   ? -1.928  8.856   1.770   1.00 24.44 ? 215 HOH A O   1 
HETATM 899 O O   . HOH B 2 .   ? 4.875   7.828   -8.092  1.00 27.44 ? 216 HOH A O   1 
HETATM 900 O O   . HOH B 2 .   ? -1.869  -7.683  10.072  1.00 22.71 ? 217 HOH A O   1 
HETATM 901 O O   . HOH B 2 .   ? 8.285   8.089   -15.677 1.00 34.73 ? 218 HOH A O   1 
HETATM 902 O O   . HOH B 2 .   ? -2.924  -8.836  -8.769  0.33 16.42 ? 219 HOH A O   1 
HETATM 903 O O   . HOH B 2 .   ? 12.880  -9.420  -12.432 1.00 21.31 ? 220 HOH A O   1 
HETATM 904 O O   . HOH B 2 .   ? 9.214   -3.534  12.491  1.00 34.32 ? 221 HOH A O   1 
HETATM 905 O O   . HOH B 2 .   ? 4.925   -11.869 -0.344  1.00 20.68 ? 222 HOH A O   1 
HETATM 906 O O   . HOH B 2 .   ? -8.332  -2.005  -3.403  1.00 18.82 ? 223 HOH A O   1 
HETATM 907 O O   . HOH B 2 .   ? 5.294   1.899   -17.401 1.00 26.91 ? 224 HOH A O   1 
HETATM 908 O O   . HOH B 2 .   ? 9.319   -3.308  -19.418 1.00 35.02 ? 225 HOH A O   1 
HETATM 909 O O   . HOH B 2 .   ? -15.864 8.822   -13.514 1.00 27.93 ? 226 HOH A O   1 
HETATM 910 O O   . HOH B 2 .   ? 6.729   0.829   -13.791 1.00 17.55 ? 227 HOH A O   1 
HETATM 911 O O   . HOH B 2 .   ? -15.703 9.551   -8.957  1.00 26.93 ? 228 HOH A O   1 
HETATM 912 O O   . HOH B 2 .   ? 16.072  -7.794  2.444   1.00 28.43 ? 229 HOH A O   1 
HETATM 913 O O   . HOH B 2 .   ? 10.661  1.230   6.739   1.00 29.73 ? 230 HOH A O   1 
HETATM 914 O O   . HOH B 2 .   ? 14.637  -4.135  7.773   1.00 40.23 ? 231 HOH A O   1 
HETATM 915 O O   . HOH B 2 .   ? 5.877   -7.368  11.514  1.00 26.68 ? 232 HOH A O   1 
HETATM 916 O O   . HOH B 2 .   ? 3.615   -12.646 16.101  1.00 37.50 ? 233 HOH A O   1 
HETATM 917 O O   . HOH B 2 .   ? 2.284   7.823   7.123   0.50 20.62 ? 234 HOH A O   1 
HETATM 918 O O   . HOH B 2 .   ? 0.892   4.391   -19.000 1.00 30.62 ? 235 HOH A O   1 
HETATM 919 O O   . HOH B 2 .   ? -7.457  -9.103  -0.285  1.00 25.91 ? 236 HOH A O   1 
HETATM 920 O O   . HOH B 2 .   ? 10.883  -2.922  -8.976  1.00 17.45 ? 237 HOH A O   1 
HETATM 921 O O   . HOH B 2 .   ? 12.570  2.258   -14.114 1.00 24.95 ? 238 HOH A O   1 
HETATM 922 O O   . HOH B 2 .   ? -16.582 10.670  -2.453  1.00 34.81 ? 239 HOH A O   1 
HETATM 923 O O   . HOH B 2 .   ? 17.868  -2.279  -6.123  1.00 29.20 ? 240 HOH A O   1 
HETATM 924 O O   . HOH B 2 .   ? -1.807  -11.131 -0.428  1.00 18.16 ? 241 HOH A O   1 
HETATM 925 O O   . HOH B 2 .   ? -4.765  8.675   -18.699 1.00 33.67 ? 242 HOH A O   1 
HETATM 926 O O   . HOH B 2 .   ? -7.720  10.522  -5.334  1.00 36.72 ? 243 HOH A O   1 
HETATM 927 O O   . HOH B 2 .   ? 17.317  2.606   -3.063  1.00 27.79 ? 244 HOH A O   1 
HETATM 928 O O   . HOH B 2 .   ? -2.536  8.836   -1.231  1.00 26.22 ? 245 HOH A O   1 
HETATM 929 O O   . HOH B 2 .   ? -2.975  0.481   -0.920  1.00 15.86 ? 246 HOH A O   1 
HETATM 930 O O   . HOH B 2 .   ? -3.991  3.127   -7.944  1.00 23.44 ? 247 HOH A O   1 
HETATM 931 O O   . HOH B 2 .   ? 16.961  -4.940  -3.693  1.00 21.85 ? 248 HOH A O   1 
HETATM 932 O O   . HOH B 2 .   ? -0.651  6.945   -4.565  1.00 20.97 ? 249 HOH A O   1 
HETATM 933 O O   . HOH B 2 .   ? 2.871   -8.839  -14.614 0.33 15.56 ? 250 HOH A O   1 
HETATM 934 O O   . HOH B 2 .   ? 12.775  5.741   -10.855 1.00 22.83 ? 251 HOH A O   1 
HETATM 935 O O   . HOH B 2 .   ? 7.411   5.152   5.409   1.00 27.98 ? 252 HOH A O   1 
HETATM 936 O O   . HOH B 2 .   ? 19.654  -6.282  -6.840  1.00 31.87 ? 253 HOH A O   1 
HETATM 937 O O   . HOH B 2 .   ? 19.773  -1.648  -8.321  1.00 33.62 ? 254 HOH A O   1 
HETATM 938 O O   . HOH B 2 .   ? -2.934  -7.011  16.158  1.00 51.31 ? 255 HOH A O   1 
HETATM 939 O O   . HOH B 2 .   ? 16.547  -8.483  -4.732  1.00 23.69 ? 256 HOH A O   1 
HETATM 940 O O   . HOH B 2 .   ? -4.516  -6.524  -0.816  1.00 17.22 ? 257 HOH A O   1 
HETATM 941 O O   . HOH B 2 .   ? 7.326   9.565   -14.625 1.00 54.84 ? 258 HOH A O   1 
HETATM 942 O O   . HOH B 2 .   ? -18.965 8.910   -2.100  1.00 33.54 ? 259 HOH A O   1 
HETATM 943 O O   . HOH B 2 .   ? -20.401 0.873   5.457   1.00 36.46 ? 260 HOH A O   1 
HETATM 944 O O   . HOH B 2 .   ? -17.339 -6.007  7.506   1.00 35.81 ? 261 HOH A O   1 
HETATM 945 O O   . HOH B 2 .   ? -4.983  6.716   -4.343  1.00 24.96 ? 262 HOH A O   1 
HETATM 946 O O   . HOH B 2 .   ? -18.589 8.820   0.806   1.00 29.62 ? 263 HOH A O   1 
HETATM 947 O O   . HOH B 2 .   ? -16.894 11.455  -11.752 1.00 42.03 ? 264 HOH A O   1 
HETATM 948 O O   . HOH B 2 .   ? -13.329 13.075  -2.080  1.00 32.08 ? 265 HOH A O   1 
HETATM 949 O O   . HOH B 2 .   ? -3.210  6.077   -6.127  1.00 31.72 ? 266 HOH A O   1 
HETATM 950 O O   . HOH B 2 .   ? -15.367 11.523  -0.486  1.00 57.17 ? 267 HOH A O   1 
HETATM 951 O O   . HOH B 2 .   ? 16.657  4.714   -9.956  1.00 39.47 ? 268 HOH A O   1 
HETATM 952 O O   . HOH B 2 .   ? 16.934  2.092   -6.906  1.00 25.64 ? 269 HOH A O   1 
HETATM 953 O O   . HOH B 2 .   ? 4.981   -6.409  -16.517 1.00 23.81 ? 270 HOH A O   1 
HETATM 954 O O   . HOH B 2 .   ? -19.085 2.984   5.308   1.00 42.29 ? 271 HOH A O   1 
HETATM 955 O O   . HOH B 2 .   ? 7.116   -12.868 -0.562  1.00 28.15 ? 272 HOH A O   1 
HETATM 956 O O   . HOH B 2 .   ? -1.808  4.170   10.308  1.00 27.36 ? 273 HOH A O   1 
HETATM 957 O O   . HOH B 2 .   ? -9.557  10.191  -16.377 1.00 43.36 ? 274 HOH A O   1 
HETATM 958 O O   . HOH B 2 .   ? -4.810  -6.403  15.369  1.00 32.89 ? 275 HOH A O   1 
HETATM 959 O O   . HOH B 2 .   ? -0.315  2.212   12.743  1.00 30.39 ? 276 HOH A O   1 
HETATM 960 O O   . HOH B 2 .   ? -22.417 7.231   -2.208  1.00 38.81 ? 277 HOH A O   1 
HETATM 961 O O   . HOH B 2 .   ? -12.145 13.023  1.106   1.00 38.23 ? 278 HOH A O   1 
HETATM 962 O O   . HOH B 2 .   ? 8.702   -7.570  -17.329 1.00 40.25 ? 279 HOH A O   1 
HETATM 963 O O   . HOH B 2 .   ? 18.844  -4.917  0.624   1.00 59.75 ? 280 HOH A O   1 
HETATM 964 O O   . HOH B 2 .   ? 0.920   7.092   -17.839 1.00 49.03 ? 281 HOH A O   1 
HETATM 965 O O   . HOH B 2 .   ? 13.134  8.223   -12.372 1.00 34.15 ? 282 HOH A O   1 
HETATM 966 O O   . HOH B 2 .   ? -4.392  7.108   -11.622 1.00 33.00 ? 283 HOH A O   1 
HETATM 967 O O   . HOH B 2 .   ? -5.470  8.977   -9.567  1.00 32.89 ? 284 HOH A O   1 
HETATM 968 O O   . HOH B 2 .   ? -5.182  -6.902  -4.609  1.00 39.94 ? 285 HOH A O   1 
HETATM 969 O O   . HOH B 2 .   ? 20.483  0.108   -8.517  1.00 51.74 ? 286 HOH A O   1 
HETATM 970 O O   . HOH B 2 .   ? 6.793   -7.271  -16.236 1.00 31.34 ? 287 HOH A O   1 
HETATM 971 O O   . HOH B 2 .   ? 21.645  1.359   -9.827  1.00 36.91 ? 288 HOH A O   1 
HETATM 972 O O   . HOH B 2 .   ? 5.794   -1.604  16.499  1.00 47.51 ? 289 HOH A O   1 
HETATM 973 O O   . HOH B 2 .   ? 11.793  -4.632  -16.820 1.00 49.20 ? 290 HOH A O   1 
HETATM 974 O O   . HOH B 2 .   ? 0.530   4.687   11.054  1.00 53.86 ? 291 HOH A O   1 
HETATM 975 O O   . HOH B 2 .   ? 4.331   -2.629  17.567  1.00 47.09 ? 292 HOH A O   1 
HETATM 976 O O   . HOH B 2 .   ? 18.977  -1.323  -3.623  1.00 41.40 ? 293 HOH A O   1 
HETATM 977 O O   . HOH B 2 .   ? -5.585  -10.863 -1.140  1.00 19.38 ? 294 HOH A O   1 
HETATM 978 O O   . HOH B 2 .   ? 19.255  -5.144  -2.338  1.00 41.63 ? 295 HOH A O   1 
HETATM 979 O O   . HOH B 2 .   ? 14.475  -8.490  5.184   1.00 41.35 ? 296 HOH A O   1 
HETATM 980 O O   . HOH B 2 .   ? 11.216  -6.245  -16.882 0.50 46.41 ? 297 HOH A O   1 
HETATM 981 O O   . HOH B 2 .   ? 19.151  -8.161  -4.305  1.00 34.97 ? 298 HOH A O   1 
HETATM 982 O O   . HOH B 2 .   ? -19.111 -7.527  5.016   1.00 54.97 ? 299 HOH A O   1 
HETATM 983 O O   . HOH B 2 .   ? -1.508  3.817   -11.412 1.00 25.09 ? 300 HOH A O   1 
HETATM 984 O O   . HOH B 2 .   ? 4.377   5.616   -20.602 1.00 39.06 ? 301 HOH A O   1 
HETATM 985 O O   . HOH B 2 .   ? 4.891   -8.840  -16.651 0.33 22.93 ? 302 HOH A O   1 
HETATM 986 O O   . HOH B 2 .   ? -6.192  -6.612  -2.759  1.00 26.46 ? 303 HOH A O   1 
HETATM 987 O O   . HOH B 2 .   ? 13.949  4.411   -12.953 1.00 27.59 ? 304 HOH A O   1 
HETATM 988 O O   . HOH B 2 .   ? -6.514  -8.834  -5.148  0.33 49.21 ? 305 HOH A O   1 
HETATM 989 O O   . HOH B 2 .   ? -5.411  9.453   -4.559  1.00 33.48 ? 306 HOH A O   1 
HETATM 990 O O   . HOH B 2 .   ? -2.621  7.108   -8.412  1.00 46.49 ? 307 HOH A O   1 
HETATM 991 O O   . HOH B 2 .   ? 9.530   3.585   6.314   1.00 43.30 ? 308 HOH A O   1 
HETATM 992 O O   . HOH B 2 .   ? 19.837  -3.119  -2.785  1.00 44.78 ? 309 HOH A O   1 
HETATM 993 O O   . HOH B 2 .   ? -17.708 -8.828  6.143   0.33 54.66 ? 310 HOH A O   1 
HETATM 994 O O   . HOH B 2 .   ? -5.005  10.170  -1.658  1.00 42.56 ? 311 HOH A O   1 
HETATM 995 O O   . HOH B 2 .   ? -9.888  -8.833  -1.746  0.33 34.43 ? 312 HOH A O   1 
# 
